data_7M66
#
_entry.id   7M66
#
_cell.length_a   168.661
_cell.length_b   168.661
_cell.length_c   120.194
_cell.angle_alpha   90.000
_cell.angle_beta   90.000
_cell.angle_gamma   120.000
#
_symmetry.space_group_name_H-M   'P 61'
#
loop_
_entity.id
_entity.type
_entity.pdbx_description
1 polymer 'Hydroxymethylglutaryl-CoA reductase, degradative'
2 non-polymer 'SULFATE ION'
3 non-polymer '2-(N-MORPHOLINO)-ETHANESULFONIC ACID'
4 non-polymer DI(HYDROXYETHYL)ETHER
5 non-polymer 'CALCIUM ION'
6 non-polymer 1,2-ETHANEDIOL
7 water water
#
_entity_poly.entity_id   1
_entity_poly.type   'polypeptide(L)'
_entity_poly.pdbx_seq_one_letter_code
;MLLERPQQKKNSRFYQMSPEERLASLLNEGQISADTKKEFENTALSSQIANHMIENQISETEVPMGVGLHLTVDETDYLV
PMATEEPSVIAALSNGAKIAQGFKTVNQQRLMRGQIVFYDVADPESLIDKLQVREAEIFQQAELSYPSIVKRGGGLRDLQ
YRAFDESFVSVDFLVDVKDAMGANIVNAMLEGVAELFREWFAEQKILFSILSNYATESVVTMKTAIPVSRLSKGSNGREI
AEKIVLASRYASLDPYRAVTHNKGIMNGIEAVVLATGNDTRAVSASCHAFAVKEGRYQGLTSWTLDGEQLIGEISVPLAL
ATVGGATKVLPKSQAAADLLAVTDAKELSRVVAAVGLAQNLAALRALVSEGIQKGHMALQARSLAMTVGATGKEVEAVAQ
QLKRQKTMNQDRALAILNDLRKQ
;
_entity_poly.pdbx_strand_id   A,B,C,D
#
# COMPACT_ATOMS: atom_id res chain seq x y z
N ASN A 11 2.48 -23.98 -40.23
CA ASN A 11 3.87 -24.33 -39.99
C ASN A 11 4.82 -23.35 -40.69
N SER A 12 4.38 -22.85 -41.84
CA SER A 12 5.16 -21.88 -42.61
C SER A 12 4.68 -20.44 -42.39
N ARG A 13 3.37 -20.21 -42.51
CA ARG A 13 2.79 -18.88 -42.33
C ARG A 13 2.00 -18.77 -41.02
N PHE A 14 2.14 -19.73 -40.11
CA PHE A 14 1.38 -19.70 -38.87
C PHE A 14 1.75 -18.50 -38.03
N TYR A 15 3.05 -18.15 -37.98
CA TYR A 15 3.49 -17.03 -37.16
C TYR A 15 3.01 -15.69 -37.71
N GLN A 16 2.63 -15.63 -38.99
CA GLN A 16 2.06 -14.41 -39.56
C GLN A 16 0.54 -14.43 -39.60
N MET A 17 -0.08 -15.60 -39.50
N MET A 17 -0.09 -15.60 -39.51
CA MET A 17 -1.53 -15.69 -39.50
CA MET A 17 -1.54 -15.67 -39.54
C MET A 17 -2.12 -14.90 -38.34
C MET A 17 -2.15 -14.97 -38.34
N SER A 18 -3.33 -14.40 -38.54
CA SER A 18 -4.07 -13.79 -37.45
C SER A 18 -4.61 -14.90 -36.56
N PRO A 19 -4.94 -14.60 -35.30
CA PRO A 19 -5.50 -15.65 -34.43
C PRO A 19 -6.70 -16.35 -35.04
N GLU A 20 -7.58 -15.61 -35.72
CA GLU A 20 -8.74 -16.23 -36.35
C GLU A 20 -8.32 -17.14 -37.49
N GLU A 21 -7.29 -16.75 -38.25
CA GLU A 21 -6.79 -17.60 -39.32
C GLU A 21 -6.10 -18.84 -38.78
N ARG A 22 -5.37 -18.68 -37.67
CA ARG A 22 -4.75 -19.85 -37.03
C ARG A 22 -5.80 -20.88 -36.66
N LEU A 23 -6.84 -20.46 -35.94
CA LEU A 23 -7.86 -21.40 -35.50
C LEU A 23 -8.59 -22.02 -36.68
N ALA A 24 -8.93 -21.22 -37.70
CA ALA A 24 -9.56 -21.76 -38.88
C ALA A 24 -8.63 -22.74 -39.59
N SER A 25 -7.34 -22.43 -39.63
CA SER A 25 -6.39 -23.35 -40.25
C SER A 25 -6.37 -24.70 -39.52
N LEU A 26 -6.36 -24.67 -38.19
CA LEU A 26 -6.32 -25.91 -37.42
C LEU A 26 -7.60 -26.71 -37.61
N LEU A 27 -8.76 -26.05 -37.61
CA LEU A 27 -10.00 -26.75 -37.87
C LEU A 27 -9.99 -27.39 -39.27
N ASN A 28 -9.60 -26.60 -40.27
CA ASN A 28 -9.62 -27.10 -41.65
C ASN A 28 -8.67 -28.27 -41.85
N GLU A 29 -7.55 -28.28 -41.13
CA GLU A 29 -6.60 -29.39 -41.23
C GLU A 29 -6.96 -30.55 -40.32
N GLY A 30 -8.10 -30.49 -39.63
CA GLY A 30 -8.54 -31.58 -38.77
C GLY A 30 -7.78 -31.73 -37.47
N GLN A 31 -6.95 -30.76 -37.11
CA GLN A 31 -6.18 -30.87 -35.87
C GLN A 31 -7.00 -30.54 -34.63
N ILE A 32 -8.15 -29.87 -34.79
CA ILE A 32 -9.05 -29.57 -33.69
C ILE A 32 -10.49 -29.77 -34.17
N SER A 33 -11.38 -30.00 -33.21
CA SER A 33 -12.80 -30.14 -33.49
C SER A 33 -13.49 -28.77 -33.47
N ALA A 34 -14.76 -28.78 -33.86
CA ALA A 34 -15.52 -27.53 -33.89
C ALA A 34 -15.77 -26.99 -32.49
N ASP A 35 -16.03 -27.88 -31.52
CA ASP A 35 -16.22 -27.42 -30.16
C ASP A 35 -14.91 -26.91 -29.56
N THR A 36 -13.78 -27.54 -29.92
CA THR A 36 -12.49 -27.03 -29.47
C THR A 36 -12.25 -25.62 -30.00
N LYS A 37 -12.54 -25.39 -31.28
CA LYS A 37 -12.37 -24.06 -31.83
C LYS A 37 -13.27 -23.05 -31.15
N LYS A 38 -14.53 -23.41 -30.92
CA LYS A 38 -15.44 -22.49 -30.23
C LYS A 38 -14.94 -22.19 -28.82
N GLU A 39 -14.37 -23.18 -28.14
CA GLU A 39 -13.87 -22.94 -26.79
C GLU A 39 -12.62 -22.06 -26.81
N PHE A 40 -11.73 -22.27 -27.79
CA PHE A 40 -10.58 -21.38 -27.92
C PHE A 40 -11.01 -19.94 -28.16
N GLU A 41 -12.15 -19.73 -28.83
CA GLU A 41 -12.64 -18.39 -29.12
C GLU A 41 -13.35 -17.77 -27.92
N ASN A 42 -13.72 -18.56 -26.91
CA ASN A 42 -14.34 -18.05 -25.69
C ASN A 42 -13.25 -17.46 -24.81
N THR A 43 -12.89 -16.21 -25.10
CA THR A 43 -11.80 -15.53 -24.41
C THR A 43 -12.27 -14.21 -23.82
N ALA A 44 -11.65 -13.83 -22.69
CA ALA A 44 -11.93 -12.58 -22.03
C ALA A 44 -10.77 -11.59 -22.09
N LEU A 45 -9.55 -12.07 -22.36
CA LEU A 45 -8.42 -11.18 -22.57
C LEU A 45 -8.43 -10.70 -24.01
N SER A 46 -8.39 -9.38 -24.18
CA SER A 46 -8.39 -8.77 -25.51
C SER A 46 -7.45 -9.51 -26.46
N SER A 47 -7.96 -9.80 -27.66
CA SER A 47 -7.15 -10.53 -28.64
C SER A 47 -5.93 -9.73 -29.09
N GLN A 48 -6.03 -8.39 -29.11
CA GLN A 48 -4.89 -7.58 -29.50
C GLN A 48 -3.80 -7.59 -28.44
N ILE A 49 -4.19 -7.63 -27.16
CA ILE A 49 -3.20 -7.77 -26.09
C ILE A 49 -2.54 -9.14 -26.16
N ALA A 50 -3.35 -10.20 -26.19
CA ALA A 50 -2.80 -11.56 -26.16
C ALA A 50 -1.92 -11.83 -27.36
N ASN A 51 -2.38 -11.44 -28.55
CA ASN A 51 -1.63 -11.74 -29.77
C ASN A 51 -0.29 -11.01 -29.82
N HIS A 52 -0.15 -9.89 -29.11
CA HIS A 52 1.11 -9.16 -29.07
C HIS A 52 1.98 -9.53 -27.87
N MET A 53 1.45 -10.27 -26.90
CA MET A 53 2.26 -10.67 -25.75
C MET A 53 3.11 -11.89 -26.09
N ILE A 54 2.57 -12.85 -26.83
CA ILE A 54 3.23 -14.10 -27.15
C ILE A 54 3.12 -14.35 -28.65
N GLU A 55 3.71 -15.46 -29.09
CA GLU A 55 3.74 -15.82 -30.50
C GLU A 55 2.81 -17.00 -30.76
N ASN A 56 2.34 -17.09 -32.00
CA ASN A 56 1.44 -18.17 -32.43
C ASN A 56 0.18 -18.24 -31.56
N GLN A 57 -0.26 -17.08 -31.06
CA GLN A 57 -1.35 -17.05 -30.10
C GLN A 57 -2.66 -17.49 -30.73
N ILE A 58 -3.44 -18.28 -29.98
CA ILE A 58 -4.72 -18.75 -30.48
C ILE A 58 -5.82 -18.57 -29.44
N SER A 59 -5.46 -18.59 -28.16
CA SER A 59 -6.50 -18.52 -27.13
C SER A 59 -5.85 -18.11 -25.80
N GLU A 60 -6.41 -18.60 -24.70
CA GLU A 60 -5.94 -18.27 -23.36
C GLU A 60 -6.30 -19.41 -22.42
N THR A 61 -5.57 -19.49 -21.31
CA THR A 61 -5.92 -20.38 -20.21
C THR A 61 -6.55 -19.54 -19.10
N GLU A 62 -7.66 -20.02 -18.54
CA GLU A 62 -8.35 -19.35 -17.46
C GLU A 62 -8.10 -20.12 -16.17
N VAL A 63 -7.53 -19.44 -15.17
CA VAL A 63 -7.29 -20.02 -13.86
C VAL A 63 -8.20 -19.31 -12.86
N PRO A 64 -9.10 -20.01 -12.17
CA PRO A 64 -9.97 -19.34 -11.20
C PRO A 64 -9.14 -18.52 -10.21
N MET A 65 -9.71 -17.38 -9.80
N MET A 65 -9.72 -17.39 -9.79
CA MET A 65 -9.07 -16.48 -8.85
CA MET A 65 -9.06 -16.48 -8.86
C MET A 65 -9.99 -16.24 -7.68
C MET A 65 -9.99 -16.23 -7.68
N GLY A 66 -9.47 -16.45 -6.47
CA GLY A 66 -10.22 -16.21 -5.26
C GLY A 66 -9.48 -15.26 -4.34
N VAL A 67 -9.97 -15.10 -3.11
CA VAL A 67 -9.42 -14.14 -2.16
C VAL A 67 -9.02 -14.87 -0.89
N GLY A 68 -7.74 -14.80 -0.56
CA GLY A 68 -7.26 -15.31 0.72
C GLY A 68 -7.54 -14.31 1.83
N LEU A 69 -8.09 -14.81 2.94
CA LEU A 69 -8.59 -13.96 4.00
C LEU A 69 -7.75 -14.08 5.26
N HIS A 70 -7.85 -13.06 6.10
CA HIS A 70 -7.36 -13.01 7.48
C HIS A 70 -5.86 -12.83 7.58
N LEU A 71 -5.16 -12.57 6.48
CA LEU A 71 -3.72 -12.38 6.54
C LEU A 71 -3.41 -11.00 7.11
N THR A 72 -2.52 -10.96 8.10
CA THR A 72 -2.04 -9.72 8.70
C THR A 72 -0.52 -9.79 8.74
N VAL A 73 0.13 -8.79 8.14
CA VAL A 73 1.59 -8.71 8.08
C VAL A 73 2.01 -7.35 8.63
N ASP A 74 2.89 -7.36 9.64
CA ASP A 74 3.32 -6.14 10.32
C ASP A 74 2.13 -5.27 10.70
N GLU A 75 1.13 -5.91 11.31
CA GLU A 75 -0.08 -5.27 11.83
C GLU A 75 -0.95 -4.66 10.74
N THR A 76 -0.73 -5.01 9.48
CA THR A 76 -1.50 -4.48 8.37
C THR A 76 -2.32 -5.60 7.74
N ASP A 77 -3.63 -5.37 7.59
CA ASP A 77 -4.52 -6.36 6.99
C ASP A 77 -4.42 -6.34 5.47
N TYR A 78 -4.52 -7.51 4.86
CA TYR A 78 -4.48 -7.66 3.42
C TYR A 78 -5.61 -8.57 2.95
N LEU A 79 -6.03 -8.35 1.71
CA LEU A 79 -6.88 -9.29 0.96
C LEU A 79 -6.05 -9.81 -0.20
N VAL A 80 -5.77 -11.12 -0.18
CA VAL A 80 -4.74 -11.70 -1.03
C VAL A 80 -5.42 -12.28 -2.27
N PRO A 81 -5.15 -11.77 -3.47
CA PRO A 81 -5.65 -12.43 -4.69
C PRO A 81 -4.85 -13.69 -4.96
N MET A 82 -5.55 -14.80 -5.21
CA MET A 82 -4.90 -16.09 -5.40
C MET A 82 -5.53 -16.79 -6.60
N ALA A 83 -4.72 -17.06 -7.61
CA ALA A 83 -5.15 -17.76 -8.81
C ALA A 83 -4.64 -19.19 -8.73
N THR A 84 -5.55 -20.14 -8.58
CA THR A 84 -5.19 -21.55 -8.51
C THR A 84 -6.32 -22.40 -9.08
N GLU A 85 -5.94 -23.54 -9.65
CA GLU A 85 -6.90 -24.54 -10.10
C GLU A 85 -7.14 -25.62 -9.06
N GLU A 86 -6.46 -25.57 -7.92
CA GLU A 86 -6.52 -26.64 -6.93
C GLU A 86 -7.49 -26.27 -5.82
N PRO A 87 -8.44 -27.16 -5.48
CA PRO A 87 -9.34 -26.86 -4.36
C PRO A 87 -8.60 -26.89 -3.04
N SER A 88 -9.16 -26.19 -2.06
N SER A 88 -9.16 -26.19 -2.06
CA SER A 88 -8.73 -26.13 -0.67
CA SER A 88 -8.75 -26.12 -0.67
C SER A 88 -7.51 -25.22 -0.47
C SER A 88 -7.51 -25.23 -0.47
N VAL A 89 -6.85 -24.78 -1.54
CA VAL A 89 -5.64 -23.96 -1.37
C VAL A 89 -6.00 -22.64 -0.69
N ILE A 90 -7.04 -21.97 -1.18
CA ILE A 90 -7.42 -20.68 -0.61
C ILE A 90 -8.03 -20.85 0.77
N ALA A 91 -8.83 -21.90 0.96
CA ALA A 91 -9.39 -22.17 2.28
C ALA A 91 -8.29 -22.45 3.29
N ALA A 92 -7.24 -23.15 2.89
CA ALA A 92 -6.16 -23.45 3.82
C ALA A 92 -5.37 -22.19 4.18
N LEU A 93 -5.08 -21.35 3.19
CA LEU A 93 -4.40 -20.08 3.48
C LEU A 93 -5.22 -19.26 4.49
N SER A 94 -6.52 -19.14 4.24
CA SER A 94 -7.37 -18.35 5.14
C SER A 94 -7.38 -18.95 6.54
N ASN A 95 -7.36 -20.29 6.63
CA ASN A 95 -7.40 -20.94 7.93
C ASN A 95 -6.09 -20.76 8.68
N GLY A 96 -4.97 -20.96 7.99
CA GLY A 96 -3.68 -20.77 8.63
C GLY A 96 -3.44 -19.33 9.05
N ALA A 97 -3.87 -18.38 8.21
CA ALA A 97 -3.70 -16.97 8.55
C ALA A 97 -4.53 -16.60 9.77
N LYS A 98 -5.75 -17.14 9.86
CA LYS A 98 -6.60 -16.82 11.01
C LYS A 98 -6.01 -17.38 12.30
N ILE A 99 -5.39 -18.56 12.23
CA ILE A 99 -4.75 -19.14 13.42
C ILE A 99 -3.52 -18.34 13.82
N ALA A 100 -2.70 -17.97 12.85
CA ALA A 100 -1.47 -17.22 13.14
C ALA A 100 -1.77 -15.84 13.70
N GLN A 101 -2.87 -15.22 13.27
CA GLN A 101 -3.29 -13.89 13.70
C GLN A 101 -2.45 -12.79 13.05
N GLY A 102 -1.14 -12.98 12.97
CA GLY A 102 -0.28 -11.98 12.36
C GLY A 102 1.09 -12.53 12.07
N PHE A 103 1.77 -11.89 11.11
CA PHE A 103 3.13 -12.22 10.74
C PHE A 103 3.99 -10.97 10.87
N LYS A 104 5.26 -11.17 11.18
CA LYS A 104 6.20 -10.07 11.39
C LYS A 104 7.45 -10.30 10.56
N THR A 105 7.98 -9.22 10.00
CA THR A 105 9.18 -9.29 9.18
C THR A 105 10.41 -9.40 10.08
N VAL A 106 11.32 -10.30 9.71
CA VAL A 106 12.57 -10.50 10.43
C VAL A 106 13.71 -9.76 9.73
N ASN A 107 13.85 -9.96 8.42
CA ASN A 107 14.81 -9.23 7.63
C ASN A 107 14.36 -9.24 6.18
N GLN A 108 14.97 -8.38 5.37
CA GLN A 108 14.65 -8.32 3.96
C GLN A 108 15.72 -7.54 3.21
N GLN A 109 16.02 -8.00 2.01
CA GLN A 109 16.89 -7.33 1.05
C GLN A 109 16.19 -7.36 -0.29
N ARG A 110 16.59 -6.45 -1.19
CA ARG A 110 16.01 -6.47 -2.54
C ARG A 110 17.05 -5.96 -3.53
N LEU A 111 17.88 -6.87 -4.02
CA LEU A 111 18.79 -6.61 -5.13
C LEU A 111 18.72 -7.77 -6.10
N MET A 112 18.74 -7.44 -7.39
CA MET A 112 18.72 -8.44 -8.46
C MET A 112 20.15 -8.80 -8.84
N ARG A 113 20.33 -10.02 -9.32
CA ARG A 113 21.65 -10.56 -9.60
C ARG A 113 21.87 -10.71 -11.11
N GLY A 114 23.09 -10.39 -11.54
CA GLY A 114 23.52 -10.68 -12.90
C GLY A 114 24.95 -11.16 -12.88
N GLN A 115 25.40 -11.69 -14.02
CA GLN A 115 26.74 -12.21 -14.12
C GLN A 115 27.28 -12.06 -15.53
N ILE A 116 28.57 -11.73 -15.61
CA ILE A 116 29.36 -11.81 -16.83
C ILE A 116 30.38 -12.91 -16.62
N VAL A 117 30.34 -13.95 -17.46
CA VAL A 117 31.14 -15.15 -17.27
C VAL A 117 32.22 -15.20 -18.33
N PHE A 118 33.47 -15.33 -17.89
CA PHE A 118 34.61 -15.55 -18.77
C PHE A 118 34.92 -17.04 -18.87
N TYR A 119 35.59 -17.42 -19.96
CA TYR A 119 36.00 -18.80 -20.15
C TYR A 119 37.40 -18.83 -20.76
N ASP A 120 38.06 -19.98 -20.61
CA ASP A 120 39.45 -20.16 -21.05
C ASP A 120 40.36 -19.11 -20.40
N VAL A 121 40.11 -18.83 -19.13
CA VAL A 121 40.91 -17.86 -18.38
C VAL A 121 42.14 -18.57 -17.83
N ALA A 122 43.31 -18.14 -18.29
CA ALA A 122 44.55 -18.80 -17.88
C ALA A 122 44.90 -18.48 -16.43
N ASP A 123 44.79 -17.21 -16.04
CA ASP A 123 45.11 -16.75 -14.69
C ASP A 123 43.85 -16.15 -14.08
N PRO A 124 43.00 -16.97 -13.44
CA PRO A 124 41.76 -16.40 -12.88
C PRO A 124 42.00 -15.37 -11.79
N GLU A 125 42.86 -15.66 -10.82
CA GLU A 125 43.03 -14.74 -9.70
C GLU A 125 43.57 -13.39 -10.15
N SER A 126 44.37 -13.36 -11.23
CA SER A 126 44.93 -12.11 -11.70
C SER A 126 43.88 -11.29 -12.46
N LEU A 127 42.97 -11.95 -13.17
CA LEU A 127 41.92 -11.22 -13.88
C LEU A 127 41.02 -10.47 -12.91
N ILE A 128 40.64 -11.11 -11.80
CA ILE A 128 39.75 -10.43 -10.87
C ILE A 128 40.49 -9.28 -10.19
N ASP A 129 41.81 -9.40 -10.01
CA ASP A 129 42.57 -8.31 -9.42
C ASP A 129 42.65 -7.12 -10.39
N LYS A 130 42.70 -7.38 -11.69
CA LYS A 130 42.63 -6.30 -12.66
C LYS A 130 41.31 -5.56 -12.58
N LEU A 131 40.22 -6.29 -12.33
CA LEU A 131 38.90 -5.69 -12.31
C LEU A 131 38.59 -5.01 -10.98
N GLN A 132 39.12 -5.54 -9.87
CA GLN A 132 38.79 -4.99 -8.56
C GLN A 132 39.25 -3.56 -8.40
N VAL A 133 40.33 -3.17 -9.09
CA VAL A 133 40.82 -1.80 -8.96
C VAL A 133 40.05 -0.82 -9.83
N ARG A 134 39.41 -1.30 -10.90
CA ARG A 134 38.67 -0.44 -11.82
C ARG A 134 37.17 -0.44 -11.53
N GLU A 135 36.77 -0.76 -10.29
CA GLU A 135 35.35 -0.84 -9.98
C GLU A 135 34.66 0.49 -10.22
N ALA A 136 35.33 1.61 -9.92
CA ALA A 136 34.72 2.91 -10.10
C ALA A 136 34.35 3.15 -11.56
N GLU A 137 35.12 2.60 -12.49
CA GLU A 137 34.83 2.78 -13.91
C GLU A 137 33.80 1.78 -14.42
N ILE A 138 33.71 0.62 -13.78
CA ILE A 138 32.62 -0.31 -14.10
C ILE A 138 31.29 0.28 -13.69
N PHE A 139 31.23 0.88 -12.50
CA PHE A 139 30.00 1.54 -12.04
C PHE A 139 29.59 2.65 -13.00
N GLN A 140 30.55 3.42 -13.51
CA GLN A 140 30.21 4.51 -14.41
C GLN A 140 29.70 3.99 -15.74
N GLN A 141 30.29 2.91 -16.27
CA GLN A 141 29.79 2.32 -17.49
C GLN A 141 28.39 1.74 -17.29
N ALA A 142 28.11 1.23 -16.08
CA ALA A 142 26.79 0.70 -15.79
C ALA A 142 25.73 1.80 -15.92
N GLU A 143 25.99 2.97 -15.33
CA GLU A 143 25.06 4.08 -15.45
C GLU A 143 24.85 4.47 -16.91
N LEU A 144 25.93 4.50 -17.70
CA LEU A 144 25.80 4.87 -19.10
C LEU A 144 25.01 3.85 -19.90
N SER A 145 25.08 2.57 -19.52
CA SER A 145 24.36 1.53 -20.26
C SER A 145 22.88 1.47 -19.89
N TYR A 146 22.48 2.09 -18.78
CA TYR A 146 21.08 2.14 -18.39
C TYR A 146 20.87 3.29 -17.40
N PRO A 147 20.79 4.53 -17.87
CA PRO A 147 20.69 5.67 -16.94
C PRO A 147 19.33 5.81 -16.29
N SER A 148 18.27 5.27 -16.89
CA SER A 148 16.92 5.48 -16.36
C SER A 148 16.82 4.98 -14.92
N ILE A 149 17.33 3.78 -14.65
CA ILE A 149 17.21 3.21 -13.30
C ILE A 149 17.98 4.07 -12.30
N VAL A 150 19.11 4.62 -12.72
CA VAL A 150 19.88 5.47 -11.81
C VAL A 150 19.10 6.73 -11.49
N LYS A 151 18.33 7.25 -12.44
CA LYS A 151 17.51 8.42 -12.18
C LYS A 151 16.32 8.06 -11.29
N ARG A 152 15.81 6.84 -11.41
CA ARG A 152 14.74 6.36 -10.53
C ARG A 152 15.25 6.03 -9.13
N GLY A 153 16.55 6.13 -8.89
CA GLY A 153 17.11 5.88 -7.58
C GLY A 153 17.70 4.52 -7.37
N GLY A 154 17.91 3.75 -8.44
CA GLY A 154 18.51 2.44 -8.32
C GLY A 154 19.86 2.35 -9.01
N GLY A 155 20.16 1.21 -9.60
CA GLY A 155 21.40 0.99 -10.32
C GLY A 155 22.30 0.00 -9.60
N LEU A 156 23.47 -0.21 -10.20
CA LEU A 156 24.45 -1.13 -9.64
C LEU A 156 24.82 -0.71 -8.22
N ARG A 157 24.80 -1.67 -7.30
CA ARG A 157 25.14 -1.43 -5.90
C ARG A 157 26.35 -2.19 -5.42
N ASP A 158 26.74 -3.29 -6.08
CA ASP A 158 27.84 -4.11 -5.60
C ASP A 158 28.34 -4.99 -6.73
N LEU A 159 29.66 -5.17 -6.79
CA LEU A 159 30.30 -6.13 -7.67
C LEU A 159 30.97 -7.22 -6.83
N GLN A 160 30.95 -8.44 -7.32
CA GLN A 160 31.61 -9.56 -6.67
C GLN A 160 32.28 -10.43 -7.72
N TYR A 161 33.22 -11.25 -7.27
CA TYR A 161 34.08 -12.01 -8.18
C TYR A 161 34.23 -13.44 -7.67
N ARG A 162 34.13 -14.38 -8.60
CA ARG A 162 34.23 -15.80 -8.27
C ARG A 162 34.91 -16.52 -9.43
N ALA A 163 35.53 -17.66 -9.11
CA ALA A 163 36.26 -18.46 -10.08
C ALA A 163 35.87 -19.93 -9.93
N PHE A 164 35.85 -20.63 -11.06
CA PHE A 164 35.42 -22.03 -11.10
C PHE A 164 36.31 -22.81 -12.05
N ASP A 165 36.67 -24.02 -11.63
CA ASP A 165 37.36 -25.00 -12.48
C ASP A 165 38.64 -24.43 -13.09
N GLU A 166 39.19 -23.37 -12.51
CA GLU A 166 40.40 -22.70 -13.00
C GLU A 166 40.27 -22.24 -14.45
N SER A 167 39.06 -22.22 -15.00
CA SER A 167 38.83 -21.80 -16.37
C SER A 167 37.72 -20.79 -16.53
N PHE A 168 36.90 -20.57 -15.50
CA PHE A 168 35.79 -19.63 -15.55
C PHE A 168 35.97 -18.55 -14.50
N VAL A 169 35.49 -17.35 -14.83
CA VAL A 169 35.49 -16.23 -13.90
C VAL A 169 34.14 -15.53 -14.02
N SER A 170 33.39 -15.47 -12.93
CA SER A 170 32.09 -14.83 -12.90
C SER A 170 32.21 -13.49 -12.19
N VAL A 171 31.81 -12.42 -12.86
CA VAL A 171 31.70 -11.09 -12.27
C VAL A 171 30.24 -10.89 -11.90
N ASP A 172 29.94 -10.87 -10.61
CA ASP A 172 28.57 -10.76 -10.14
C ASP A 172 28.15 -9.31 -9.99
N PHE A 173 26.92 -9.01 -10.37
CA PHE A 173 26.35 -7.68 -10.32
C PHE A 173 25.11 -7.70 -9.43
N LEU A 174 25.14 -6.91 -8.36
CA LEU A 174 23.99 -6.73 -7.47
C LEU A 174 23.38 -5.37 -7.80
N VAL A 175 22.17 -5.39 -8.36
CA VAL A 175 21.57 -4.21 -8.96
C VAL A 175 20.23 -3.92 -8.30
N ASP A 176 20.04 -2.67 -7.88
CA ASP A 176 18.75 -2.20 -7.40
C ASP A 176 17.88 -1.91 -8.62
N VAL A 177 16.90 -2.77 -8.88
CA VAL A 177 16.01 -2.61 -10.02
C VAL A 177 14.68 -1.99 -9.60
N LYS A 178 14.59 -1.46 -8.39
CA LYS A 178 13.38 -0.77 -7.89
C LYS A 178 12.22 -1.75 -8.00
N ASP A 179 11.08 -1.37 -8.57
CA ASP A 179 9.86 -2.17 -8.51
C ASP A 179 9.70 -3.14 -9.67
N ALA A 180 10.65 -3.18 -10.60
CA ALA A 180 10.58 -4.12 -11.70
C ALA A 180 11.29 -5.43 -11.31
N MET A 181 11.09 -6.46 -12.13
CA MET A 181 11.82 -7.70 -11.90
C MET A 181 13.30 -7.53 -12.26
N GLY A 182 13.58 -6.77 -13.33
CA GLY A 182 14.92 -6.34 -13.64
C GLY A 182 15.60 -7.01 -14.81
N ALA A 183 14.89 -7.78 -15.63
CA ALA A 183 15.54 -8.48 -16.73
C ALA A 183 16.17 -7.50 -17.72
N ASN A 184 15.41 -6.51 -18.17
CA ASN A 184 15.95 -5.56 -19.15
C ASN A 184 17.03 -4.68 -18.54
N ILE A 185 16.79 -4.17 -17.33
CA ILE A 185 17.80 -3.35 -16.65
C ILE A 185 19.14 -4.09 -16.58
N VAL A 186 19.13 -5.27 -15.98
CA VAL A 186 20.38 -5.99 -15.74
C VAL A 186 21.03 -6.42 -17.05
N ASN A 187 20.23 -7.00 -17.94
CA ASN A 187 20.79 -7.48 -19.22
C ASN A 187 21.47 -6.35 -19.98
N ALA A 188 20.74 -5.27 -20.26
CA ALA A 188 21.33 -4.14 -20.96
C ALA A 188 22.55 -3.60 -20.23
N MET A 189 22.45 -3.47 -18.89
CA MET A 189 23.58 -2.96 -18.12
C MET A 189 24.80 -3.85 -18.27
N LEU A 190 24.62 -5.18 -18.20
CA LEU A 190 25.76 -6.08 -18.29
C LEU A 190 26.25 -6.26 -19.72
N GLU A 191 25.36 -6.11 -20.71
CA GLU A 191 25.80 -6.16 -22.09
C GLU A 191 26.68 -4.96 -22.43
N GLY A 192 26.40 -3.80 -21.84
CA GLY A 192 27.27 -2.65 -22.04
C GLY A 192 28.57 -2.76 -21.27
N VAL A 193 28.49 -3.19 -20.01
CA VAL A 193 29.69 -3.40 -19.21
C VAL A 193 30.55 -4.50 -19.80
N ALA A 194 29.96 -5.40 -20.60
CA ALA A 194 30.74 -6.43 -21.27
C ALA A 194 31.51 -5.87 -22.45
N GLU A 195 30.90 -4.91 -23.18
CA GLU A 195 31.64 -4.24 -24.25
C GLU A 195 32.85 -3.49 -23.71
N LEU A 196 32.74 -2.96 -22.49
CA LEU A 196 33.88 -2.32 -21.84
C LEU A 196 34.90 -3.35 -21.39
N PHE A 197 34.45 -4.51 -20.89
CA PHE A 197 35.38 -5.57 -20.52
C PHE A 197 36.24 -6.01 -21.69
N ARG A 198 35.69 -5.98 -22.91
CA ARG A 198 36.41 -6.46 -24.07
C ARG A 198 37.45 -5.46 -24.57
N GLU A 199 37.20 -4.16 -24.39
CA GLU A 199 38.22 -3.16 -24.71
C GLU A 199 39.38 -3.23 -23.73
N TRP A 200 39.09 -3.43 -22.44
CA TRP A 200 40.15 -3.53 -21.45
C TRP A 200 41.00 -4.77 -21.66
N PHE A 201 40.36 -5.93 -21.86
CA PHE A 201 41.04 -7.21 -21.94
C PHE A 201 40.61 -7.90 -23.24
N ALA A 202 41.29 -7.56 -24.35
CA ALA A 202 41.04 -8.24 -25.61
C ALA A 202 41.53 -9.67 -25.59
N GLU A 203 42.48 -10.00 -24.70
CA GLU A 203 42.97 -11.37 -24.59
C GLU A 203 41.94 -12.30 -23.96
N GLN A 204 41.13 -11.78 -23.04
CA GLN A 204 40.10 -12.59 -22.39
C GLN A 204 38.87 -12.69 -23.29
N LYS A 205 38.06 -13.73 -23.02
CA LYS A 205 36.86 -14.00 -23.78
C LYS A 205 35.68 -14.13 -22.83
N ILE A 206 34.52 -13.63 -23.25
CA ILE A 206 33.29 -13.67 -22.47
C ILE A 206 32.37 -14.72 -23.08
N LEU A 207 31.88 -15.63 -22.23
CA LEU A 207 30.95 -16.66 -22.71
C LEU A 207 29.54 -16.10 -22.84
N PHE A 208 29.07 -15.34 -21.85
CA PHE A 208 27.74 -14.75 -21.90
C PHE A 208 27.62 -13.71 -20.79
N SER A 209 26.61 -12.86 -20.93
CA SER A 209 26.32 -11.81 -19.95
C SER A 209 24.80 -11.73 -19.82
N ILE A 210 24.26 -12.19 -18.69
CA ILE A 210 22.82 -12.38 -18.56
C ILE A 210 22.44 -12.30 -17.10
N LEU A 211 21.16 -12.04 -16.85
CA LEU A 211 20.62 -12.01 -15.49
C LEU A 211 20.59 -13.42 -14.91
N SER A 212 20.68 -13.49 -13.58
CA SER A 212 20.52 -14.74 -12.84
C SER A 212 19.22 -14.68 -12.05
N ASN A 213 18.40 -15.73 -12.19
CA ASN A 213 17.13 -15.81 -11.47
C ASN A 213 17.30 -16.22 -10.02
N TYR A 214 18.52 -16.56 -9.58
CA TYR A 214 18.76 -16.97 -8.20
C TYR A 214 19.00 -15.72 -7.37
N ALA A 215 17.89 -15.10 -6.95
CA ALA A 215 17.92 -13.79 -6.30
C ALA A 215 18.17 -13.92 -4.80
N THR A 216 19.40 -14.33 -4.48
CA THR A 216 19.79 -14.48 -3.08
C THR A 216 19.87 -13.15 -2.34
N GLU A 217 19.88 -12.03 -3.04
CA GLU A 217 19.82 -10.71 -2.41
C GLU A 217 18.41 -10.12 -2.42
N SER A 218 17.40 -10.93 -2.71
CA SER A 218 15.99 -10.53 -2.56
C SER A 218 15.28 -11.41 -1.54
N VAL A 219 16.03 -12.00 -0.61
CA VAL A 219 15.44 -12.91 0.37
C VAL A 219 14.64 -12.13 1.40
N VAL A 220 13.46 -12.66 1.74
CA VAL A 220 12.62 -12.12 2.80
C VAL A 220 12.47 -13.19 3.87
N THR A 221 12.55 -12.78 5.13
CA THR A 221 12.35 -13.69 6.26
C THR A 221 11.17 -13.19 7.08
N MET A 222 10.14 -14.03 7.20
N MET A 222 10.14 -14.03 7.19
CA MET A 222 8.94 -13.71 7.95
CA MET A 222 8.93 -13.72 7.95
C MET A 222 8.77 -14.74 9.06
C MET A 222 8.78 -14.74 9.07
N LYS A 223 8.12 -14.31 10.15
CA LYS A 223 7.91 -15.17 11.30
C LYS A 223 6.53 -14.94 11.87
N THR A 224 6.11 -15.87 12.73
CA THR A 224 4.86 -15.76 13.47
C THR A 224 5.06 -16.47 14.81
N ALA A 225 4.35 -15.98 15.83
CA ALA A 225 4.38 -16.57 17.16
C ALA A 225 2.95 -16.82 17.58
N ILE A 226 2.60 -18.10 17.76
CA ILE A 226 1.21 -18.51 17.96
C ILE A 226 1.08 -19.13 19.34
N PRO A 227 0.20 -18.64 20.20
CA PRO A 227 -0.11 -19.36 21.44
C PRO A 227 -0.70 -20.73 21.11
N VAL A 228 -0.17 -21.77 21.75
CA VAL A 228 -0.61 -23.12 21.45
C VAL A 228 -2.10 -23.28 21.68
N SER A 229 -2.70 -22.40 22.50
CA SER A 229 -4.15 -22.44 22.70
C SER A 229 -4.89 -22.22 21.38
N ARG A 230 -4.36 -21.36 20.51
CA ARG A 230 -5.06 -21.03 19.27
C ARG A 230 -5.07 -22.17 18.27
N LEU A 231 -4.20 -23.19 18.46
CA LEU A 231 -4.06 -24.23 17.44
C LEU A 231 -5.35 -25.03 17.29
N SER A 232 -5.88 -25.56 18.38
CA SER A 232 -7.09 -26.35 18.35
C SER A 232 -8.18 -25.69 19.20
N LYS A 233 -9.42 -25.76 18.72
CA LYS A 233 -10.54 -25.29 19.51
C LYS A 233 -10.76 -26.15 20.76
N GLY A 234 -10.28 -27.39 20.74
CA GLY A 234 -10.27 -28.23 21.93
C GLY A 234 -9.14 -27.85 22.86
N SER A 235 -8.69 -28.83 23.66
CA SER A 235 -7.60 -28.62 24.60
C SER A 235 -6.43 -29.55 24.28
N ASN A 236 -6.20 -29.81 22.99
CA ASN A 236 -5.08 -30.61 22.52
C ASN A 236 -4.07 -29.78 21.75
N GLY A 237 -4.03 -28.46 22.00
CA GLY A 237 -3.19 -27.59 21.20
C GLY A 237 -1.71 -27.86 21.36
N ARG A 238 -1.26 -28.09 22.61
CA ARG A 238 0.15 -28.35 22.84
C ARG A 238 0.60 -29.61 22.11
N GLU A 239 -0.23 -30.66 22.12
CA GLU A 239 0.13 -31.89 21.42
C GLU A 239 0.20 -31.67 19.92
N ILE A 240 -0.75 -30.90 19.37
CA ILE A 240 -0.72 -30.58 17.94
C ILE A 240 0.54 -29.79 17.60
N ALA A 241 0.94 -28.87 18.48
CA ALA A 241 2.14 -28.07 18.24
C ALA A 241 3.38 -28.95 18.18
N GLU A 242 3.49 -29.90 19.10
CA GLU A 242 4.65 -30.78 19.11
C GLU A 242 4.75 -31.58 17.81
N LYS A 243 3.61 -32.06 17.30
CA LYS A 243 3.64 -32.82 16.05
C LYS A 243 3.92 -31.92 14.85
N ILE A 244 3.45 -30.68 14.88
CA ILE A 244 3.82 -29.73 13.83
C ILE A 244 5.32 -29.53 13.81
N VAL A 245 5.94 -29.40 14.99
CA VAL A 245 7.38 -29.22 15.06
C VAL A 245 8.09 -30.46 14.51
N LEU A 246 7.59 -31.65 14.86
CA LEU A 246 8.19 -32.88 14.35
C LEU A 246 8.02 -32.98 12.83
N ALA A 247 6.82 -32.71 12.33
CA ALA A 247 6.58 -32.78 10.89
C ALA A 247 7.52 -31.83 10.14
N SER A 248 7.65 -30.58 10.63
CA SER A 248 8.55 -29.63 9.99
C SER A 248 9.99 -30.11 10.07
N ARG A 249 10.39 -30.66 11.22
CA ARG A 249 11.74 -31.19 11.36
C ARG A 249 11.97 -32.35 10.41
N TYR A 250 10.97 -33.21 10.24
CA TYR A 250 11.14 -34.36 9.35
C TYR A 250 11.33 -33.92 7.90
N ALA A 251 10.67 -32.83 7.49
CA ALA A 251 10.83 -32.34 6.12
C ALA A 251 12.29 -32.06 5.80
N SER A 252 13.03 -31.51 6.76
CA SER A 252 14.44 -31.22 6.54
C SER A 252 15.32 -32.44 6.74
N LEU A 253 14.74 -33.61 7.00
CA LEU A 253 15.47 -34.88 7.04
C LEU A 253 15.28 -35.72 5.78
N ASP A 254 14.07 -35.71 5.22
CA ASP A 254 13.71 -36.58 4.11
C ASP A 254 13.31 -35.76 2.89
N PRO A 255 14.09 -35.77 1.81
CA PRO A 255 13.71 -34.97 0.63
C PRO A 255 12.34 -35.31 0.09
N TYR A 256 11.88 -36.55 0.23
CA TYR A 256 10.56 -36.90 -0.28
C TYR A 256 9.47 -36.16 0.48
N ARG A 257 9.72 -35.79 1.73
CA ARG A 257 8.79 -34.93 2.44
C ARG A 257 9.09 -33.45 2.18
N ALA A 258 10.36 -33.08 2.06
CA ALA A 258 10.72 -31.69 1.82
C ALA A 258 10.06 -31.18 0.54
N VAL A 259 10.10 -31.96 -0.53
CA VAL A 259 9.50 -31.53 -1.79
C VAL A 259 8.00 -31.31 -1.62
N THR A 260 7.33 -32.21 -0.90
CA THR A 260 5.89 -32.04 -0.66
C THR A 260 5.64 -30.86 0.27
N HIS A 261 6.45 -30.75 1.34
CA HIS A 261 6.40 -29.62 2.26
C HIS A 261 6.52 -28.30 1.52
N ASN A 262 7.53 -28.17 0.65
CA ASN A 262 7.72 -26.92 -0.08
C ASN A 262 6.68 -26.74 -1.18
N LYS A 263 6.30 -27.83 -1.84
CA LYS A 263 5.22 -27.74 -2.83
C LYS A 263 3.98 -27.11 -2.20
N GLY A 264 3.64 -27.51 -0.97
CA GLY A 264 2.49 -26.93 -0.30
C GLY A 264 2.65 -25.43 -0.09
N ILE A 265 3.86 -25.00 0.26
CA ILE A 265 4.14 -23.57 0.40
C ILE A 265 3.91 -22.86 -0.93
N MET A 266 4.36 -23.46 -2.03
CA MET A 266 4.25 -22.82 -3.32
C MET A 266 2.82 -22.80 -3.85
N ASN A 267 1.93 -23.66 -3.34
CA ASN A 267 0.52 -23.53 -3.70
C ASN A 267 0.02 -22.11 -3.41
N GLY A 268 0.41 -21.56 -2.26
CA GLY A 268 0.04 -20.21 -1.92
C GLY A 268 0.89 -19.17 -2.62
N ILE A 269 2.21 -19.31 -2.52
CA ILE A 269 3.11 -18.32 -3.10
C ILE A 269 2.84 -18.17 -4.60
N GLU A 270 2.80 -19.29 -5.31
CA GLU A 270 2.60 -19.22 -6.76
C GLU A 270 1.23 -18.66 -7.11
N ALA A 271 0.24 -18.86 -6.23
CA ALA A 271 -1.11 -18.35 -6.51
C ALA A 271 -1.13 -16.83 -6.50
N VAL A 272 -0.41 -16.20 -5.57
CA VAL A 272 -0.33 -14.75 -5.55
C VAL A 272 0.55 -14.26 -6.69
N VAL A 273 1.68 -14.94 -6.92
CA VAL A 273 2.55 -14.59 -8.02
C VAL A 273 1.78 -14.58 -9.34
N LEU A 274 0.94 -15.60 -9.55
CA LEU A 274 0.19 -15.69 -10.81
C LEU A 274 -0.87 -14.60 -10.89
N ALA A 275 -1.61 -14.37 -9.80
CA ALA A 275 -2.69 -13.40 -9.84
C ALA A 275 -2.17 -11.99 -10.10
N THR A 276 -0.93 -11.70 -9.71
CA THR A 276 -0.36 -10.35 -9.85
C THR A 276 0.43 -10.17 -11.13
N GLY A 277 0.45 -11.16 -12.02
CA GLY A 277 1.14 -11.02 -13.28
C GLY A 277 2.64 -11.20 -13.22
N ASN A 278 3.14 -11.89 -12.22
CA ASN A 278 4.57 -12.13 -12.07
C ASN A 278 4.98 -13.45 -12.74
N ASP A 279 6.30 -13.63 -12.91
CA ASP A 279 6.86 -14.79 -13.58
C ASP A 279 6.91 -15.96 -12.60
N THR A 280 6.03 -16.94 -12.80
CA THR A 280 5.95 -18.06 -11.86
C THR A 280 7.17 -18.98 -11.96
N ARG A 281 7.76 -19.12 -13.16
CA ARG A 281 8.95 -19.97 -13.27
C ARG A 281 10.12 -19.37 -12.50
N ALA A 282 10.27 -18.04 -12.56
CA ALA A 282 11.37 -17.40 -11.84
C ALA A 282 11.26 -17.62 -10.35
N VAL A 283 10.08 -17.41 -9.78
CA VAL A 283 9.91 -17.58 -8.34
C VAL A 283 10.10 -19.04 -7.94
N SER A 284 9.50 -19.97 -8.70
CA SER A 284 9.65 -21.38 -8.37
C SER A 284 11.13 -21.79 -8.42
N ALA A 285 11.84 -21.37 -9.46
CA ALA A 285 13.25 -21.74 -9.59
C ALA A 285 14.06 -21.22 -8.40
N SER A 286 13.90 -19.94 -8.07
CA SER A 286 14.70 -19.36 -7.00
C SER A 286 14.33 -19.94 -5.64
N CYS A 287 13.03 -20.18 -5.40
CA CYS A 287 12.61 -20.69 -4.10
C CYS A 287 13.07 -22.13 -3.88
N HIS A 288 12.94 -22.99 -4.91
CA HIS A 288 13.34 -24.38 -4.73
C HIS A 288 14.85 -24.52 -4.67
N ALA A 289 15.58 -23.71 -5.45
CA ALA A 289 17.04 -23.73 -5.34
C ALA A 289 17.49 -23.27 -3.96
N PHE A 290 16.84 -22.25 -3.42
CA PHE A 290 17.16 -21.77 -2.08
C PHE A 290 16.87 -22.81 -1.01
N ALA A 291 15.97 -23.76 -1.30
CA ALA A 291 15.72 -24.84 -0.35
C ALA A 291 16.92 -25.76 -0.20
N VAL A 292 17.85 -25.73 -1.14
CA VAL A 292 19.06 -26.56 -1.09
C VAL A 292 20.03 -25.89 -0.12
N LYS A 293 20.10 -26.40 1.10
CA LYS A 293 21.00 -25.86 2.12
C LYS A 293 21.83 -27.00 2.70
N GLU A 294 23.11 -26.73 2.91
CA GLU A 294 24.03 -27.73 3.47
C GLU A 294 24.10 -28.96 2.57
N GLY A 295 24.07 -28.72 1.26
CA GLY A 295 24.18 -29.79 0.30
C GLY A 295 22.96 -30.67 0.14
N ARG A 296 21.84 -30.32 0.78
CA ARG A 296 20.65 -31.15 0.74
C ARG A 296 19.42 -30.28 0.52
N TYR A 297 18.45 -30.83 -0.20
CA TYR A 297 17.15 -30.17 -0.39
C TYR A 297 16.33 -30.33 0.88
N GLN A 298 16.00 -29.21 1.51
CA GLN A 298 15.30 -29.20 2.79
C GLN A 298 14.06 -28.32 2.68
N GLY A 299 13.30 -28.26 3.78
CA GLY A 299 12.13 -27.41 3.80
C GLY A 299 12.50 -25.94 3.94
N LEU A 300 11.63 -25.09 3.39
CA LEU A 300 11.87 -23.65 3.39
C LEU A 300 11.39 -22.96 4.66
N THR A 301 10.78 -23.71 5.58
CA THR A 301 10.26 -23.14 6.81
C THR A 301 10.80 -23.93 7.99
N SER A 302 10.71 -23.31 9.17
CA SER A 302 11.11 -23.91 10.43
C SER A 302 10.02 -23.65 11.46
N TRP A 303 9.77 -24.64 12.31
CA TRP A 303 8.78 -24.53 13.38
C TRP A 303 9.39 -25.03 14.67
N THR A 304 9.28 -24.22 15.73
CA THR A 304 9.85 -24.55 17.02
C THR A 304 8.86 -24.16 18.10
N LEU A 305 8.99 -24.82 19.25
CA LEU A 305 8.12 -24.56 20.39
C LEU A 305 8.94 -23.88 21.47
N ASP A 306 8.58 -22.65 21.80
CA ASP A 306 9.26 -21.84 22.81
C ASP A 306 8.24 -21.54 23.91
N GLY A 307 8.37 -22.24 25.03
CA GLY A 307 7.39 -22.07 26.09
C GLY A 307 6.03 -22.53 25.62
N GLU A 308 5.03 -21.66 25.76
CA GLU A 308 3.67 -21.93 25.32
C GLU A 308 3.37 -21.31 23.96
N GLN A 309 4.39 -21.07 23.15
CA GLN A 309 4.24 -20.39 21.87
C GLN A 309 4.89 -21.19 20.75
N LEU A 310 4.12 -21.45 19.70
CA LEU A 310 4.62 -22.09 18.49
C LEU A 310 5.16 -21.00 17.56
N ILE A 311 6.42 -21.12 17.17
CA ILE A 311 7.11 -20.09 16.40
C ILE A 311 7.43 -20.67 15.03
N GLY A 312 6.98 -19.98 13.98
CA GLY A 312 7.27 -20.37 12.62
C GLY A 312 8.05 -19.28 11.90
N GLU A 313 8.90 -19.70 10.97
CA GLU A 313 9.73 -18.78 10.21
C GLU A 313 9.90 -19.32 8.81
N ILE A 314 9.88 -18.42 7.83
CA ILE A 314 10.10 -18.75 6.43
C ILE A 314 11.17 -17.80 5.88
N SER A 315 11.95 -18.29 4.92
CA SER A 315 12.94 -17.47 4.23
C SER A 315 12.98 -17.90 2.77
N VAL A 316 12.62 -16.98 1.87
CA VAL A 316 12.50 -17.29 0.45
C VAL A 316 13.06 -16.11 -0.37
N PRO A 317 13.71 -16.39 -1.51
CA PRO A 317 14.11 -15.32 -2.44
C PRO A 317 12.93 -14.94 -3.33
N LEU A 318 12.45 -13.71 -3.17
CA LEU A 318 11.26 -13.22 -3.86
C LEU A 318 11.59 -11.93 -4.60
N ALA A 319 12.13 -12.09 -5.81
CA ALA A 319 12.40 -10.95 -6.69
C ALA A 319 11.15 -10.67 -7.53
N LEU A 320 10.11 -10.19 -6.84
CA LEU A 320 8.82 -9.95 -7.47
C LEU A 320 8.76 -8.52 -8.01
N ALA A 321 7.69 -8.24 -8.76
CA ALA A 321 7.55 -6.96 -9.43
C ALA A 321 6.14 -6.42 -9.24
N THR A 322 6.04 -5.09 -9.16
CA THR A 322 4.77 -4.39 -9.21
C THR A 322 4.59 -3.59 -10.49
N VAL A 323 5.63 -3.48 -11.32
CA VAL A 323 5.55 -2.83 -12.62
C VAL A 323 6.34 -3.67 -13.61
N GLY A 324 6.01 -3.50 -14.90
CA GLY A 324 6.70 -4.22 -15.96
C GLY A 324 6.20 -5.64 -16.13
N GLY A 325 6.78 -6.32 -17.11
CA GLY A 325 6.38 -7.69 -17.39
C GLY A 325 4.90 -7.76 -17.73
N ALA A 326 4.19 -8.65 -17.03
CA ALA A 326 2.75 -8.81 -17.23
C ALA A 326 1.94 -8.18 -16.11
N THR A 327 2.56 -7.36 -15.26
CA THR A 327 1.87 -6.79 -14.12
C THR A 327 0.88 -5.69 -14.52
N LYS A 328 1.04 -5.10 -15.70
CA LYS A 328 0.16 -4.03 -16.16
C LYS A 328 -0.52 -4.34 -17.48
N VAL A 329 0.17 -5.00 -18.41
CA VAL A 329 -0.43 -5.26 -19.71
C VAL A 329 -1.67 -6.14 -19.58
N LEU A 330 -1.71 -7.01 -18.57
CA LEU A 330 -2.88 -7.85 -18.35
C LEU A 330 -3.84 -7.15 -17.40
N PRO A 331 -5.05 -6.80 -17.84
CA PRO A 331 -5.97 -6.10 -16.93
C PRO A 331 -6.24 -6.83 -15.61
N LYS A 332 -6.22 -8.16 -15.61
CA LYS A 332 -6.48 -8.89 -14.37
C LYS A 332 -5.36 -8.69 -13.36
N SER A 333 -4.12 -8.52 -13.84
CA SER A 333 -3.03 -8.22 -12.91
C SER A 333 -3.30 -6.93 -12.15
N GLN A 334 -3.77 -5.89 -12.84
CA GLN A 334 -4.04 -4.62 -12.18
C GLN A 334 -5.20 -4.75 -11.21
N ALA A 335 -6.24 -5.49 -11.60
CA ALA A 335 -7.37 -5.70 -10.69
C ALA A 335 -6.93 -6.43 -9.44
N ALA A 336 -6.08 -7.44 -9.58
CA ALA A 336 -5.55 -8.14 -8.41
C ALA A 336 -4.74 -7.19 -7.55
N ALA A 337 -3.92 -6.33 -8.18
CA ALA A 337 -3.12 -5.38 -7.42
C ALA A 337 -3.98 -4.37 -6.68
N ASP A 338 -5.13 -4.00 -7.26
CA ASP A 338 -6.06 -3.11 -6.54
C ASP A 338 -6.54 -3.77 -5.26
N LEU A 339 -6.87 -5.06 -5.32
CA LEU A 339 -7.34 -5.76 -4.12
C LEU A 339 -6.23 -5.90 -3.08
N LEU A 340 -5.01 -6.20 -3.54
CA LEU A 340 -3.91 -6.45 -2.61
C LEU A 340 -3.41 -5.17 -1.95
N ALA A 341 -3.35 -4.07 -2.72
CA ALA A 341 -3.04 -2.74 -2.19
C ALA A 341 -1.67 -2.71 -1.50
N VAL A 342 -0.66 -3.24 -2.17
CA VAL A 342 0.72 -3.10 -1.73
C VAL A 342 1.27 -1.83 -2.36
N THR A 343 2.27 -1.25 -1.70
CA THR A 343 2.83 0.02 -2.11
C THR A 343 3.98 -0.14 -3.09
N ASP A 344 4.83 -1.13 -2.86
CA ASP A 344 5.97 -1.37 -3.73
C ASP A 344 6.25 -2.87 -3.76
N ALA A 345 7.28 -3.24 -4.52
CA ALA A 345 7.60 -4.65 -4.69
C ALA A 345 8.10 -5.27 -3.39
N LYS A 346 8.86 -4.51 -2.60
CA LYS A 346 9.34 -5.02 -1.32
C LYS A 346 8.18 -5.50 -0.45
N GLU A 347 7.10 -4.71 -0.39
CA GLU A 347 5.94 -5.12 0.39
C GLU A 347 5.27 -6.34 -0.21
N LEU A 348 5.25 -6.45 -1.54
CA LEU A 348 4.67 -7.63 -2.17
C LEU A 348 5.41 -8.89 -1.73
N SER A 349 6.74 -8.85 -1.74
CA SER A 349 7.51 -10.01 -1.33
C SER A 349 7.21 -10.38 0.13
N ARG A 350 6.98 -9.39 0.98
CA ARG A 350 6.68 -9.67 2.37
C ARG A 350 5.33 -10.37 2.51
N VAL A 351 4.32 -9.88 1.81
CA VAL A 351 3.01 -10.52 1.83
C VAL A 351 3.09 -11.94 1.29
N VAL A 352 3.81 -12.12 0.18
CA VAL A 352 3.89 -13.44 -0.44
C VAL A 352 4.61 -14.41 0.47
N ALA A 353 5.68 -13.97 1.14
CA ALA A 353 6.38 -14.84 2.09
C ALA A 353 5.47 -15.23 3.24
N ALA A 354 4.69 -14.27 3.76
CA ALA A 354 3.77 -14.59 4.83
C ALA A 354 2.69 -15.57 4.38
N VAL A 355 2.26 -15.46 3.11
CA VAL A 355 1.30 -16.42 2.57
C VAL A 355 1.89 -17.83 2.59
N GLY A 356 3.15 -17.97 2.17
CA GLY A 356 3.78 -19.27 2.21
C GLY A 356 3.81 -19.88 3.59
N LEU A 357 4.14 -19.09 4.60
CA LEU A 357 4.21 -19.61 5.96
C LEU A 357 2.82 -19.95 6.49
N ALA A 358 1.82 -19.11 6.19
CA ALA A 358 0.45 -19.42 6.59
C ALA A 358 -0.03 -20.70 5.92
N GLN A 359 0.27 -20.88 4.64
CA GLN A 359 -0.12 -22.10 3.95
C GLN A 359 0.55 -23.32 4.56
N ASN A 360 1.83 -23.19 4.93
CA ASN A 360 2.55 -24.29 5.58
C ASN A 360 1.91 -24.65 6.90
N LEU A 361 1.53 -23.64 7.70
CA LEU A 361 0.89 -23.90 8.99
C LEU A 361 -0.40 -24.70 8.82
N ALA A 362 -1.24 -24.30 7.86
CA ALA A 362 -2.50 -25.00 7.66
C ALA A 362 -2.26 -26.43 7.21
N ALA A 363 -1.35 -26.62 6.25
CA ALA A 363 -1.07 -27.96 5.77
C ALA A 363 -0.56 -28.86 6.90
N LEU A 364 0.38 -28.35 7.71
CA LEU A 364 0.97 -29.18 8.76
C LEU A 364 -0.05 -29.51 9.84
N ARG A 365 -0.86 -28.53 10.26
CA ARG A 365 -1.86 -28.78 11.29
C ARG A 365 -2.85 -29.86 10.83
N ALA A 366 -3.32 -29.74 9.59
CA ALA A 366 -4.22 -30.76 9.05
C ALA A 366 -3.52 -32.11 8.91
N LEU A 367 -2.20 -32.09 8.71
CA LEU A 367 -1.47 -33.32 8.41
C LEU A 367 -1.25 -34.19 9.63
N VAL A 368 -1.15 -33.58 10.81
CA VAL A 368 -0.71 -34.29 12.02
C VAL A 368 -1.83 -34.36 13.06
N SER A 369 -3.03 -33.92 12.73
CA SER A 369 -4.11 -33.86 13.70
C SER A 369 -4.86 -35.18 13.87
N GLU A 370 -4.39 -36.26 13.27
CA GLU A 370 -4.98 -37.58 13.46
C GLU A 370 -4.37 -38.26 14.68
N ARG B 13 -19.02 -14.67 6.18
CA ARG B 13 -20.12 -14.47 5.25
C ARG B 13 -19.57 -14.35 3.82
N PHE B 14 -18.34 -13.83 3.70
CA PHE B 14 -17.71 -13.75 2.40
C PHE B 14 -17.59 -15.13 1.75
N TYR B 15 -17.22 -16.14 2.55
CA TYR B 15 -17.13 -17.51 2.04
C TYR B 15 -18.49 -18.00 1.54
N GLN B 16 -19.58 -17.59 2.21
CA GLN B 16 -20.92 -18.04 1.82
C GLN B 16 -21.50 -17.21 0.68
N MET B 17 -20.96 -16.01 0.44
CA MET B 17 -21.48 -15.14 -0.61
C MET B 17 -21.31 -15.78 -1.98
N SER B 18 -22.13 -15.33 -2.92
CA SER B 18 -21.92 -15.65 -4.31
C SER B 18 -20.80 -14.79 -4.89
N PRO B 19 -20.21 -15.20 -6.01
CA PRO B 19 -19.17 -14.35 -6.63
C PRO B 19 -19.62 -12.91 -6.82
N GLU B 20 -20.89 -12.70 -7.18
CA GLU B 20 -21.37 -11.33 -7.43
C GLU B 20 -21.51 -10.55 -6.13
N GLU B 21 -22.01 -11.20 -5.08
CA GLU B 21 -22.09 -10.53 -3.78
C GLU B 21 -20.70 -10.21 -3.24
N ARG B 22 -19.71 -11.06 -3.54
CA ARG B 22 -18.35 -10.78 -3.10
C ARG B 22 -17.82 -9.51 -3.76
N LEU B 23 -17.93 -9.42 -5.09
CA LEU B 23 -17.48 -8.21 -5.78
C LEU B 23 -18.27 -7.00 -5.34
N ALA B 24 -19.56 -7.15 -5.05
CA ALA B 24 -20.34 -6.04 -4.54
C ALA B 24 -19.89 -5.63 -3.15
N SER B 25 -19.53 -6.60 -2.31
CA SER B 25 -19.05 -6.28 -0.97
C SER B 25 -17.71 -5.57 -1.02
N LEU B 26 -16.82 -6.01 -1.92
CA LEU B 26 -15.50 -5.40 -2.03
C LEU B 26 -15.60 -3.96 -2.52
N LEU B 27 -16.52 -3.68 -3.44
CA LEU B 27 -16.72 -2.31 -3.88
C LEU B 27 -17.36 -1.47 -2.79
N ASN B 28 -18.40 -2.00 -2.14
CA ASN B 28 -19.11 -1.23 -1.11
C ASN B 28 -18.23 -0.94 0.09
N GLU B 29 -17.30 -1.84 0.42
CA GLU B 29 -16.39 -1.64 1.54
C GLU B 29 -15.19 -0.76 1.18
N GLY B 30 -15.06 -0.38 -0.09
CA GLY B 30 -13.97 0.48 -0.50
C GLY B 30 -12.66 -0.21 -0.81
N GLN B 31 -12.70 -1.51 -1.11
CA GLN B 31 -11.46 -2.26 -1.36
C GLN B 31 -11.11 -2.33 -2.83
N ILE B 32 -12.06 -2.15 -3.74
CA ILE B 32 -11.79 -2.09 -5.17
C ILE B 32 -12.62 -0.97 -5.79
N SER B 33 -12.11 -0.44 -6.89
CA SER B 33 -12.82 0.60 -7.63
C SER B 33 -13.87 -0.02 -8.55
N ALA B 34 -14.78 0.82 -9.03
CA ALA B 34 -15.79 0.35 -9.97
C ALA B 34 -15.13 -0.19 -11.24
N ASP B 35 -14.04 0.44 -11.67
CA ASP B 35 -13.32 -0.06 -12.84
C ASP B 35 -12.75 -1.45 -12.58
N THR B 36 -12.18 -1.66 -11.40
CA THR B 36 -11.64 -2.98 -11.06
C THR B 36 -12.74 -4.03 -11.00
N LYS B 37 -13.86 -3.70 -10.35
CA LYS B 37 -14.97 -4.64 -10.30
C LYS B 37 -15.41 -5.05 -11.70
N LYS B 38 -15.51 -4.08 -12.62
CA LYS B 38 -15.92 -4.41 -13.98
C LYS B 38 -14.92 -5.34 -14.66
N GLU B 39 -13.63 -5.18 -14.36
CA GLU B 39 -12.64 -6.06 -14.97
C GLU B 39 -12.69 -7.46 -14.36
N PHE B 40 -12.93 -7.55 -13.05
CA PHE B 40 -13.11 -8.87 -12.44
C PHE B 40 -14.29 -9.62 -13.07
N GLU B 41 -15.33 -8.88 -13.47
CA GLU B 41 -16.52 -9.47 -14.06
C GLU B 41 -16.36 -9.84 -15.53
N ASN B 42 -15.24 -9.47 -16.16
CA ASN B 42 -14.98 -9.82 -17.55
C ASN B 42 -14.28 -11.17 -17.61
N THR B 43 -15.10 -12.22 -17.58
CA THR B 43 -14.60 -13.59 -17.46
C THR B 43 -15.13 -14.46 -18.59
N ALA B 44 -14.33 -15.45 -18.98
CA ALA B 44 -14.71 -16.43 -19.99
C ALA B 44 -14.96 -17.82 -19.43
N LEU B 45 -14.33 -18.18 -18.32
CA LEU B 45 -14.63 -19.44 -17.66
C LEU B 45 -15.99 -19.33 -16.96
N SER B 46 -16.86 -20.30 -17.20
CA SER B 46 -18.19 -20.28 -16.60
C SER B 46 -18.08 -20.06 -15.10
N SER B 47 -18.98 -19.20 -14.59
CA SER B 47 -19.01 -18.93 -13.15
C SER B 47 -19.31 -20.19 -12.35
N GLN B 48 -20.12 -21.10 -12.91
CA GLN B 48 -20.46 -22.32 -12.18
C GLN B 48 -19.23 -23.21 -11.99
N ILE B 49 -18.38 -23.30 -13.01
CA ILE B 49 -17.16 -24.08 -12.87
C ILE B 49 -16.19 -23.40 -11.92
N ALA B 50 -15.88 -22.13 -12.18
CA ALA B 50 -14.89 -21.42 -11.38
C ALA B 50 -15.28 -21.39 -9.90
N ASN B 51 -16.54 -21.11 -9.61
CA ASN B 51 -16.96 -20.99 -8.22
C ASN B 51 -16.96 -22.33 -7.49
N HIS B 52 -16.91 -23.45 -8.21
CA HIS B 52 -16.90 -24.77 -7.58
C HIS B 52 -15.51 -25.36 -7.47
N MET B 53 -14.53 -24.83 -8.20
CA MET B 53 -13.18 -25.37 -8.13
C MET B 53 -12.38 -24.84 -6.96
N ILE B 54 -12.73 -23.66 -6.45
CA ILE B 54 -11.94 -22.99 -5.43
C ILE B 54 -12.89 -22.29 -4.46
N GLU B 55 -12.30 -21.73 -3.41
CA GLU B 55 -13.04 -21.01 -2.38
C GLU B 55 -12.89 -19.51 -2.57
N ASN B 56 -13.89 -18.77 -2.10
CA ASN B 56 -13.87 -17.30 -2.16
C ASN B 56 -13.63 -16.79 -3.57
N GLN B 57 -14.20 -17.48 -4.56
CA GLN B 57 -13.96 -17.14 -5.96
C GLN B 57 -14.59 -15.80 -6.32
N ILE B 58 -13.87 -15.02 -7.13
CA ILE B 58 -14.40 -13.72 -7.55
C ILE B 58 -14.19 -13.51 -9.05
N SER B 59 -13.12 -14.10 -9.60
CA SER B 59 -12.81 -13.81 -10.99
C SER B 59 -11.89 -14.91 -11.53
N GLU B 60 -11.00 -14.55 -12.44
CA GLU B 60 -10.09 -15.50 -13.07
C GLU B 60 -8.86 -14.75 -13.54
N THR B 61 -7.77 -15.50 -13.73
CA THR B 61 -6.57 -15.00 -14.37
C THR B 61 -6.52 -15.59 -15.77
N GLU B 62 -6.26 -14.74 -16.76
CA GLU B 62 -6.15 -15.15 -18.16
C GLU B 62 -4.70 -15.13 -18.58
N VAL B 63 -4.18 -16.28 -18.99
CA VAL B 63 -2.80 -16.43 -19.45
C VAL B 63 -2.83 -16.70 -20.95
N PRO B 64 -2.19 -15.87 -21.79
CA PRO B 64 -2.21 -16.13 -23.23
C PRO B 64 -1.72 -17.52 -23.57
N MET B 65 -2.48 -18.19 -24.44
N MET B 65 -2.40 -18.07 -24.49
CA MET B 65 -2.10 -19.56 -24.84
CA MET B 65 -2.06 -19.41 -24.94
C MET B 65 -1.76 -19.56 -26.31
C MET B 65 -1.72 -19.39 -26.42
N GLY B 66 -0.55 -20.05 -26.79
CA GLY B 66 -0.13 -20.14 -28.17
C GLY B 66 0.18 -21.58 -28.55
N VAL B 67 0.77 -21.78 -29.73
CA VAL B 67 1.04 -23.10 -30.25
C VAL B 67 2.53 -23.22 -30.54
N GLY B 68 3.21 -24.11 -29.81
CA GLY B 68 4.59 -24.44 -30.15
C GLY B 68 4.62 -25.37 -31.36
N LEU B 69 5.57 -25.12 -32.25
CA LEU B 69 5.59 -25.76 -33.56
C LEU B 69 6.86 -26.58 -33.76
N HIS B 70 6.78 -27.51 -34.70
CA HIS B 70 7.92 -28.25 -35.23
C HIS B 70 8.46 -29.30 -34.27
N LEU B 71 7.71 -29.66 -33.23
CA LEU B 71 8.20 -30.65 -32.28
C LEU B 71 7.90 -32.05 -32.80
N THR B 72 8.93 -32.90 -32.83
CA THR B 72 8.79 -34.29 -33.25
C THR B 72 9.42 -35.17 -32.17
N VAL B 73 8.65 -36.15 -31.70
CA VAL B 73 9.09 -37.03 -30.62
C VAL B 73 8.81 -38.46 -31.05
N ASP B 74 9.86 -39.27 -31.13
CA ASP B 74 9.74 -40.66 -31.57
C ASP B 74 9.04 -40.73 -32.93
N GLU B 75 9.43 -39.85 -33.83
CA GLU B 75 8.92 -39.79 -35.21
C GLU B 75 7.46 -39.37 -35.27
N THR B 76 6.89 -38.89 -34.18
CA THR B 76 5.52 -38.40 -34.15
C THR B 76 5.53 -36.87 -34.03
N ASP B 77 4.74 -36.20 -34.86
CA ASP B 77 4.67 -34.75 -34.86
C ASP B 77 3.56 -34.27 -33.94
N TYR B 78 3.80 -33.15 -33.26
CA TYR B 78 2.86 -32.60 -32.30
C TYR B 78 2.68 -31.11 -32.52
N LEU B 79 1.51 -30.61 -32.11
CA LEU B 79 1.25 -29.18 -31.97
C LEU B 79 1.06 -28.94 -30.47
N VAL B 80 1.98 -28.19 -29.87
CA VAL B 80 2.09 -28.11 -28.42
C VAL B 80 1.31 -26.89 -27.94
N PRO B 81 0.28 -27.05 -27.11
CA PRO B 81 -0.34 -25.88 -26.47
C PRO B 81 0.54 -25.36 -25.35
N MET B 82 0.75 -24.04 -25.34
CA MET B 82 1.67 -23.41 -24.39
C MET B 82 1.02 -22.16 -23.84
N ALA B 83 0.74 -22.16 -22.55
CA ALA B 83 0.17 -21.00 -21.86
C ALA B 83 1.30 -20.29 -21.13
N THR B 84 1.59 -19.06 -21.56
CA THR B 84 2.64 -18.28 -20.93
C THR B 84 2.34 -16.79 -21.11
N GLU B 85 2.86 -15.99 -20.18
CA GLU B 85 2.76 -14.55 -20.25
C GLU B 85 4.05 -13.89 -20.71
N GLU B 86 5.08 -14.69 -21.02
CA GLU B 86 6.40 -14.19 -21.35
C GLU B 86 6.60 -14.18 -22.85
N PRO B 87 7.02 -13.06 -23.44
CA PRO B 87 7.27 -13.05 -24.89
C PRO B 87 8.52 -13.85 -25.24
N SER B 88 8.53 -14.37 -26.47
CA SER B 88 9.61 -15.10 -27.10
C SER B 88 9.66 -16.57 -26.68
N VAL B 89 8.96 -16.98 -25.62
CA VAL B 89 9.02 -18.37 -25.16
C VAL B 89 8.53 -19.31 -26.26
N ILE B 90 7.29 -19.09 -26.71
CA ILE B 90 6.71 -19.98 -27.72
C ILE B 90 7.53 -19.95 -29.00
N ALA B 91 8.00 -18.77 -29.39
CA ALA B 91 8.83 -18.68 -30.59
C ALA B 91 10.14 -19.46 -30.40
N ALA B 92 10.76 -19.33 -29.23
CA ALA B 92 12.02 -20.03 -29.00
C ALA B 92 11.82 -21.54 -29.02
N LEU B 93 10.71 -22.03 -28.45
CA LEU B 93 10.43 -23.46 -28.49
C LEU B 93 10.28 -23.93 -29.94
N SER B 94 9.49 -23.21 -30.74
CA SER B 94 9.32 -23.60 -32.14
C SER B 94 10.66 -23.64 -32.85
N ASN B 95 11.52 -22.64 -32.61
CA ASN B 95 12.81 -22.59 -33.29
C ASN B 95 13.73 -23.69 -32.79
N GLY B 96 13.79 -23.90 -31.47
CA GLY B 96 14.63 -24.97 -30.95
C GLY B 96 14.21 -26.34 -31.45
N ALA B 97 12.90 -26.57 -31.56
CA ALA B 97 12.41 -27.84 -32.09
C ALA B 97 12.74 -27.97 -33.58
N LYS B 98 12.64 -26.87 -34.32
CA LYS B 98 12.96 -26.89 -35.74
C LYS B 98 14.42 -27.29 -35.96
N ILE B 99 15.33 -26.69 -35.18
CA ILE B 99 16.74 -27.07 -35.27
C ILE B 99 16.92 -28.51 -34.84
N ALA B 100 16.17 -28.95 -33.82
CA ALA B 100 16.37 -30.29 -33.27
C ALA B 100 15.93 -31.37 -34.24
N GLN B 101 14.86 -31.12 -35.01
CA GLN B 101 14.32 -32.06 -35.97
C GLN B 101 13.55 -33.20 -35.27
N GLY B 102 14.13 -33.78 -34.23
CA GLY B 102 13.49 -34.89 -33.56
C GLY B 102 14.02 -35.12 -32.16
N PHE B 103 13.24 -35.86 -31.37
CA PHE B 103 13.60 -36.22 -30.01
C PHE B 103 13.27 -37.69 -29.80
N LYS B 104 14.18 -38.40 -29.15
CA LYS B 104 14.06 -39.84 -28.93
C LYS B 104 14.02 -40.13 -27.45
N THR B 105 13.17 -41.08 -27.05
CA THR B 105 13.05 -41.47 -25.66
C THR B 105 14.17 -42.44 -25.29
N VAL B 106 14.84 -42.16 -24.18
CA VAL B 106 15.90 -43.03 -23.68
C VAL B 106 15.37 -44.03 -22.67
N ASN B 107 14.63 -43.54 -21.67
CA ASN B 107 13.99 -44.42 -20.70
C ASN B 107 12.83 -43.66 -20.05
N GLN B 108 11.96 -44.42 -19.39
CA GLN B 108 10.81 -43.82 -18.74
C GLN B 108 10.25 -44.80 -17.73
N GLN B 109 9.79 -44.26 -16.61
CA GLN B 109 9.07 -45.01 -15.59
C GLN B 109 7.87 -44.17 -15.20
N ARG B 110 6.84 -44.82 -14.66
CA ARG B 110 5.67 -44.06 -14.18
C ARG B 110 5.10 -44.77 -12.96
N LEU B 111 5.60 -44.41 -11.79
CA LEU B 111 5.02 -44.80 -10.51
C LEU B 111 4.98 -43.56 -9.62
N MET B 112 3.90 -43.43 -8.84
CA MET B 112 3.72 -42.36 -7.87
C MET B 112 4.16 -42.83 -6.49
N ARG B 113 4.53 -41.86 -5.64
CA ARG B 113 5.15 -42.14 -4.35
C ARG B 113 4.27 -41.67 -3.21
N GLY B 114 4.16 -42.49 -2.17
CA GLY B 114 3.48 -42.12 -0.95
C GLY B 114 4.30 -42.58 0.24
N GLN B 115 3.93 -42.11 1.43
CA GLN B 115 4.71 -42.47 2.61
C GLN B 115 3.88 -42.38 3.88
N ILE B 116 4.08 -43.35 4.76
CA ILE B 116 3.60 -43.32 6.14
C ILE B 116 4.82 -43.21 7.03
N VAL B 117 4.86 -42.19 7.89
CA VAL B 117 6.03 -41.88 8.70
C VAL B 117 5.69 -42.10 10.16
N PHE B 118 6.46 -42.96 10.83
CA PHE B 118 6.44 -43.13 12.27
C PHE B 118 7.41 -42.17 12.93
N TYR B 119 7.14 -41.83 14.19
CA TYR B 119 8.04 -40.99 14.96
C TYR B 119 8.16 -41.55 16.38
N ASP B 120 9.20 -41.09 17.08
CA ASP B 120 9.49 -41.54 18.44
C ASP B 120 9.63 -43.07 18.47
N VAL B 121 10.28 -43.61 17.46
CA VAL B 121 10.47 -45.06 17.33
C VAL B 121 11.75 -45.43 18.07
N ALA B 122 11.61 -46.29 19.09
CA ALA B 122 12.76 -46.69 19.89
C ALA B 122 13.80 -47.42 19.05
N ASP B 123 13.35 -48.37 18.23
CA ASP B 123 14.24 -49.18 17.40
C ASP B 123 13.71 -49.19 15.97
N PRO B 124 14.11 -48.23 15.14
CA PRO B 124 13.59 -48.19 13.76
C PRO B 124 13.79 -49.48 12.99
N GLU B 125 14.98 -50.09 13.06
CA GLU B 125 15.23 -51.29 12.28
C GLU B 125 14.38 -52.46 12.77
N SER B 126 14.01 -52.49 14.05
CA SER B 126 13.15 -53.54 14.56
C SER B 126 11.71 -53.36 14.06
N LEU B 127 11.23 -52.12 14.03
CA LEU B 127 9.89 -51.86 13.49
C LEU B 127 9.82 -52.23 12.02
N ILE B 128 10.86 -51.91 11.27
CA ILE B 128 10.89 -52.28 9.85
C ILE B 128 10.79 -53.78 9.68
N ASP B 129 11.48 -54.54 10.56
CA ASP B 129 11.42 -55.99 10.48
C ASP B 129 10.00 -56.52 10.68
N LYS B 130 9.28 -55.97 11.66
CA LYS B 130 7.90 -56.39 11.88
C LYS B 130 7.01 -56.01 10.69
N LEU B 131 7.32 -54.90 10.01
CA LEU B 131 6.50 -54.50 8.88
C LEU B 131 6.74 -55.39 7.66
N GLN B 132 7.99 -55.78 7.42
CA GLN B 132 8.33 -56.54 6.23
C GLN B 132 7.72 -57.93 6.21
N VAL B 133 7.27 -58.44 7.34
CA VAL B 133 6.66 -59.76 7.39
C VAL B 133 5.13 -59.71 7.32
N ARG B 134 4.58 -58.53 7.01
N ARG B 134 4.58 -58.53 7.01
CA ARG B 134 3.13 -58.38 6.88
CA ARG B 134 3.14 -58.36 6.88
C ARG B 134 2.76 -57.69 5.57
C ARG B 134 2.76 -57.70 5.56
N GLU B 135 3.64 -57.79 4.56
CA GLU B 135 3.41 -57.06 3.32
C GLU B 135 2.19 -57.57 2.56
N ALA B 136 1.93 -58.87 2.61
CA ALA B 136 0.76 -59.41 1.94
C ALA B 136 -0.51 -58.79 2.49
N GLU B 137 -0.57 -58.55 3.79
CA GLU B 137 -1.73 -57.91 4.38
C GLU B 137 -1.79 -56.43 4.03
N ILE B 138 -0.64 -55.78 3.91
CA ILE B 138 -0.61 -54.38 3.48
C ILE B 138 -1.14 -54.26 2.06
N PHE B 139 -0.59 -55.05 1.14
CA PHE B 139 -1.08 -55.06 -0.24
C PHE B 139 -2.58 -55.35 -0.27
N GLN B 140 -3.03 -56.31 0.54
CA GLN B 140 -4.46 -56.62 0.58
C GLN B 140 -5.26 -55.42 1.05
N GLN B 141 -4.79 -54.73 2.10
CA GLN B 141 -5.49 -53.54 2.58
C GLN B 141 -5.46 -52.43 1.56
N ALA B 142 -4.33 -52.25 0.87
CA ALA B 142 -4.24 -51.21 -0.15
C ALA B 142 -5.32 -51.37 -1.20
N GLU B 143 -5.58 -52.61 -1.63
CA GLU B 143 -6.62 -52.84 -2.62
C GLU B 143 -8.00 -52.55 -2.05
N LEU B 144 -8.26 -52.99 -0.82
N LEU B 144 -8.26 -52.99 -0.82
CA LEU B 144 -9.57 -52.76 -0.21
CA LEU B 144 -9.56 -52.76 -0.20
C LEU B 144 -9.87 -51.26 -0.08
C LEU B 144 -9.87 -51.26 -0.08
N SER B 145 -8.84 -50.43 0.08
CA SER B 145 -9.05 -49.00 0.27
C SER B 145 -9.37 -48.27 -1.03
N TYR B 146 -8.91 -48.79 -2.17
CA TYR B 146 -9.20 -48.18 -3.47
C TYR B 146 -9.19 -49.26 -4.53
N PRO B 147 -10.25 -50.07 -4.61
CA PRO B 147 -10.24 -51.22 -5.53
C PRO B 147 -10.27 -50.85 -7.00
N SER B 148 -10.83 -49.68 -7.34
CA SER B 148 -10.98 -49.30 -8.74
C SER B 148 -9.66 -49.39 -9.49
N ILE B 149 -8.60 -48.81 -8.92
CA ILE B 149 -7.32 -48.75 -9.63
C ILE B 149 -6.78 -50.15 -9.85
N VAL B 150 -7.06 -51.08 -8.93
CA VAL B 150 -6.56 -52.44 -9.10
C VAL B 150 -7.26 -53.13 -10.27
N LYS B 151 -8.56 -52.86 -10.45
CA LYS B 151 -9.29 -53.46 -11.56
C LYS B 151 -8.77 -52.95 -12.90
N ARG B 152 -8.39 -51.68 -12.98
CA ARG B 152 -7.88 -51.07 -14.20
C ARG B 152 -6.40 -51.36 -14.41
N GLY B 153 -5.84 -52.32 -13.68
CA GLY B 153 -4.49 -52.77 -13.92
C GLY B 153 -3.40 -52.02 -13.18
N GLY B 154 -3.75 -51.21 -12.19
CA GLY B 154 -2.76 -50.47 -11.43
C GLY B 154 -2.75 -50.86 -9.97
N GLY B 155 -2.36 -49.93 -9.11
CA GLY B 155 -2.35 -50.15 -7.68
C GLY B 155 -0.94 -50.21 -7.12
N LEU B 156 -0.87 -50.53 -5.84
CA LEU B 156 0.42 -50.66 -5.16
C LEU B 156 1.28 -51.68 -5.86
N ARG B 157 2.55 -51.34 -6.08
N ARG B 157 2.56 -51.34 -6.08
CA ARG B 157 3.50 -52.22 -6.74
CA ARG B 157 3.50 -52.22 -6.75
C ARG B 157 4.71 -52.58 -5.88
C ARG B 157 4.72 -52.58 -5.90
N ASP B 158 5.13 -51.71 -4.98
CA ASP B 158 6.32 -51.98 -4.17
C ASP B 158 6.24 -51.23 -2.86
N LEU B 159 6.89 -51.81 -1.84
CA LEU B 159 7.06 -51.17 -0.54
C LEU B 159 8.54 -51.08 -0.22
N GLN B 160 8.96 -49.93 0.31
CA GLN B 160 10.35 -49.72 0.70
C GLN B 160 10.35 -49.06 2.08
N TYR B 161 11.49 -49.17 2.76
CA TYR B 161 11.58 -48.74 4.15
C TYR B 161 12.87 -47.97 4.37
N ARG B 162 12.76 -46.83 5.04
CA ARG B 162 13.91 -46.00 5.37
C ARG B 162 13.81 -45.55 6.81
N ALA B 163 14.96 -45.45 7.47
CA ALA B 163 15.05 -44.95 8.83
C ALA B 163 15.75 -43.60 8.82
N PHE B 164 15.32 -42.71 9.73
CA PHE B 164 15.89 -41.37 9.81
C PHE B 164 16.09 -41.00 11.28
N ASP B 165 17.25 -40.42 11.57
CA ASP B 165 17.52 -39.79 12.86
C ASP B 165 17.32 -40.74 14.03
N GLU B 166 17.38 -42.05 13.78
CA GLU B 166 17.21 -43.08 14.80
C GLU B 166 15.88 -42.98 15.53
N SER B 167 14.92 -42.22 14.99
CA SER B 167 13.62 -42.10 15.62
C SER B 167 12.45 -42.12 14.63
N PHE B 168 12.69 -41.93 13.34
CA PHE B 168 11.63 -41.94 12.33
C PHE B 168 11.77 -43.16 11.43
N VAL B 169 10.62 -43.70 11.00
CA VAL B 169 10.56 -44.74 9.99
C VAL B 169 9.56 -44.31 8.92
N SER B 170 10.01 -44.30 7.67
CA SER B 170 9.15 -44.00 6.53
C SER B 170 8.86 -45.29 5.78
N VAL B 171 7.58 -45.63 5.67
CA VAL B 171 7.13 -46.73 4.82
C VAL B 171 6.75 -46.13 3.47
N ASP B 172 7.53 -46.43 2.45
CA ASP B 172 7.37 -45.82 1.13
C ASP B 172 6.48 -46.70 0.25
N PHE B 173 5.51 -46.08 -0.40
CA PHE B 173 4.58 -46.77 -1.29
C PHE B 173 4.84 -46.33 -2.72
N LEU B 174 5.04 -47.29 -3.62
CA LEU B 174 5.22 -47.03 -5.05
C LEU B 174 3.98 -47.56 -5.77
N VAL B 175 3.20 -46.65 -6.35
CA VAL B 175 1.85 -46.95 -6.82
C VAL B 175 1.73 -46.60 -8.29
N ASP B 176 1.09 -47.50 -9.05
CA ASP B 176 0.74 -47.25 -10.45
C ASP B 176 -0.65 -46.61 -10.45
N VAL B 177 -0.71 -45.33 -10.80
CA VAL B 177 -1.95 -44.56 -10.78
C VAL B 177 -2.49 -44.33 -12.18
N LYS B 178 -1.90 -44.95 -13.19
CA LYS B 178 -2.37 -44.88 -14.58
C LYS B 178 -2.33 -43.41 -15.03
N ASP B 179 -3.41 -42.86 -15.58
CA ASP B 179 -3.37 -41.57 -16.25
C ASP B 179 -3.63 -40.40 -15.32
N ALA B 180 -3.91 -40.64 -14.04
CA ALA B 180 -4.12 -39.57 -13.07
C ALA B 180 -2.80 -39.19 -12.40
N MET B 181 -2.79 -38.01 -11.80
CA MET B 181 -1.63 -37.61 -10.99
C MET B 181 -1.50 -38.53 -9.78
N GLY B 182 -2.63 -38.89 -9.16
CA GLY B 182 -2.67 -39.98 -8.22
C GLY B 182 -2.86 -39.63 -6.76
N ALA B 183 -3.26 -38.40 -6.44
CA ALA B 183 -3.37 -38.00 -5.03
C ALA B 183 -4.47 -38.79 -4.32
N ASN B 184 -5.62 -38.95 -4.97
CA ASN B 184 -6.75 -39.60 -4.30
C ASN B 184 -6.50 -41.09 -4.11
N ILE B 185 -5.93 -41.76 -5.13
CA ILE B 185 -5.60 -43.18 -5.01
C ILE B 185 -4.59 -43.39 -3.89
N VAL B 186 -3.46 -42.68 -3.95
CA VAL B 186 -2.37 -42.89 -3.00
C VAL B 186 -2.82 -42.60 -1.59
N ASN B 187 -3.48 -41.45 -1.38
CA ASN B 187 -3.90 -41.09 -0.03
C ASN B 187 -4.94 -42.06 0.52
N ALA B 188 -5.80 -42.61 -0.35
CA ALA B 188 -6.78 -43.59 0.11
C ALA B 188 -6.10 -44.83 0.68
N MET B 189 -5.11 -45.37 -0.03
N MET B 189 -5.14 -45.39 -0.07
CA MET B 189 -4.47 -46.59 0.46
CA MET B 189 -4.41 -46.56 0.40
C MET B 189 -3.55 -46.31 1.64
C MET B 189 -3.65 -46.25 1.68
N LEU B 190 -2.93 -45.12 1.69
CA LEU B 190 -2.14 -44.77 2.87
C LEU B 190 -3.01 -44.68 4.11
N GLU B 191 -4.17 -44.03 4.00
CA GLU B 191 -5.09 -43.92 5.13
C GLU B 191 -5.52 -45.30 5.61
N GLY B 192 -5.94 -46.16 4.67
CA GLY B 192 -6.36 -47.50 5.06
C GLY B 192 -5.26 -48.28 5.73
N VAL B 193 -4.05 -48.26 5.14
CA VAL B 193 -2.95 -49.03 5.70
C VAL B 193 -2.51 -48.44 7.03
N ALA B 194 -2.55 -47.11 7.17
CA ALA B 194 -2.17 -46.48 8.44
C ALA B 194 -3.06 -46.96 9.57
N GLU B 195 -4.37 -47.08 9.32
CA GLU B 195 -5.27 -47.58 10.35
C GLU B 195 -4.94 -49.02 10.72
N LEU B 196 -4.47 -49.82 9.76
CA LEU B 196 -4.01 -51.17 10.07
C LEU B 196 -2.78 -51.13 10.96
N PHE B 197 -1.83 -50.24 10.66
CA PHE B 197 -0.64 -50.11 11.49
C PHE B 197 -0.99 -49.75 12.93
N ARG B 198 -2.07 -48.98 13.14
CA ARG B 198 -2.42 -48.57 14.49
C ARG B 198 -3.00 -49.74 15.28
N GLU B 199 -3.66 -50.68 14.61
CA GLU B 199 -4.12 -51.88 15.31
C GLU B 199 -2.96 -52.81 15.60
N TRP B 200 -2.01 -52.92 14.67
CA TRP B 200 -0.91 -53.88 14.83
C TRP B 200 0.08 -53.42 15.90
N PHE B 201 0.45 -52.14 15.90
CA PHE B 201 1.51 -51.61 16.75
C PHE B 201 0.95 -50.49 17.60
N ALA B 202 0.24 -50.86 18.66
CA ALA B 202 -0.36 -49.86 19.55
C ALA B 202 0.68 -49.01 20.28
N GLU B 203 1.94 -49.48 20.35
CA GLU B 203 2.98 -48.71 21.02
C GLU B 203 3.68 -47.72 20.09
N GLN B 204 3.54 -47.87 18.78
CA GLN B 204 4.13 -46.96 17.83
C GLN B 204 3.16 -45.82 17.51
N LYS B 205 3.71 -44.72 17.01
CA LYS B 205 2.94 -43.52 16.73
C LYS B 205 3.22 -43.07 15.30
N ILE B 206 2.15 -42.82 14.54
CA ILE B 206 2.25 -42.37 13.16
C ILE B 206 2.18 -40.85 13.13
N LEU B 207 3.18 -40.23 12.52
CA LEU B 207 3.20 -38.77 12.39
C LEU B 207 2.23 -38.30 11.31
N PHE B 208 2.38 -38.84 10.09
CA PHE B 208 1.49 -38.50 8.99
C PHE B 208 1.52 -39.61 7.95
N SER B 209 0.54 -39.56 7.05
N SER B 209 0.54 -39.57 7.05
CA SER B 209 0.40 -40.54 5.96
CA SER B 209 0.40 -40.54 5.96
C SER B 209 -0.12 -39.76 4.75
C SER B 209 -0.12 -39.76 4.75
N ILE B 210 0.75 -39.47 3.79
CA ILE B 210 0.40 -38.57 2.72
C ILE B 210 1.21 -38.83 1.46
N LEU B 211 0.61 -38.49 0.32
N LEU B 211 0.61 -38.49 0.32
CA LEU B 211 1.29 -38.51 -0.98
CA LEU B 211 1.30 -38.50 -0.97
C LEU B 211 2.56 -37.66 -0.93
C LEU B 211 2.57 -37.68 -0.89
N SER B 212 3.57 -38.10 -1.68
CA SER B 212 4.79 -37.33 -1.87
C SER B 212 4.85 -36.87 -3.33
N ASN B 213 5.20 -35.60 -3.53
CA ASN B 213 5.28 -35.03 -4.87
C ASN B 213 6.62 -35.28 -5.55
N TYR B 214 7.59 -35.86 -4.84
CA TYR B 214 8.91 -36.12 -5.42
C TYR B 214 8.84 -37.46 -6.15
N ALA B 215 8.43 -37.42 -7.41
CA ALA B 215 8.13 -38.63 -8.18
C ALA B 215 9.37 -39.12 -8.90
N THR B 216 10.30 -39.68 -8.11
CA THR B 216 11.54 -40.18 -8.67
C THR B 216 11.34 -41.41 -9.56
N GLU B 217 10.21 -42.10 -9.41
CA GLU B 217 9.88 -43.23 -10.27
C GLU B 217 8.96 -42.83 -11.44
N SER B 218 8.89 -41.53 -11.75
CA SER B 218 8.18 -41.03 -12.93
C SER B 218 9.11 -40.23 -13.82
N VAL B 219 10.40 -40.54 -13.79
CA VAL B 219 11.39 -39.78 -14.54
C VAL B 219 11.35 -40.21 -16.00
N VAL B 220 11.48 -39.22 -16.90
N VAL B 220 11.48 -39.23 -16.90
CA VAL B 220 11.57 -39.45 -18.33
CA VAL B 220 11.58 -39.48 -18.33
C VAL B 220 12.91 -38.90 -18.80
C VAL B 220 12.90 -38.89 -18.81
N THR B 221 13.63 -39.68 -19.60
CA THR B 221 14.89 -39.24 -20.21
C THR B 221 14.68 -39.14 -21.72
N MET B 222 14.97 -37.97 -22.28
CA MET B 222 14.83 -37.72 -23.70
C MET B 222 16.15 -37.19 -24.23
N LYS B 223 16.43 -37.48 -25.51
CA LYS B 223 17.69 -37.08 -26.11
C LYS B 223 17.45 -36.58 -27.53
N THR B 224 18.47 -35.94 -28.07
CA THR B 224 18.43 -35.42 -29.44
C THR B 224 19.84 -35.35 -29.99
N ALA B 225 19.95 -35.48 -31.31
CA ALA B 225 21.23 -35.41 -32.02
C ALA B 225 21.07 -34.45 -33.18
N ILE B 226 21.85 -33.36 -33.18
CA ILE B 226 21.73 -32.30 -34.16
C ILE B 226 23.07 -32.15 -34.87
N PRO B 227 23.13 -32.33 -36.19
CA PRO B 227 24.32 -31.88 -36.93
C PRO B 227 24.60 -30.40 -36.64
N VAL B 228 25.87 -30.10 -36.35
CA VAL B 228 26.24 -28.77 -35.91
C VAL B 228 25.96 -27.72 -36.99
N SER B 229 25.78 -28.15 -38.24
CA SER B 229 25.49 -27.19 -39.32
C SER B 229 24.14 -26.52 -39.13
N ARG B 230 23.21 -27.18 -38.43
CA ARG B 230 21.87 -26.64 -38.23
C ARG B 230 21.82 -25.54 -37.18
N LEU B 231 22.86 -25.39 -36.37
CA LEU B 231 22.85 -24.39 -35.32
C LEU B 231 23.07 -22.98 -35.85
N SER B 232 23.65 -22.82 -37.03
CA SER B 232 24.01 -21.52 -37.56
C SER B 232 23.58 -21.41 -39.01
N LYS B 233 23.05 -20.24 -39.38
CA LYS B 233 22.81 -19.95 -40.78
C LYS B 233 24.11 -19.69 -41.54
N GLY B 234 25.18 -19.35 -40.82
CA GLY B 234 26.48 -19.15 -41.43
C GLY B 234 27.32 -20.42 -41.44
N SER B 235 28.61 -20.28 -41.11
CA SER B 235 29.53 -21.40 -41.15
C SER B 235 30.18 -21.72 -39.81
N ASN B 236 29.85 -20.99 -38.75
CA ASN B 236 30.40 -21.25 -37.42
C ASN B 236 29.46 -22.11 -36.58
N GLY B 237 28.75 -23.04 -37.22
CA GLY B 237 27.81 -23.87 -36.50
C GLY B 237 28.46 -24.78 -35.49
N ARG B 238 29.70 -25.21 -35.77
CA ARG B 238 30.42 -26.04 -34.79
C ARG B 238 30.97 -25.20 -33.66
N GLU B 239 31.32 -23.94 -33.93
CA GLU B 239 31.69 -23.03 -32.85
C GLU B 239 30.54 -22.88 -31.87
N ILE B 240 29.36 -22.52 -32.37
CA ILE B 240 28.19 -22.35 -31.51
C ILE B 240 27.88 -23.64 -30.75
N ALA B 241 28.16 -24.80 -31.36
CA ALA B 241 27.97 -26.06 -30.65
C ALA B 241 28.96 -26.18 -29.50
N GLU B 242 30.22 -25.76 -29.71
CA GLU B 242 31.20 -25.82 -28.64
C GLU B 242 30.83 -24.88 -27.49
N LYS B 243 30.30 -23.71 -27.82
CA LYS B 243 29.94 -22.75 -26.78
C LYS B 243 28.69 -23.19 -26.03
N ILE B 244 27.79 -23.90 -26.70
CA ILE B 244 26.62 -24.45 -26.01
C ILE B 244 27.05 -25.51 -24.99
N VAL B 245 28.04 -26.32 -25.35
CA VAL B 245 28.55 -27.32 -24.42
C VAL B 245 29.25 -26.65 -23.23
N LEU B 246 29.87 -25.49 -23.46
CA LEU B 246 30.51 -24.79 -22.36
C LEU B 246 29.47 -24.17 -21.43
N ALA B 247 28.45 -23.52 -21.99
CA ALA B 247 27.41 -22.92 -21.15
C ALA B 247 26.72 -23.98 -20.30
N SER B 248 26.42 -25.14 -20.90
CA SER B 248 25.77 -26.20 -20.14
C SER B 248 26.68 -26.71 -19.03
N ARG B 249 27.94 -27.00 -19.36
CA ARG B 249 28.90 -27.43 -18.35
C ARG B 249 28.98 -26.42 -17.21
N TYR B 250 28.94 -25.12 -17.55
CA TYR B 250 29.07 -24.11 -16.51
C TYR B 250 27.91 -24.14 -15.54
N ALA B 251 26.72 -24.51 -16.02
CA ALA B 251 25.56 -24.63 -15.13
C ALA B 251 25.80 -25.68 -14.05
N SER B 252 26.56 -26.73 -14.36
CA SER B 252 26.88 -27.76 -13.39
C SER B 252 27.94 -27.32 -12.39
N LEU B 253 28.44 -26.09 -12.50
CA LEU B 253 29.45 -25.55 -11.60
C LEU B 253 28.95 -24.38 -10.76
N ASP B 254 28.20 -23.47 -11.36
CA ASP B 254 27.73 -22.27 -10.67
C ASP B 254 26.22 -22.34 -10.46
N PRO B 255 25.74 -22.46 -9.22
CA PRO B 255 24.28 -22.53 -9.03
C PRO B 255 23.54 -21.32 -9.56
N TYR B 256 24.18 -20.15 -9.60
CA TYR B 256 23.50 -18.95 -10.09
C TYR B 256 23.19 -19.03 -11.57
N ARG B 257 23.92 -19.87 -12.32
CA ARG B 257 23.55 -20.15 -13.69
C ARG B 257 22.62 -21.35 -13.80
N ALA B 258 22.77 -22.34 -12.93
CA ALA B 258 21.92 -23.53 -12.97
C ALA B 258 20.46 -23.17 -12.74
N VAL B 259 20.19 -22.21 -11.85
CA VAL B 259 18.81 -21.79 -11.61
C VAL B 259 18.22 -21.16 -12.86
N THR B 260 19.01 -20.29 -13.52
CA THR B 260 18.55 -19.67 -14.76
C THR B 260 18.45 -20.70 -15.88
N HIS B 261 19.45 -21.57 -16.00
CA HIS B 261 19.40 -22.64 -16.98
C HIS B 261 18.13 -23.48 -16.83
N ASN B 262 17.82 -23.88 -15.59
CA ASN B 262 16.61 -24.67 -15.37
C ASN B 262 15.35 -23.83 -15.50
N LYS B 263 15.40 -22.57 -15.09
CA LYS B 263 14.25 -21.69 -15.30
C LYS B 263 13.85 -21.65 -16.77
N GLY B 264 14.84 -21.55 -17.66
CA GLY B 264 14.54 -21.53 -19.08
C GLY B 264 13.88 -22.82 -19.55
N ILE B 265 14.29 -23.95 -18.98
CA ILE B 265 13.65 -25.21 -19.30
C ILE B 265 12.18 -25.18 -18.88
N MET B 266 11.91 -24.65 -17.68
CA MET B 266 10.55 -24.67 -17.15
C MET B 266 9.65 -23.67 -17.87
N ASN B 267 10.21 -22.65 -18.53
CA ASN B 267 9.39 -21.79 -19.38
C ASN B 267 8.58 -22.63 -20.37
N GLY B 268 9.20 -23.67 -20.92
CA GLY B 268 8.50 -24.56 -21.82
C GLY B 268 7.65 -25.58 -21.08
N ILE B 269 8.25 -26.27 -20.12
CA ILE B 269 7.53 -27.34 -19.42
C ILE B 269 6.30 -26.78 -18.73
N GLU B 270 6.46 -25.69 -17.98
CA GLU B 270 5.33 -25.14 -17.24
C GLU B 270 4.25 -24.63 -18.19
N ALA B 271 4.65 -24.13 -19.37
CA ALA B 271 3.66 -23.65 -20.33
C ALA B 271 2.73 -24.77 -20.77
N VAL B 272 3.28 -25.95 -21.04
CA VAL B 272 2.44 -27.09 -21.42
C VAL B 272 1.67 -27.61 -20.21
N VAL B 273 2.35 -27.73 -19.07
CA VAL B 273 1.69 -28.19 -17.85
C VAL B 273 0.47 -27.32 -17.56
N LEU B 274 0.63 -26.00 -17.65
CA LEU B 274 -0.48 -25.11 -17.39
C LEU B 274 -1.58 -25.27 -18.43
N ALA B 275 -1.20 -25.33 -19.72
CA ALA B 275 -2.20 -25.41 -20.78
C ALA B 275 -3.06 -26.65 -20.66
N THR B 276 -2.49 -27.75 -20.17
CA THR B 276 -3.20 -29.03 -20.09
C THR B 276 -3.93 -29.23 -18.76
N GLY B 277 -3.96 -28.21 -17.91
CA GLY B 277 -4.67 -28.33 -16.65
C GLY B 277 -3.97 -29.15 -15.60
N ASN B 278 -2.66 -29.33 -15.70
CA ASN B 278 -1.89 -30.07 -14.71
C ASN B 278 -1.43 -29.14 -13.58
N ASP B 279 -0.91 -29.75 -12.52
CA ASP B 279 -0.48 -29.04 -11.32
C ASP B 279 0.92 -28.46 -11.55
N THR B 280 0.99 -27.13 -11.70
CA THR B 280 2.28 -26.51 -11.97
C THR B 280 3.22 -26.59 -10.78
N ARG B 281 2.70 -26.51 -9.55
CA ARG B 281 3.58 -26.55 -8.38
C ARG B 281 4.22 -27.91 -8.23
N ALA B 282 3.47 -28.98 -8.48
CA ALA B 282 4.01 -30.33 -8.32
C ALA B 282 5.17 -30.57 -9.28
N VAL B 283 5.00 -30.17 -10.54
CA VAL B 283 6.05 -30.38 -11.53
C VAL B 283 7.27 -29.51 -11.21
N SER B 284 7.04 -28.27 -10.80
CA SER B 284 8.15 -27.38 -10.48
C SER B 284 8.95 -27.93 -9.31
N ALA B 285 8.26 -28.35 -8.25
CA ALA B 285 8.95 -28.84 -7.06
C ALA B 285 9.76 -30.08 -7.37
N SER B 286 9.17 -31.05 -8.07
CA SER B 286 9.88 -32.29 -8.34
C SER B 286 11.06 -32.06 -9.27
N CYS B 287 10.89 -31.22 -10.29
CA CYS B 287 11.97 -31.00 -11.25
C CYS B 287 13.16 -30.30 -10.62
N HIS B 288 12.91 -29.26 -9.82
CA HIS B 288 14.02 -28.51 -9.22
C HIS B 288 14.73 -29.33 -8.15
N ALA B 289 13.97 -30.12 -7.38
CA ALA B 289 14.61 -31.00 -6.41
C ALA B 289 15.45 -32.06 -7.10
N PHE B 290 14.95 -32.59 -8.22
CA PHE B 290 15.71 -33.58 -8.97
C PHE B 290 17.00 -33.00 -9.55
N ALA B 291 17.07 -31.68 -9.68
CA ALA B 291 18.29 -31.03 -10.15
C ALA B 291 19.43 -31.14 -9.16
N VAL B 292 19.16 -31.54 -7.92
CA VAL B 292 20.19 -31.64 -6.90
C VAL B 292 20.88 -32.99 -7.05
N LYS B 293 22.11 -32.97 -7.56
CA LYS B 293 22.93 -34.17 -7.71
C LYS B 293 24.30 -33.90 -7.09
N GLU B 294 24.80 -34.88 -6.35
CA GLU B 294 26.07 -34.75 -5.64
C GLU B 294 26.03 -33.55 -4.68
N GLY B 295 24.88 -33.35 -4.05
CA GLY B 295 24.72 -32.28 -3.10
C GLY B 295 24.80 -30.89 -3.67
N ARG B 296 24.65 -30.74 -4.98
CA ARG B 296 24.75 -29.44 -5.63
C ARG B 296 23.60 -29.28 -6.62
N TYR B 297 22.90 -28.16 -6.52
CA TYR B 297 21.87 -27.80 -7.50
C TYR B 297 22.54 -27.57 -8.85
N GLN B 298 22.23 -28.42 -9.83
CA GLN B 298 22.87 -28.37 -11.14
C GLN B 298 21.80 -28.34 -12.23
N GLY B 299 22.25 -28.28 -13.48
CA GLY B 299 21.33 -28.25 -14.59
C GLY B 299 20.64 -29.58 -14.80
N LEU B 300 19.46 -29.54 -15.40
CA LEU B 300 18.67 -30.73 -15.68
C LEU B 300 18.91 -31.30 -17.07
N THR B 301 19.77 -30.66 -17.87
CA THR B 301 20.12 -31.14 -19.18
C THR B 301 21.64 -31.24 -19.29
N SER B 302 22.11 -32.06 -20.21
CA SER B 302 23.52 -32.21 -20.51
C SER B 302 23.72 -32.08 -22.01
N TRP B 303 24.72 -31.30 -22.41
CA TRP B 303 25.04 -31.09 -23.81
C TRP B 303 26.51 -31.42 -24.03
N THR B 304 26.77 -32.29 -25.01
CA THR B 304 28.13 -32.70 -25.36
C THR B 304 28.26 -32.72 -26.87
N LEU B 305 29.51 -32.70 -27.34
CA LEU B 305 29.81 -32.66 -28.77
C LEU B 305 30.45 -33.98 -29.18
N ASP B 306 29.76 -34.73 -30.04
CA ASP B 306 30.22 -36.03 -30.53
C ASP B 306 30.51 -35.89 -32.03
N GLY B 307 31.75 -35.55 -32.35
CA GLY B 307 32.14 -35.37 -33.73
C GLY B 307 31.53 -34.12 -34.35
N GLU B 308 30.67 -34.30 -35.35
CA GLU B 308 29.96 -33.21 -36.00
C GLU B 308 28.48 -33.20 -35.64
N GLN B 309 28.15 -33.65 -34.42
CA GLN B 309 26.77 -33.71 -33.97
C GLN B 309 26.71 -33.29 -32.50
N LEU B 310 25.88 -32.28 -32.21
CA LEU B 310 25.63 -31.85 -30.85
C LEU B 310 24.56 -32.75 -30.23
N ILE B 311 24.87 -33.32 -29.07
CA ILE B 311 24.02 -34.29 -28.40
C ILE B 311 23.42 -33.65 -27.15
N GLY B 312 22.10 -33.62 -27.08
CA GLY B 312 21.41 -33.08 -25.93
C GLY B 312 20.59 -34.16 -25.24
N GLU B 313 20.48 -34.04 -23.90
CA GLU B 313 19.74 -35.00 -23.11
C GLU B 313 19.11 -34.30 -21.92
N ILE B 314 17.90 -34.72 -21.57
CA ILE B 314 17.18 -34.19 -20.42
C ILE B 314 16.64 -35.34 -19.61
N SER B 315 16.54 -35.14 -18.29
CA SER B 315 16.00 -36.15 -17.39
C SER B 315 15.23 -35.42 -16.29
N VAL B 316 13.90 -35.58 -16.27
CA VAL B 316 13.06 -34.86 -15.33
C VAL B 316 11.96 -35.78 -14.78
N PRO B 317 11.58 -35.64 -13.52
CA PRO B 317 10.40 -36.36 -13.00
C PRO B 317 9.13 -35.64 -13.43
N LEU B 318 8.31 -36.33 -14.22
CA LEU B 318 7.09 -35.75 -14.79
C LEU B 318 5.92 -36.70 -14.51
N ALA B 319 5.35 -36.57 -13.32
CA ALA B 319 4.14 -37.32 -12.95
C ALA B 319 2.91 -36.52 -13.39
N LEU B 320 2.79 -36.36 -14.70
CA LEU B 320 1.71 -35.58 -15.27
C LEU B 320 0.45 -36.43 -15.42
N ALA B 321 -0.66 -35.77 -15.76
CA ALA B 321 -1.96 -36.41 -15.78
C ALA B 321 -2.70 -36.05 -17.06
N THR B 322 -3.50 -37.01 -17.56
CA THR B 322 -4.47 -36.74 -18.60
C THR B 322 -5.90 -36.82 -18.10
N VAL B 323 -6.11 -37.24 -16.85
CA VAL B 323 -7.44 -37.29 -16.24
C VAL B 323 -7.35 -36.81 -14.80
N GLY B 324 -8.49 -36.38 -14.27
CA GLY B 324 -8.56 -35.92 -12.90
C GLY B 324 -8.02 -34.50 -12.74
N GLY B 325 -8.19 -33.99 -11.52
CA GLY B 325 -7.72 -32.64 -11.23
C GLY B 325 -8.44 -31.63 -12.09
N ALA B 326 -7.67 -30.88 -12.87
CA ALA B 326 -8.22 -29.86 -13.77
C ALA B 326 -8.01 -30.19 -15.24
N THR B 327 -7.66 -31.45 -15.56
CA THR B 327 -7.37 -31.82 -16.94
C THR B 327 -8.63 -31.87 -17.80
N LYS B 328 -9.80 -31.98 -17.19
CA LYS B 328 -11.06 -32.06 -17.93
C LYS B 328 -12.07 -31.01 -17.49
N VAL B 329 -12.13 -30.70 -16.19
CA VAL B 329 -13.16 -29.79 -15.70
C VAL B 329 -13.00 -28.40 -16.32
N LEU B 330 -11.78 -28.01 -16.67
CA LEU B 330 -11.54 -26.72 -17.32
C LEU B 330 -11.67 -26.89 -18.83
N PRO B 331 -12.68 -26.28 -19.47
CA PRO B 331 -12.84 -26.50 -20.93
C PRO B 331 -11.59 -26.23 -21.74
N LYS B 332 -10.82 -25.19 -21.39
CA LYS B 332 -9.59 -24.92 -22.13
C LYS B 332 -8.60 -26.08 -22.01
N SER B 333 -8.64 -26.83 -20.91
CA SER B 333 -7.76 -27.99 -20.80
C SER B 333 -8.14 -29.06 -21.82
N GLN B 334 -9.43 -29.33 -21.98
CA GLN B 334 -9.86 -30.28 -23.01
C GLN B 334 -9.48 -29.78 -24.41
N ALA B 335 -9.68 -28.48 -24.66
CA ALA B 335 -9.28 -27.92 -25.95
C ALA B 335 -7.79 -28.13 -26.19
N ALA B 336 -6.97 -27.81 -25.19
CA ALA B 336 -5.53 -28.01 -25.34
C ALA B 336 -5.22 -29.49 -25.56
N ALA B 337 -5.92 -30.38 -24.86
CA ALA B 337 -5.71 -31.81 -25.07
C ALA B 337 -6.02 -32.21 -26.50
N ASP B 338 -7.10 -31.67 -27.07
CA ASP B 338 -7.43 -31.94 -28.46
C ASP B 338 -6.28 -31.58 -29.38
N LEU B 339 -5.74 -30.37 -29.23
CA LEU B 339 -4.65 -29.92 -30.07
C LEU B 339 -3.44 -30.84 -29.95
N LEU B 340 -3.03 -31.15 -28.71
CA LEU B 340 -1.84 -31.97 -28.51
C LEU B 340 -2.09 -33.42 -28.91
N ALA B 341 -3.28 -33.95 -28.59
CA ALA B 341 -3.69 -35.29 -28.97
C ALA B 341 -2.66 -36.34 -28.52
N VAL B 342 -2.59 -36.52 -27.21
CA VAL B 342 -1.77 -37.55 -26.59
C VAL B 342 -2.67 -38.66 -26.09
N THR B 343 -2.21 -39.90 -26.22
CA THR B 343 -3.05 -41.04 -25.88
C THR B 343 -3.08 -41.33 -24.39
N ASP B 344 -1.98 -41.11 -23.68
CA ASP B 344 -1.91 -41.43 -22.26
C ASP B 344 -0.93 -40.49 -21.56
N ALA B 345 -0.92 -40.57 -20.23
CA ALA B 345 -0.07 -39.68 -19.45
C ALA B 345 1.40 -39.93 -19.71
N LYS B 346 1.78 -41.20 -19.94
CA LYS B 346 3.17 -41.50 -20.24
C LYS B 346 3.64 -40.76 -21.50
N GLU B 347 2.81 -40.78 -22.54
CA GLU B 347 3.15 -40.02 -23.75
C GLU B 347 3.24 -38.53 -23.44
N LEU B 348 2.27 -38.00 -22.68
CA LEU B 348 2.31 -36.58 -22.31
C LEU B 348 3.65 -36.23 -21.69
N SER B 349 4.14 -37.06 -20.77
CA SER B 349 5.42 -36.78 -20.11
C SER B 349 6.57 -36.77 -21.11
N ARG B 350 6.54 -37.68 -22.08
CA ARG B 350 7.58 -37.71 -23.10
C ARG B 350 7.58 -36.42 -23.91
N VAL B 351 6.40 -35.97 -24.35
CA VAL B 351 6.31 -34.74 -25.12
C VAL B 351 6.79 -33.55 -24.30
N VAL B 352 6.36 -33.47 -23.04
CA VAL B 352 6.70 -32.32 -22.20
C VAL B 352 8.20 -32.29 -21.93
N ALA B 353 8.82 -33.46 -21.71
CA ALA B 353 10.25 -33.50 -21.49
C ALA B 353 11.01 -33.08 -22.74
N ALA B 354 10.54 -33.50 -23.91
CA ALA B 354 11.16 -33.05 -25.15
C ALA B 354 11.03 -31.54 -25.31
N VAL B 355 9.85 -30.99 -24.98
CA VAL B 355 9.67 -29.54 -24.98
C VAL B 355 10.72 -28.88 -24.11
N GLY B 356 11.02 -29.46 -22.95
CA GLY B 356 12.02 -28.87 -22.07
C GLY B 356 13.39 -28.82 -22.70
N LEU B 357 13.76 -29.87 -23.44
CA LEU B 357 15.08 -29.91 -24.05
C LEU B 357 15.18 -28.95 -25.22
N ALA B 358 14.13 -28.88 -26.05
CA ALA B 358 14.10 -27.92 -27.16
C ALA B 358 14.19 -26.50 -26.63
N GLN B 359 13.40 -26.18 -25.60
CA GLN B 359 13.44 -24.84 -25.02
C GLN B 359 14.84 -24.52 -24.51
N ASN B 360 15.52 -25.53 -23.94
CA ASN B 360 16.87 -25.32 -23.45
C ASN B 360 17.85 -25.08 -24.60
N LEU B 361 17.70 -25.83 -25.68
CA LEU B 361 18.54 -25.63 -26.85
C LEU B 361 18.40 -24.22 -27.40
N ALA B 362 17.16 -23.76 -27.56
CA ALA B 362 16.93 -22.42 -28.10
C ALA B 362 17.52 -21.35 -27.18
N ALA B 363 17.42 -21.56 -25.87
CA ALA B 363 17.95 -20.58 -24.93
C ALA B 363 19.47 -20.57 -24.94
N LEU B 364 20.09 -21.75 -24.95
CA LEU B 364 21.55 -21.81 -24.93
C LEU B 364 22.16 -21.31 -26.23
N ARG B 365 21.59 -21.71 -27.38
CA ARG B 365 22.09 -21.21 -28.66
C ARG B 365 22.07 -19.69 -28.68
N ALA B 366 20.98 -19.08 -28.19
CA ALA B 366 20.89 -17.63 -28.19
C ALA B 366 21.82 -16.99 -27.17
N LEU B 367 22.06 -17.68 -26.04
CA LEU B 367 22.92 -17.11 -25.01
C LEU B 367 24.35 -16.95 -25.51
N VAL B 368 24.85 -17.94 -26.26
CA VAL B 368 26.24 -17.92 -26.69
C VAL B 368 26.41 -17.14 -27.99
N SER B 369 25.43 -17.16 -28.89
CA SER B 369 25.53 -16.41 -30.14
C SER B 369 25.64 -14.91 -29.88
N GLU B 370 25.08 -14.43 -28.76
CA GLU B 370 25.21 -13.03 -28.42
C GLU B 370 26.65 -12.66 -28.09
N GLY B 371 27.36 -13.57 -27.41
CA GLY B 371 28.73 -13.30 -27.00
C GLY B 371 29.72 -13.22 -28.14
N ILE B 372 29.43 -13.89 -29.26
CA ILE B 372 30.30 -13.84 -30.43
C ILE B 372 30.35 -12.42 -30.98
N ASN C 11 -35.98 32.44 0.41
CA ASN C 11 -35.25 31.18 0.26
C ASN C 11 -35.93 30.06 1.05
N SER C 12 -37.26 30.07 1.05
CA SER C 12 -38.00 29.05 1.77
C SER C 12 -37.81 27.67 1.15
N ARG C 13 -38.02 27.55 -0.16
CA ARG C 13 -37.90 26.28 -0.86
C ARG C 13 -36.57 26.13 -1.58
N PHE C 14 -35.57 26.93 -1.21
CA PHE C 14 -34.24 26.78 -1.80
C PHE C 14 -33.71 25.36 -1.60
N TYR C 15 -34.02 24.75 -0.45
CA TYR C 15 -33.49 23.43 -0.13
C TYR C 15 -34.06 22.34 -1.02
N GLN C 16 -35.19 22.59 -1.68
CA GLN C 16 -35.79 21.63 -2.60
C GLN C 16 -35.39 21.86 -4.05
N MET C 17 -35.03 23.09 -4.42
CA MET C 17 -34.67 23.38 -5.79
C MET C 17 -33.51 22.49 -6.24
N SER C 18 -33.47 22.23 -7.55
CA SER C 18 -32.30 21.61 -8.14
C SER C 18 -31.15 22.60 -8.17
N PRO C 19 -29.91 22.13 -8.33
CA PRO C 19 -28.80 23.07 -8.48
C PRO C 19 -29.05 24.10 -9.56
N GLU C 20 -29.61 23.69 -10.69
CA GLU C 20 -29.85 24.62 -11.79
C GLU C 20 -30.89 25.67 -11.39
N GLU C 21 -31.96 25.25 -10.71
CA GLU C 21 -32.97 26.20 -10.25
C GLU C 21 -32.37 27.18 -9.25
N ARG C 22 -31.51 26.69 -8.36
CA ARG C 22 -30.87 27.56 -7.38
C ARG C 22 -30.09 28.67 -8.08
N LEU C 23 -29.24 28.30 -9.03
CA LEU C 23 -28.46 29.30 -9.75
C LEU C 23 -29.37 30.27 -10.51
N ALA C 24 -30.45 29.75 -11.11
CA ALA C 24 -31.38 30.63 -11.82
C ALA C 24 -32.04 31.62 -10.86
N SER C 25 -32.45 31.14 -9.68
CA SER C 25 -33.03 32.05 -8.69
C SER C 25 -32.03 33.12 -8.27
N LEU C 26 -30.77 32.75 -8.05
CA LEU C 26 -29.77 33.72 -7.63
C LEU C 26 -29.55 34.79 -8.70
N LEU C 27 -29.49 34.39 -9.96
CA LEU C 27 -29.29 35.35 -11.04
C LEU C 27 -30.49 36.27 -11.19
N ASN C 28 -31.70 35.71 -11.16
CA ASN C 28 -32.90 36.50 -11.40
C ASN C 28 -33.14 37.50 -10.27
N GLU C 29 -32.82 37.14 -9.03
CA GLU C 29 -32.92 38.05 -7.91
C GLU C 29 -31.75 39.02 -7.82
N GLY C 30 -30.85 39.02 -8.80
CA GLY C 30 -29.73 39.95 -8.80
C GLY C 30 -28.62 39.63 -7.83
N GLN C 31 -28.63 38.46 -7.19
CA GLN C 31 -27.61 38.13 -6.21
C GLN C 31 -26.28 37.78 -6.88
N ILE C 32 -26.30 37.33 -8.13
CA ILE C 32 -25.07 36.99 -8.85
C ILE C 32 -25.19 37.52 -10.27
N SER C 33 -24.04 37.81 -10.87
CA SER C 33 -24.00 38.26 -12.26
C SER C 33 -24.05 37.05 -13.20
N ALA C 34 -24.10 37.35 -14.51
CA ALA C 34 -24.13 36.29 -15.50
C ALA C 34 -22.80 35.57 -15.58
N ASP C 35 -21.69 36.31 -15.51
CA ASP C 35 -20.38 35.67 -15.53
C ASP C 35 -20.16 34.83 -14.28
N THR C 36 -20.75 35.23 -13.15
CA THR C 36 -20.64 34.44 -11.94
C THR C 36 -21.41 33.12 -12.08
N LYS C 37 -22.64 33.20 -12.57
CA LYS C 37 -23.42 31.98 -12.78
C LYS C 37 -22.70 31.03 -13.73
N LYS C 38 -22.10 31.57 -14.79
CA LYS C 38 -21.41 30.72 -15.75
C LYS C 38 -20.19 30.06 -15.13
N GLU C 39 -19.53 30.71 -14.17
CA GLU C 39 -18.40 30.07 -13.51
C GLU C 39 -18.86 29.01 -12.53
N PHE C 40 -19.95 29.27 -11.79
CA PHE C 40 -20.52 28.24 -10.93
C PHE C 40 -20.92 27.00 -11.72
N GLU C 41 -21.27 27.18 -12.99
CA GLU C 41 -21.66 26.05 -13.84
C GLU C 41 -20.45 25.29 -14.40
N ASN C 42 -19.28 25.91 -14.40
CA ASN C 42 -18.05 25.26 -14.87
C ASN C 42 -17.55 24.31 -13.80
N THR C 43 -18.08 23.09 -13.81
CA THR C 43 -17.79 22.10 -12.79
C THR C 43 -17.29 20.81 -13.43
N ALA C 44 -16.47 20.08 -12.67
CA ALA C 44 -15.97 18.79 -13.09
C ALA C 44 -16.48 17.64 -12.23
N LEU C 45 -16.98 17.92 -11.03
CA LEU C 45 -17.59 16.90 -10.17
C LEU C 45 -19.06 16.73 -10.55
N SER C 46 -19.46 15.48 -10.78
CA SER C 46 -20.83 15.18 -11.17
C SER C 46 -21.82 15.92 -10.28
N SER C 47 -22.77 16.62 -10.92
CA SER C 47 -23.80 17.32 -10.17
C SER C 47 -24.61 16.37 -9.28
N GLN C 48 -24.78 15.12 -9.73
CA GLN C 48 -25.54 14.16 -8.94
C GLN C 48 -24.80 13.80 -7.66
N ILE C 49 -23.48 13.59 -7.74
CA ILE C 49 -22.68 13.38 -6.55
C ILE C 49 -22.73 14.60 -5.65
N ALA C 50 -22.42 15.78 -6.22
CA ALA C 50 -22.29 16.99 -5.41
C ALA C 50 -23.59 17.32 -4.70
N ASN C 51 -24.74 17.13 -5.38
CA ASN C 51 -26.01 17.53 -4.80
C ASN C 51 -26.45 16.61 -3.67
N HIS C 52 -25.98 15.36 -3.65
CA HIS C 52 -26.33 14.45 -2.56
C HIS C 52 -25.33 14.46 -1.41
N MET C 53 -24.13 15.01 -1.63
CA MET C 53 -23.15 15.08 -0.55
C MET C 53 -23.49 16.19 0.44
N ILE C 54 -23.93 17.35 -0.06
CA ILE C 54 -24.15 18.52 0.77
C ILE C 54 -25.53 19.09 0.45
N GLU C 55 -25.93 20.08 1.24
CA GLU C 55 -27.23 20.72 1.09
C GLU C 55 -27.07 22.07 0.40
N ASN C 56 -28.14 22.52 -0.25
CA ASN C 56 -28.16 23.78 -0.98
C ASN C 56 -27.03 23.88 -1.99
N GLN C 57 -26.65 22.74 -2.57
CA GLN C 57 -25.50 22.70 -3.47
C GLN C 57 -25.76 23.52 -4.73
N ILE C 58 -24.73 24.23 -5.19
CA ILE C 58 -24.85 25.04 -6.41
C ILE C 58 -23.63 24.89 -7.30
N SER C 59 -22.47 24.54 -6.73
CA SER C 59 -21.27 24.50 -7.55
C SER C 59 -20.19 23.70 -6.82
N GLU C 60 -18.93 24.09 -7.02
CA GLU C 60 -17.79 23.41 -6.42
C GLU C 60 -16.64 24.38 -6.31
N THR C 61 -15.74 24.09 -5.37
CA THR C 61 -14.45 24.76 -5.28
C THR C 61 -13.40 23.82 -5.85
N GLU C 62 -12.51 24.36 -6.69
CA GLU C 62 -11.43 23.60 -7.29
C GLU C 62 -10.11 24.00 -6.63
N VAL C 63 -9.41 23.03 -6.06
CA VAL C 63 -8.12 23.24 -5.43
C VAL C 63 -7.07 22.55 -6.29
N PRO C 64 -6.09 23.27 -6.85
CA PRO C 64 -5.04 22.60 -7.62
C PRO C 64 -4.42 21.46 -6.83
N MET C 65 -4.08 20.39 -7.53
CA MET C 65 -3.46 19.20 -6.95
C MET C 65 -2.15 18.93 -7.67
N GLY C 66 -1.09 18.72 -6.89
CA GLY C 66 0.21 18.38 -7.44
C GLY C 66 0.81 17.18 -6.72
N VAL C 67 2.06 16.86 -7.02
CA VAL C 67 2.71 15.65 -6.56
C VAL C 67 3.95 16.01 -5.75
N GLY C 68 3.93 15.66 -4.46
CA GLY C 68 5.13 15.78 -3.65
C GLY C 68 6.10 14.65 -3.97
N LEU C 69 7.36 15.00 -4.13
CA LEU C 69 8.38 14.07 -4.59
C LEU C 69 9.41 13.81 -3.50
N HIS C 70 10.11 12.68 -3.65
CA HIS C 70 11.29 12.30 -2.90
C HIS C 70 11.01 11.83 -1.48
N LEU C 71 9.75 11.69 -1.09
CA LEU C 71 9.44 11.22 0.25
C LEU C 71 9.72 9.72 0.35
N THR C 72 10.43 9.32 1.41
CA THR C 72 10.70 7.92 1.70
C THR C 72 10.40 7.70 3.18
N VAL C 73 9.51 6.75 3.47
CA VAL C 73 9.09 6.46 4.82
C VAL C 73 9.28 4.96 5.07
N ASP C 74 10.11 4.63 6.05
CA ASP C 74 10.41 3.24 6.38
C ASP C 74 10.90 2.49 5.14
N GLU C 75 11.82 3.13 4.41
CA GLU C 75 12.50 2.58 3.25
C GLU C 75 11.58 2.37 2.05
N THR C 76 10.38 2.93 2.08
CA THR C 76 9.42 2.81 0.99
C THR C 76 9.21 4.16 0.33
N ASP C 77 9.30 4.21 -0.99
CA ASP C 77 9.09 5.45 -1.73
C ASP C 77 7.61 5.69 -1.95
N TYR C 78 7.24 6.98 -1.93
CA TYR C 78 5.87 7.40 -2.14
C TYR C 78 5.83 8.55 -3.12
N LEU C 79 4.64 8.74 -3.72
CA LEU C 79 4.30 9.92 -4.52
C LEU C 79 3.06 10.53 -3.85
N VAL C 80 3.21 11.73 -3.33
CA VAL C 80 2.24 12.30 -2.38
C VAL C 80 1.30 13.22 -3.16
N PRO C 81 0.01 12.90 -3.26
CA PRO C 81 -0.95 13.87 -3.80
C PRO C 81 -1.17 15.00 -2.80
N MET C 82 -1.05 16.24 -3.27
CA MET C 82 -1.15 17.41 -2.42
C MET C 82 -2.07 18.42 -3.09
N ALA C 83 -3.20 18.67 -2.45
CA ALA C 83 -4.19 19.64 -2.93
C ALA C 83 -4.00 20.92 -2.12
N THR C 84 -3.54 21.99 -2.78
CA THR C 84 -3.32 23.25 -2.10
C THR C 84 -3.47 24.40 -3.09
N GLU C 85 -3.83 25.56 -2.56
CA GLU C 85 -3.89 26.78 -3.34
C GLU C 85 -2.69 27.69 -3.11
N GLU C 86 -1.73 27.26 -2.29
CA GLU C 86 -0.61 28.12 -1.89
C GLU C 86 0.64 27.73 -2.67
N PRO C 87 1.26 28.65 -3.41
CA PRO C 87 2.51 28.29 -4.10
C PRO C 87 3.65 28.01 -3.12
N SER C 88 4.60 27.20 -3.61
CA SER C 88 5.84 26.86 -2.91
C SER C 88 5.66 25.68 -1.96
N VAL C 89 4.42 25.34 -1.61
CA VAL C 89 4.20 24.29 -0.61
C VAL C 89 4.69 22.95 -1.15
N ILE C 90 4.29 22.60 -2.37
CA ILE C 90 4.64 21.29 -2.90
C ILE C 90 6.14 21.21 -3.21
N ALA C 91 6.71 22.29 -3.73
CA ALA C 91 8.15 22.27 -3.99
C ALA C 91 8.94 22.20 -2.69
N ALA C 92 8.48 22.91 -1.65
CA ALA C 92 9.16 22.86 -0.37
C ALA C 92 9.09 21.46 0.25
N LEU C 93 7.93 20.81 0.14
CA LEU C 93 7.83 19.43 0.60
C LEU C 93 8.83 18.55 -0.14
N SER C 94 8.88 18.66 -1.46
CA SER C 94 9.79 17.83 -2.24
C SER C 94 11.23 18.10 -1.86
N ASN C 95 11.61 19.37 -1.70
CA ASN C 95 12.99 19.70 -1.35
C ASN C 95 13.32 19.20 0.06
N GLY C 96 12.42 19.41 1.02
CA GLY C 96 12.67 18.90 2.36
C GLY C 96 12.82 17.40 2.39
N ALA C 97 11.97 16.70 1.64
CA ALA C 97 12.07 15.23 1.58
C ALA C 97 13.39 14.81 0.94
N LYS C 98 13.82 15.51 -0.11
CA LYS C 98 15.08 15.17 -0.75
C LYS C 98 16.26 15.34 0.21
N ILE C 99 16.25 16.41 1.00
CA ILE C 99 17.32 16.64 1.97
C ILE C 99 17.29 15.57 3.06
N ALA C 100 16.10 15.24 3.55
CA ALA C 100 16.01 14.29 4.66
C ALA C 100 16.35 12.87 4.22
N GLN C 101 16.15 12.55 2.94
CA GLN C 101 16.42 11.23 2.38
C GLN C 101 15.40 10.18 2.82
N GLY C 102 15.03 10.16 4.10
CA GLY C 102 14.06 9.20 4.57
C GLY C 102 13.60 9.51 5.96
N PHE C 103 12.47 8.91 6.33
CA PHE C 103 11.84 9.08 7.63
C PHE C 103 11.55 7.72 8.21
N LYS C 104 11.59 7.62 9.54
CA LYS C 104 11.40 6.36 10.25
C LYS C 104 10.34 6.53 11.32
N THR C 105 9.50 5.51 11.47
CA THR C 105 8.45 5.51 12.48
C THR C 105 9.08 5.22 13.84
N VAL C 106 8.68 6.01 14.84
CA VAL C 106 9.12 5.80 16.22
C VAL C 106 8.08 5.03 17.02
N ASN C 107 6.82 5.45 16.95
CA ASN C 107 5.72 4.76 17.58
C ASN C 107 4.44 5.13 16.85
N GLN C 108 3.41 4.32 17.04
CA GLN C 108 2.13 4.60 16.44
C GLN C 108 1.04 3.85 17.19
N GLN C 109 -0.09 4.52 17.40
CA GLN C 109 -1.31 3.92 17.90
C GLN C 109 -2.43 4.37 16.98
N ARG C 110 -3.52 3.59 16.95
CA ARG C 110 -4.68 3.98 16.15
C ARG C 110 -5.95 3.49 16.85
N LEU C 111 -6.53 4.36 17.67
CA LEU C 111 -7.84 4.13 18.25
C LEU C 111 -8.58 5.45 18.29
N MET C 112 -9.87 5.42 17.93
N MET C 112 -9.86 5.43 17.92
CA MET C 112 -10.71 6.61 18.01
CA MET C 112 -10.69 6.62 18.02
C MET C 112 -11.26 6.75 19.43
C MET C 112 -11.26 6.76 19.42
N ARG C 113 -11.74 7.95 19.74
CA ARG C 113 -12.20 8.31 21.07
C ARG C 113 -13.65 8.77 21.04
N GLY C 114 -14.45 8.26 21.99
CA GLY C 114 -15.79 8.76 22.21
C GLY C 114 -16.03 8.91 23.70
N GLN C 115 -17.11 9.60 24.04
CA GLN C 115 -17.38 9.88 25.45
C GLN C 115 -18.89 9.96 25.69
N ILE C 116 -19.31 9.42 26.84
CA ILE C 116 -20.67 9.55 27.35
C ILE C 116 -20.54 10.35 28.64
N VAL C 117 -21.03 11.59 28.63
CA VAL C 117 -20.81 12.52 29.73
C VAL C 117 -22.08 12.64 30.55
N PHE C 118 -22.00 12.29 31.84
CA PHE C 118 -23.09 12.51 32.77
C PHE C 118 -23.04 13.94 33.32
N TYR C 119 -24.19 14.40 33.81
CA TYR C 119 -24.27 15.72 34.44
C TYR C 119 -25.20 15.65 35.64
N ASP C 120 -24.95 16.56 36.60
CA ASP C 120 -25.69 16.61 37.86
C ASP C 120 -25.55 15.29 38.63
N VAL C 121 -24.29 14.93 38.88
CA VAL C 121 -23.95 13.72 39.61
C VAL C 121 -23.48 14.12 41.00
N ALA C 122 -24.20 13.65 42.03
CA ALA C 122 -23.87 14.04 43.39
C ALA C 122 -22.54 13.46 43.83
N ASP C 123 -22.34 12.16 43.63
CA ASP C 123 -21.10 11.47 44.01
C ASP C 123 -20.46 10.91 42.74
N PRO C 124 -19.61 11.70 42.07
CA PRO C 124 -18.96 11.18 40.84
C PRO C 124 -18.26 9.85 41.03
N GLU C 125 -17.43 9.73 42.07
CA GLU C 125 -16.64 8.52 42.25
C GLU C 125 -17.50 7.30 42.53
N SER C 126 -18.73 7.48 42.99
CA SER C 126 -19.61 6.34 43.23
C SER C 126 -20.18 5.81 41.93
N LEU C 127 -20.66 6.70 41.05
CA LEU C 127 -21.11 6.28 39.73
C LEU C 127 -19.99 5.59 38.97
N ILE C 128 -18.76 6.10 39.11
CA ILE C 128 -17.63 5.50 38.41
C ILE C 128 -17.36 4.10 38.94
N ASP C 129 -17.40 3.91 40.26
CA ASP C 129 -17.16 2.59 40.82
C ASP C 129 -18.23 1.60 40.40
N LYS C 130 -19.48 2.06 40.29
CA LYS C 130 -20.55 1.18 39.84
C LYS C 130 -20.38 0.79 38.38
N LEU C 131 -19.90 1.72 37.55
CA LEU C 131 -19.68 1.41 36.14
C LEU C 131 -18.50 0.47 35.95
N GLN C 132 -17.43 0.67 36.73
CA GLN C 132 -16.24 -0.15 36.56
C GLN C 132 -16.52 -1.63 36.76
N VAL C 133 -17.43 -1.97 37.67
CA VAL C 133 -17.67 -3.37 37.99
C VAL C 133 -18.41 -4.07 36.85
N ARG C 134 -19.24 -3.34 36.11
CA ARG C 134 -20.07 -3.91 35.06
C ARG C 134 -19.48 -3.65 33.68
N GLU C 135 -18.16 -3.75 33.54
CA GLU C 135 -17.54 -3.48 32.24
C GLU C 135 -17.87 -4.58 31.23
N ALA C 136 -17.89 -5.84 31.68
CA ALA C 136 -18.19 -6.94 30.76
C ALA C 136 -19.52 -6.73 30.05
N GLU C 137 -20.52 -6.21 30.76
CA GLU C 137 -21.81 -5.93 30.12
C GLU C 137 -21.73 -4.71 29.22
N ILE C 138 -20.88 -3.74 29.57
CA ILE C 138 -20.69 -2.58 28.69
C ILE C 138 -20.08 -3.01 27.38
N PHE C 139 -19.00 -3.79 27.43
CA PHE C 139 -18.36 -4.28 26.22
C PHE C 139 -19.35 -5.04 25.36
N GLN C 140 -20.11 -5.96 25.97
CA GLN C 140 -21.05 -6.77 25.19
C GLN C 140 -22.14 -5.90 24.57
N GLN C 141 -22.58 -4.87 25.30
CA GLN C 141 -23.57 -3.95 24.73
C GLN C 141 -23.00 -3.16 23.56
N ALA C 142 -21.70 -2.88 23.58
CA ALA C 142 -21.08 -2.15 22.48
C ALA C 142 -21.09 -2.97 21.20
N GLU C 143 -20.77 -4.26 21.30
CA GLU C 143 -20.81 -5.13 20.13
C GLU C 143 -22.22 -5.21 19.55
N LEU C 144 -23.23 -5.30 20.41
CA LEU C 144 -24.61 -5.38 19.93
C LEU C 144 -25.02 -4.10 19.22
N SER C 145 -24.57 -2.95 19.71
CA SER C 145 -24.98 -1.67 19.13
C SER C 145 -24.36 -1.46 17.76
N TYR C 146 -23.18 -2.03 17.50
CA TYR C 146 -22.55 -1.98 16.19
C TYR C 146 -21.72 -3.25 16.00
N PRO C 147 -22.37 -4.35 15.61
CA PRO C 147 -21.63 -5.62 15.45
C PRO C 147 -20.81 -5.69 14.17
N SER C 148 -21.05 -4.80 13.21
CA SER C 148 -20.32 -4.85 11.95
C SER C 148 -18.82 -4.70 12.19
N ILE C 149 -18.42 -3.72 13.02
CA ILE C 149 -17.01 -3.45 13.22
C ILE C 149 -16.33 -4.63 13.91
N VAL C 150 -17.03 -5.28 14.84
CA VAL C 150 -16.44 -6.41 15.54
C VAL C 150 -16.14 -7.56 14.58
N LYS C 151 -16.98 -7.73 13.56
CA LYS C 151 -16.73 -8.76 12.56
C LYS C 151 -15.53 -8.41 11.71
N ARG C 152 -15.34 -7.13 11.40
CA ARG C 152 -14.22 -6.68 10.58
C ARG C 152 -12.91 -6.64 11.34
N GLY C 153 -12.90 -7.01 12.62
CA GLY C 153 -11.68 -7.08 13.39
C GLY C 153 -11.45 -5.96 14.39
N GLY C 154 -12.43 -5.08 14.59
CA GLY C 154 -12.26 -3.97 15.49
C GLY C 154 -13.22 -3.98 16.66
N GLY C 155 -13.66 -2.80 17.09
CA GLY C 155 -14.60 -2.66 18.18
C GLY C 155 -13.95 -2.02 19.40
N LEU C 156 -14.78 -1.90 20.45
CA LEU C 156 -14.30 -1.31 21.69
C LEU C 156 -13.09 -2.05 22.22
N ARG C 157 -12.14 -1.30 22.76
CA ARG C 157 -10.90 -1.87 23.28
C ARG C 157 -10.56 -1.44 24.69
N ASP C 158 -11.14 -0.36 25.20
CA ASP C 158 -10.79 0.12 26.53
C ASP C 158 -11.81 1.15 26.98
N LEU C 159 -12.06 1.16 28.28
CA LEU C 159 -12.92 2.15 28.92
C LEU C 159 -12.12 2.88 29.98
N GLN C 160 -12.28 4.20 30.04
CA GLN C 160 -11.63 5.03 31.04
C GLN C 160 -12.65 5.99 31.62
N TYR C 161 -12.33 6.53 32.79
CA TYR C 161 -13.28 7.33 33.54
C TYR C 161 -12.61 8.58 34.07
N ARG C 162 -13.37 9.67 34.09
CA ARG C 162 -12.87 10.95 34.56
C ARG C 162 -14.03 11.74 35.15
N ALA C 163 -13.70 12.66 36.06
CA ALA C 163 -14.69 13.47 36.76
C ALA C 163 -14.23 14.92 36.75
N PHE C 164 -15.17 15.83 36.48
CA PHE C 164 -14.90 17.25 36.40
C PHE C 164 -15.87 17.98 37.31
N ASP C 165 -15.38 19.00 38.03
CA ASP C 165 -16.22 19.66 39.02
C ASP C 165 -16.78 18.59 39.93
N GLU C 166 -18.03 18.72 40.36
CA GLU C 166 -18.79 17.61 40.90
C GLU C 166 -19.95 17.21 40.01
N SER C 167 -20.37 18.08 39.09
N SER C 167 -20.38 18.08 39.10
CA SER C 167 -21.53 17.78 38.26
CA SER C 167 -21.53 17.78 38.26
C SER C 167 -21.22 16.70 37.23
C SER C 167 -21.21 16.69 37.25
N PHE C 168 -20.09 16.82 36.54
CA PHE C 168 -19.82 16.03 35.35
C PHE C 168 -18.97 14.78 35.62
N VAL C 169 -19.34 13.70 34.92
CA VAL C 169 -18.54 12.49 34.82
C VAL C 169 -18.47 12.10 33.35
N SER C 170 -17.32 11.57 32.93
CA SER C 170 -17.10 11.22 31.53
C SER C 170 -16.66 9.76 31.45
N VAL C 171 -17.38 8.97 30.65
CA VAL C 171 -17.01 7.60 30.34
C VAL C 171 -16.35 7.62 28.96
N ASP C 172 -15.07 7.31 28.92
CA ASP C 172 -14.26 7.42 27.70
C ASP C 172 -14.18 6.08 27.01
N PHE C 173 -14.48 6.06 25.72
CA PHE C 173 -14.45 4.86 24.90
C PHE C 173 -13.30 4.95 23.91
N LEU C 174 -12.39 3.98 23.96
CA LEU C 174 -11.31 3.85 22.98
C LEU C 174 -11.69 2.73 22.01
N VAL C 175 -11.92 3.09 20.75
CA VAL C 175 -12.49 2.19 19.76
C VAL C 175 -11.51 1.98 18.62
N ASP C 176 -11.45 0.76 18.12
CA ASP C 176 -10.69 0.40 16.92
C ASP C 176 -11.65 0.42 15.74
N VAL C 177 -11.60 1.49 14.95
CA VAL C 177 -12.52 1.68 13.84
C VAL C 177 -11.91 1.29 12.49
N LYS C 178 -10.78 0.58 12.52
CA LYS C 178 -10.11 0.09 11.30
C LYS C 178 -9.86 1.27 10.38
N ASP C 179 -10.19 1.19 9.09
CA ASP C 179 -9.76 2.16 8.10
C ASP C 179 -10.67 3.37 7.99
N ALA C 180 -11.75 3.43 8.76
CA ALA C 180 -12.66 4.56 8.73
C ALA C 180 -12.24 5.61 9.75
N MET C 181 -12.78 6.81 9.59
CA MET C 181 -12.56 7.84 10.61
C MET C 181 -13.27 7.47 11.91
N GLY C 182 -14.44 6.86 11.81
CA GLY C 182 -15.10 6.24 12.94
C GLY C 182 -16.33 6.94 13.48
N ALA C 183 -16.80 8.02 12.85
CA ALA C 183 -17.92 8.76 13.39
C ALA C 183 -19.15 7.87 13.54
N ASN C 184 -19.51 7.14 12.49
CA ASN C 184 -20.72 6.33 12.55
C ASN C 184 -20.56 5.16 13.51
N ILE C 185 -19.40 4.52 13.52
CA ILE C 185 -19.17 3.40 14.44
C ILE C 185 -19.26 3.88 15.88
N VAL C 186 -18.48 4.91 16.22
CA VAL C 186 -18.40 5.35 17.61
C VAL C 186 -19.73 5.90 18.09
N ASN C 187 -20.38 6.74 17.28
CA ASN C 187 -21.62 7.37 17.71
C ASN C 187 -22.72 6.35 17.94
N ALA C 188 -22.87 5.40 17.02
CA ALA C 188 -23.87 4.35 17.21
C ALA C 188 -23.54 3.49 18.43
N MET C 189 -22.27 3.09 18.54
CA MET C 189 -21.85 2.30 19.69
C MET C 189 -22.16 3.01 21.01
N LEU C 190 -21.85 4.30 21.09
CA LEU C 190 -22.05 5.02 22.33
C LEU C 190 -23.51 5.38 22.59
N GLU C 191 -24.29 5.61 21.53
CA GLU C 191 -25.72 5.85 21.73
C GLU C 191 -26.40 4.60 22.29
N GLY C 192 -25.92 3.42 21.89
CA GLY C 192 -26.51 2.19 22.40
C GLY C 192 -26.08 1.90 23.82
N VAL C 193 -24.80 2.14 24.15
CA VAL C 193 -24.34 1.97 25.52
C VAL C 193 -24.97 3.01 26.44
N ALA C 194 -25.42 4.14 25.90
CA ALA C 194 -26.13 5.11 26.73
C ALA C 194 -27.50 4.59 27.13
N GLU C 195 -28.20 3.90 26.21
CA GLU C 195 -29.47 3.30 26.56
C GLU C 195 -29.30 2.31 27.71
N LEU C 196 -28.27 1.47 27.62
CA LEU C 196 -27.98 0.53 28.70
C LEU C 196 -27.60 1.24 29.98
N PHE C 197 -27.06 2.46 29.87
CA PHE C 197 -26.78 3.25 31.07
C PHE C 197 -28.05 3.83 31.68
N ARG C 198 -29.03 4.20 30.85
CA ARG C 198 -30.25 4.82 31.37
C ARG C 198 -31.09 3.79 32.13
N GLU C 199 -31.13 2.55 31.65
CA GLU C 199 -31.86 1.51 32.38
C GLU C 199 -31.16 1.16 33.69
N TRP C 200 -29.84 0.97 33.64
CA TRP C 200 -29.09 0.66 34.85
C TRP C 200 -29.26 1.76 35.89
N PHE C 201 -29.10 3.02 35.49
CA PHE C 201 -29.13 4.17 36.39
C PHE C 201 -30.21 5.13 35.92
N ALA C 202 -31.45 4.90 36.33
CA ALA C 202 -32.49 5.91 36.12
C ALA C 202 -32.27 7.11 37.04
N GLU C 203 -31.44 6.94 38.08
CA GLU C 203 -31.11 8.07 38.96
C GLU C 203 -30.29 9.12 38.23
N GLN C 204 -29.32 8.70 37.42
CA GLN C 204 -28.39 9.61 36.78
C GLN C 204 -28.96 10.15 35.47
N LYS C 205 -28.38 11.26 35.01
CA LYS C 205 -28.77 11.90 33.76
C LYS C 205 -27.56 12.03 32.86
N ILE C 206 -27.79 11.90 31.56
CA ILE C 206 -26.74 11.96 30.55
C ILE C 206 -26.95 13.20 29.69
N LEU C 207 -25.90 14.02 29.57
CA LEU C 207 -26.01 15.24 28.77
C LEU C 207 -25.85 14.95 27.28
N PHE C 208 -24.88 14.14 26.92
CA PHE C 208 -24.67 13.78 25.51
C PHE C 208 -23.80 12.54 25.44
N SER C 209 -23.75 11.96 24.23
CA SER C 209 -22.93 10.77 23.97
C SER C 209 -22.50 10.86 22.51
N ILE C 210 -21.25 11.26 22.29
CA ILE C 210 -20.79 11.60 20.94
C ILE C 210 -19.29 11.33 20.84
N LEU C 211 -18.81 11.24 19.61
CA LEU C 211 -17.39 11.06 19.35
C LEU C 211 -16.61 12.31 19.73
N SER C 212 -15.35 12.12 20.07
CA SER C 212 -14.41 13.20 20.30
C SER C 212 -13.37 13.21 19.19
N ASN C 213 -13.07 14.41 18.67
CA ASN C 213 -12.08 14.57 17.62
C ASN C 213 -10.65 14.57 18.15
N TYR C 214 -10.45 14.70 19.47
CA TYR C 214 -9.11 14.74 20.06
C TYR C 214 -8.61 13.31 20.16
N ALA C 215 -8.08 12.80 19.04
CA ALA C 215 -7.70 11.40 18.91
C ALA C 215 -6.30 11.19 19.49
N THR C 216 -6.21 11.29 20.82
CA THR C 216 -4.93 11.11 21.49
C THR C 216 -4.42 9.67 21.42
N GLU C 217 -5.25 8.71 21.00
CA GLU C 217 -4.82 7.34 20.81
C GLU C 217 -4.54 7.01 19.35
N SER C 218 -4.52 8.02 18.47
CA SER C 218 -4.11 7.84 17.08
C SER C 218 -2.85 8.65 16.80
N VAL C 219 -2.02 8.88 17.82
CA VAL C 219 -0.80 9.66 17.64
C VAL C 219 0.24 8.82 16.92
N VAL C 220 0.95 9.43 15.99
CA VAL C 220 2.03 8.80 15.26
C VAL C 220 3.26 9.68 15.39
N THR C 221 4.40 9.07 15.66
CA THR C 221 5.66 9.78 15.87
C THR C 221 6.65 9.34 14.80
N MET C 222 7.17 10.31 14.05
N MET C 222 7.17 10.31 14.05
CA MET C 222 8.12 10.06 12.98
CA MET C 222 8.12 10.08 12.97
C MET C 222 9.40 10.83 13.25
C MET C 222 9.41 10.83 13.27
N LYS C 223 10.52 10.31 12.76
CA LYS C 223 11.82 10.93 12.97
C LYS C 223 12.63 10.89 11.69
N THR C 224 13.71 11.68 11.67
CA THR C 224 14.65 11.72 10.58
C THR C 224 16.01 12.14 11.12
N ALA C 225 17.07 11.67 10.47
CA ALA C 225 18.44 12.02 10.83
C ALA C 225 19.18 12.42 9.57
N ILE C 226 19.69 13.64 9.55
CA ILE C 226 20.21 14.26 8.33
C ILE C 226 21.67 14.64 8.54
N PRO C 227 22.59 14.16 7.71
CA PRO C 227 23.95 14.73 7.73
C PRO C 227 23.88 16.23 7.44
N VAL C 228 24.46 17.02 8.35
CA VAL C 228 24.34 18.47 8.24
C VAL C 228 24.87 19.00 6.92
N SER C 229 25.75 18.24 6.24
CA SER C 229 26.28 18.70 4.96
C SER C 229 25.17 18.84 3.91
N ARG C 230 24.09 18.07 4.05
CA ARG C 230 22.99 18.12 3.09
C ARG C 230 22.14 19.38 3.23
N LEU C 231 22.29 20.12 4.32
CA LEU C 231 21.48 21.30 4.55
C LEU C 231 21.93 22.52 3.76
N SER C 232 23.04 22.41 3.03
CA SER C 232 23.56 23.55 2.27
C SER C 232 24.35 23.05 1.09
N LYS C 233 24.29 23.81 -0.01
CA LYS C 233 25.16 23.54 -1.15
C LYS C 233 26.59 23.98 -0.87
N GLY C 234 26.79 24.86 0.11
CA GLY C 234 28.11 25.27 0.55
C GLY C 234 28.60 24.46 1.71
N SER C 235 29.52 25.05 2.47
CA SER C 235 30.16 24.39 3.59
C SER C 235 29.60 24.80 4.94
N ASN C 236 28.57 25.64 4.96
CA ASN C 236 27.96 26.10 6.21
C ASN C 236 26.83 25.19 6.68
N GLY C 237 26.91 23.89 6.39
CA GLY C 237 25.82 23.00 6.75
C GLY C 237 25.54 22.98 8.23
N ARG C 238 26.59 22.88 9.05
CA ARG C 238 26.38 22.84 10.49
C ARG C 238 25.81 24.16 11.01
N GLU C 239 26.20 25.28 10.40
CA GLU C 239 25.67 26.58 10.84
C GLU C 239 24.16 26.65 10.61
N ILE C 240 23.71 26.21 9.44
CA ILE C 240 22.27 26.19 9.17
C ILE C 240 21.57 25.26 10.15
N ALA C 241 22.16 24.10 10.44
CA ALA C 241 21.56 23.16 11.37
C ALA C 241 21.39 23.79 12.75
N GLU C 242 22.43 24.48 13.24
CA GLU C 242 22.35 25.10 14.56
C GLU C 242 21.25 26.16 14.60
N LYS C 243 21.03 26.86 13.50
CA LYS C 243 19.98 27.87 13.45
C LYS C 243 18.60 27.24 13.31
N ILE C 244 18.49 26.12 12.60
CA ILE C 244 17.24 25.38 12.58
C ILE C 244 16.86 24.95 13.99
N VAL C 245 17.84 24.45 14.75
CA VAL C 245 17.59 24.08 16.14
C VAL C 245 17.11 25.28 16.95
N LEU C 246 17.72 26.44 16.73
CA LEU C 246 17.31 27.63 17.46
C LEU C 246 15.89 28.05 17.11
N ALA C 247 15.59 28.10 15.81
CA ALA C 247 14.23 28.46 15.40
C ALA C 247 13.20 27.50 15.96
N SER C 248 13.54 26.21 16.03
CA SER C 248 12.60 25.24 16.58
C SER C 248 12.42 25.44 18.09
N ARG C 249 13.52 25.66 18.81
N ARG C 249 13.52 25.67 18.81
CA ARG C 249 13.43 25.95 20.24
CA ARG C 249 13.43 25.95 20.24
C ARG C 249 12.63 27.23 20.49
C ARG C 249 12.63 27.23 20.49
N TYR C 250 12.78 28.23 19.61
CA TYR C 250 12.08 29.49 19.81
C TYR C 250 10.57 29.32 19.69
N ALA C 251 10.11 28.42 18.80
CA ALA C 251 8.70 28.11 18.71
C ALA C 251 8.14 27.51 20.01
N SER C 252 9.00 26.94 20.85
CA SER C 252 8.54 26.44 22.14
C SER C 252 8.48 27.53 23.20
N LEU C 253 9.02 28.72 22.93
CA LEU C 253 8.97 29.84 23.86
C LEU C 253 7.92 30.89 23.48
N ASP C 254 7.68 31.09 22.18
CA ASP C 254 6.85 32.21 21.70
C ASP C 254 5.67 31.67 20.92
N PRO C 255 4.44 31.75 21.45
CA PRO C 255 3.29 31.22 20.69
C PRO C 255 3.11 31.85 19.33
N TYR C 256 3.51 33.12 19.15
CA TYR C 256 3.34 33.76 17.86
C TYR C 256 4.18 33.08 16.78
N ARG C 257 5.30 32.47 17.17
CA ARG C 257 6.06 31.64 16.24
C ARG C 257 5.51 30.22 16.17
N ALA C 258 5.13 29.65 17.32
CA ALA C 258 4.59 28.28 17.35
C ALA C 258 3.42 28.15 16.38
N VAL C 259 2.53 29.13 16.35
CA VAL C 259 1.36 29.07 15.48
C VAL C 259 1.81 29.07 14.02
N THR C 260 2.81 29.89 13.69
CA THR C 260 3.32 29.92 12.32
C THR C 260 4.11 28.66 12.00
N HIS C 261 4.89 28.18 12.99
CA HIS C 261 5.63 26.93 12.84
C HIS C 261 4.69 25.76 12.57
N ASN C 262 3.62 25.65 13.36
CA ASN C 262 2.66 24.57 13.14
C ASN C 262 1.82 24.78 11.89
N LYS C 263 1.55 26.04 11.54
CA LYS C 263 0.82 26.32 10.30
C LYS C 263 1.60 25.79 9.10
N GLY C 264 2.92 26.01 9.08
CA GLY C 264 3.73 25.49 7.99
C GLY C 264 3.68 23.98 7.90
N ILE C 265 3.64 23.31 9.05
CA ILE C 265 3.46 21.86 9.06
C ILE C 265 2.14 21.48 8.41
N MET C 266 1.07 22.20 8.76
CA MET C 266 -0.26 21.85 8.25
C MET C 266 -0.41 22.19 6.76
N ASN C 267 0.41 23.09 6.23
CA ASN C 267 0.42 23.29 4.77
C ASN C 267 0.58 21.96 4.05
N GLY C 268 1.47 21.12 4.53
CA GLY C 268 1.68 19.79 3.96
C GLY C 268 0.63 18.79 4.38
N ILE C 269 0.39 18.67 5.68
CA ILE C 269 -0.55 17.67 6.19
C ILE C 269 -1.94 17.87 5.59
N GLU C 270 -2.48 19.09 5.70
CA GLU C 270 -3.82 19.35 5.18
C GLU C 270 -3.88 19.14 3.66
N ALA C 271 -2.77 19.36 2.95
CA ALA C 271 -2.77 19.15 1.51
C ALA C 271 -3.00 17.70 1.16
N VAL C 272 -2.36 16.78 1.89
CA VAL C 272 -2.61 15.36 1.67
C VAL C 272 -3.97 14.96 2.20
N VAL C 273 -4.34 15.46 3.37
CA VAL C 273 -5.65 15.18 3.95
C VAL C 273 -6.75 15.58 2.98
N LEU C 274 -6.63 16.79 2.40
CA LEU C 274 -7.64 17.26 1.46
C LEU C 274 -7.67 16.42 0.20
N ALA C 275 -6.49 16.09 -0.34
CA ALA C 275 -6.44 15.35 -1.60
C ALA C 275 -7.00 13.95 -1.47
N THR C 276 -6.89 13.32 -0.29
CA THR C 276 -7.38 11.96 -0.10
C THR C 276 -8.83 11.91 0.36
N GLY C 277 -9.51 13.05 0.43
CA GLY C 277 -10.91 13.05 0.79
C GLY C 277 -11.20 12.99 2.27
N ASN C 278 -10.21 13.27 3.11
CA ASN C 278 -10.38 13.21 4.56
C ASN C 278 -10.91 14.54 5.10
N ASP C 279 -11.32 14.51 6.37
CA ASP C 279 -11.92 15.66 7.05
C ASP C 279 -10.83 16.58 7.53
N THR C 280 -10.76 17.78 6.94
CA THR C 280 -9.66 18.71 7.26
C THR C 280 -9.86 19.38 8.62
N ARG C 281 -11.10 19.66 9.02
CA ARG C 281 -11.32 20.28 10.31
C ARG C 281 -10.93 19.34 11.45
N ALA C 282 -11.17 18.04 11.28
CA ALA C 282 -10.85 17.09 12.34
C ALA C 282 -9.35 17.00 12.55
N VAL C 283 -8.57 16.98 11.47
CA VAL C 283 -7.13 16.88 11.60
C VAL C 283 -6.56 18.16 12.20
N SER C 284 -7.00 19.32 11.70
CA SER C 284 -6.48 20.58 12.24
C SER C 284 -6.80 20.74 13.72
N ALA C 285 -8.02 20.37 14.11
CA ALA C 285 -8.41 20.51 15.52
C ALA C 285 -7.56 19.62 16.42
N SER C 286 -7.36 18.37 16.00
CA SER C 286 -6.59 17.44 16.83
C SER C 286 -5.13 17.84 16.91
N CYS C 287 -4.54 18.26 15.78
CA CYS C 287 -3.12 18.58 15.78
C CYS C 287 -2.83 19.85 16.57
N HIS C 288 -3.65 20.89 16.40
CA HIS C 288 -3.38 22.15 17.10
C HIS C 288 -3.65 22.03 18.59
N ALA C 289 -4.66 21.26 18.99
CA ALA C 289 -4.87 21.02 20.42
C ALA C 289 -3.73 20.20 21.01
N PHE C 290 -3.23 19.22 20.25
CA PHE C 290 -2.10 18.43 20.72
C PHE C 290 -0.83 19.25 20.84
N ALA C 291 -0.78 20.43 20.21
CA ALA C 291 0.37 21.31 20.38
C ALA C 291 0.44 21.90 21.78
N VAL C 292 -0.67 21.86 22.53
CA VAL C 292 -0.72 22.38 23.88
C VAL C 292 -0.09 21.35 24.81
N LYS C 293 1.07 21.69 25.37
CA LYS C 293 1.77 20.82 26.31
C LYS C 293 2.20 21.64 27.52
N GLU C 294 1.98 21.09 28.70
CA GLU C 294 2.31 21.78 29.96
C GLU C 294 1.71 23.18 29.98
N GLY C 295 0.48 23.29 29.46
CA GLY C 295 -0.27 24.53 29.52
C GLY C 295 0.10 25.59 28.51
N ARG C 296 0.99 25.29 27.57
CA ARG C 296 1.47 26.28 26.61
C ARG C 296 1.40 25.72 25.19
N TYR C 297 0.89 26.53 24.26
CA TYR C 297 0.85 26.17 22.86
C TYR C 297 2.26 26.23 22.28
N GLN C 298 2.77 25.08 21.81
CA GLN C 298 4.15 24.96 21.38
C GLN C 298 4.21 24.29 20.01
N GLY C 299 5.42 24.12 19.49
CA GLY C 299 5.58 23.47 18.21
C GLY C 299 5.33 21.98 18.30
N LEU C 300 4.89 21.40 17.18
CA LEU C 300 4.59 19.98 17.09
C LEU C 300 5.80 19.14 16.68
N THR C 301 6.94 19.77 16.45
CA THR C 301 8.16 19.07 16.09
C THR C 301 9.29 19.50 17.01
N SER C 302 10.35 18.70 17.02
CA SER C 302 11.58 19.04 17.74
C SER C 302 12.75 18.83 16.80
N TRP C 303 13.76 19.69 16.93
CA TRP C 303 14.98 19.59 16.15
C TRP C 303 16.16 19.74 17.10
N THR C 304 17.07 18.78 17.07
CA THR C 304 18.26 18.77 17.89
C THR C 304 19.46 18.40 17.03
N LEU C 305 20.65 18.74 17.51
CA LEU C 305 21.88 18.44 16.82
C LEU C 305 22.65 17.40 17.64
N ASP C 306 22.96 16.27 17.02
CA ASP C 306 23.68 15.16 17.64
C ASP C 306 24.93 14.91 16.80
N GLY C 307 26.06 15.44 17.23
CA GLY C 307 27.28 15.36 16.45
C GLY C 307 27.18 16.13 15.15
N GLU C 308 27.31 15.44 14.03
CA GLU C 308 27.15 16.04 12.71
C GLU C 308 25.84 15.62 12.06
N GLN C 309 24.85 15.24 12.86
CA GLN C 309 23.55 14.83 12.36
C GLN C 309 22.46 15.70 12.97
N LEU C 310 21.60 16.24 12.10
CA LEU C 310 20.42 16.99 12.53
C LEU C 310 19.27 16.00 12.72
N ILE C 311 18.70 15.97 13.92
CA ILE C 311 17.67 15.00 14.29
C ILE C 311 16.34 15.74 14.39
N GLY C 312 15.36 15.30 13.58
CA GLY C 312 14.04 15.88 13.60
C GLY C 312 13.01 14.85 13.99
N GLU C 313 11.99 15.30 14.72
CA GLU C 313 10.93 14.42 15.19
C GLU C 313 9.61 15.18 15.22
N ILE C 314 8.55 14.50 14.80
CA ILE C 314 7.20 15.05 14.84
C ILE C 314 6.31 14.06 15.59
N SER C 315 5.28 14.60 16.23
CA SER C 315 4.29 13.77 16.92
C SER C 315 2.94 14.45 16.77
N VAL C 316 2.01 13.78 16.09
CA VAL C 316 0.69 14.37 15.81
C VAL C 316 -0.37 13.29 15.88
N PRO C 317 -1.58 13.66 16.35
CA PRO C 317 -2.72 12.75 16.30
C PRO C 317 -3.38 12.78 14.93
N LEU C 318 -3.29 11.66 14.20
CA LEU C 318 -3.78 11.57 12.83
C LEU C 318 -4.74 10.39 12.70
N ALA C 319 -6.00 10.63 13.01
CA ALA C 319 -7.06 9.65 12.81
C ALA C 319 -7.65 9.82 11.42
N LEU C 320 -6.85 9.44 10.42
CA LEU C 320 -7.21 9.57 9.03
C LEU C 320 -7.92 8.32 8.53
N ALA C 321 -8.50 8.43 7.33
CA ALA C 321 -9.32 7.37 6.77
C ALA C 321 -8.87 7.05 5.35
N THR C 322 -8.98 5.77 5.00
CA THR C 322 -8.86 5.31 3.63
C THR C 322 -10.18 4.79 3.08
N VAL C 323 -11.22 4.74 3.91
CA VAL C 323 -12.58 4.39 3.47
C VAL C 323 -13.55 5.27 4.25
N GLY C 324 -14.76 5.40 3.71
CA GLY C 324 -15.78 6.20 4.35
C GLY C 324 -15.67 7.68 4.00
N GLY C 325 -16.65 8.44 4.50
CA GLY C 325 -16.70 9.86 4.26
C GLY C 325 -16.61 10.21 2.79
N ALA C 326 -15.61 11.02 2.43
CA ALA C 326 -15.41 11.44 1.05
C ALA C 326 -14.21 10.78 0.40
N THR C 327 -13.66 9.74 1.04
CA THR C 327 -12.50 9.05 0.48
C THR C 327 -12.83 8.27 -0.78
N LYS C 328 -14.09 7.95 -1.01
CA LYS C 328 -14.50 7.14 -2.15
C LYS C 328 -15.55 7.79 -3.02
N VAL C 329 -16.51 8.50 -2.43
CA VAL C 329 -17.59 9.10 -3.22
C VAL C 329 -17.03 10.14 -4.19
N LEU C 330 -15.91 10.77 -3.84
CA LEU C 330 -15.30 11.77 -4.73
C LEU C 330 -14.28 11.07 -5.63
N PRO C 331 -14.49 11.02 -6.94
CA PRO C 331 -13.54 10.31 -7.81
C PRO C 331 -12.09 10.81 -7.66
N LYS C 332 -11.89 12.10 -7.41
CA LYS C 332 -10.53 12.61 -7.25
C LYS C 332 -9.85 12.00 -6.02
N SER C 333 -10.62 11.79 -4.95
CA SER C 333 -10.06 11.10 -3.78
C SER C 333 -9.49 9.73 -4.18
N GLN C 334 -10.23 8.98 -5.00
CA GLN C 334 -9.75 7.66 -5.42
C GLN C 334 -8.53 7.79 -6.32
N ALA C 335 -8.53 8.76 -7.24
CA ALA C 335 -7.35 8.97 -8.07
C ALA C 335 -6.14 9.28 -7.21
N ALA C 336 -6.31 10.17 -6.23
CA ALA C 336 -5.20 10.50 -5.35
C ALA C 336 -4.70 9.28 -4.58
N ALA C 337 -5.63 8.45 -4.08
CA ALA C 337 -5.24 7.25 -3.35
C ALA C 337 -4.46 6.28 -4.24
N ASP C 338 -4.81 6.21 -5.53
CA ASP C 338 -4.04 5.37 -6.45
C ASP C 338 -2.60 5.85 -6.55
N LEU C 339 -2.40 7.16 -6.66
CA LEU C 339 -1.05 7.70 -6.73
C LEU C 339 -0.29 7.44 -5.44
N LEU C 340 -0.94 7.62 -4.29
CA LEU C 340 -0.27 7.43 -3.00
C LEU C 340 0.03 5.96 -2.74
N ALA C 341 -0.93 5.08 -3.01
CA ALA C 341 -0.72 3.64 -2.93
C ALA C 341 -0.40 3.20 -1.50
N VAL C 342 -1.09 3.77 -0.53
CA VAL C 342 -1.01 3.28 0.84
C VAL C 342 -1.97 2.11 0.99
N THR C 343 -1.64 1.21 1.92
CA THR C 343 -2.38 -0.02 2.12
C THR C 343 -3.54 0.15 3.08
N ASP C 344 -3.34 0.87 4.17
CA ASP C 344 -4.39 1.06 5.16
C ASP C 344 -4.24 2.45 5.79
N ALA C 345 -5.17 2.77 6.69
CA ALA C 345 -5.18 4.10 7.29
C ALA C 345 -3.98 4.35 8.18
N LYS C 346 -3.46 3.31 8.85
CA LYS C 346 -2.26 3.48 9.66
C LYS C 346 -1.10 3.97 8.81
N GLU C 347 -0.94 3.40 7.61
CA GLU C 347 0.14 3.82 6.72
C GLU C 347 -0.07 5.24 6.23
N LEU C 348 -1.32 5.60 5.92
CA LEU C 348 -1.62 6.97 5.52
C LEU C 348 -1.15 7.95 6.58
N SER C 349 -1.46 7.67 7.85
CA SER C 349 -1.07 8.57 8.93
C SER C 349 0.45 8.69 9.03
N ARG C 350 1.17 7.59 8.77
CA ARG C 350 2.64 7.64 8.83
C ARG C 350 3.20 8.51 7.71
N VAL C 351 2.64 8.39 6.51
CA VAL C 351 3.07 9.22 5.39
C VAL C 351 2.74 10.68 5.66
N VAL C 352 1.54 10.96 6.16
CA VAL C 352 1.14 12.34 6.42
C VAL C 352 2.02 12.95 7.50
N ALA C 353 2.31 12.19 8.55
CA ALA C 353 3.21 12.69 9.60
C ALA C 353 4.59 12.99 9.04
N ALA C 354 5.11 12.11 8.18
CA ALA C 354 6.41 12.37 7.57
C ALA C 354 6.36 13.56 6.64
N VAL C 355 5.21 13.80 5.99
CA VAL C 355 5.05 14.99 5.18
C VAL C 355 5.13 16.24 6.05
N GLY C 356 4.52 16.20 7.23
CA GLY C 356 4.59 17.34 8.12
C GLY C 356 6.02 17.68 8.51
N LEU C 357 6.79 16.66 8.88
CA LEU C 357 8.17 16.89 9.30
C LEU C 357 9.02 17.40 8.13
N ALA C 358 8.86 16.79 6.96
CA ALA C 358 9.57 17.27 5.77
C ALA C 358 9.20 18.71 5.44
N GLN C 359 7.90 19.04 5.54
CA GLN C 359 7.46 20.41 5.29
C GLN C 359 8.10 21.38 6.28
N ASN C 360 8.14 20.98 7.56
CA ASN C 360 8.73 21.83 8.60
C ASN C 360 10.22 22.05 8.35
N LEU C 361 10.93 21.01 7.87
CA LEU C 361 12.35 21.14 7.59
C LEU C 361 12.61 22.15 6.49
N ALA C 362 11.85 22.06 5.39
CA ALA C 362 12.01 23.00 4.31
C ALA C 362 11.72 24.42 4.78
N ALA C 363 10.68 24.60 5.59
CA ALA C 363 10.32 25.93 6.07
C ALA C 363 11.41 26.51 6.96
N LEU C 364 11.92 25.71 7.90
CA LEU C 364 12.92 26.21 8.84
C LEU C 364 14.24 26.49 8.16
N ARG C 365 14.64 25.62 7.21
CA ARG C 365 15.87 25.87 6.46
C ARG C 365 15.76 27.20 5.71
N ALA C 366 14.65 27.43 5.03
CA ALA C 366 14.48 28.68 4.29
C ALA C 366 14.35 29.86 5.24
N LEU C 367 13.78 29.64 6.43
CA LEU C 367 13.60 30.72 7.38
C LEU C 367 14.94 31.27 7.86
N VAL C 368 15.91 30.40 8.14
CA VAL C 368 17.15 30.81 8.75
C VAL C 368 18.28 31.05 7.73
N SER C 369 18.14 30.52 6.52
N SER C 369 18.14 30.52 6.52
CA SER C 369 19.13 30.77 5.47
CA SER C 369 19.13 30.77 5.47
C SER C 369 18.98 32.14 4.84
C SER C 369 18.96 32.14 4.83
N GLU C 370 18.03 32.95 5.30
CA GLU C 370 17.72 34.24 4.70
C GLU C 370 18.54 35.36 5.33
N ARG D 13 13.19 15.94 -13.64
CA ARG D 13 12.58 16.63 -14.77
C ARG D 13 11.08 16.78 -14.58
N PHE D 14 10.54 16.14 -13.54
CA PHE D 14 9.10 16.19 -13.30
C PHE D 14 8.63 17.62 -13.07
N TYR D 15 9.45 18.44 -12.41
CA TYR D 15 9.05 19.81 -12.11
C TYR D 15 9.06 20.69 -13.37
N GLN D 16 9.77 20.29 -14.41
CA GLN D 16 9.80 21.04 -15.67
C GLN D 16 8.77 20.54 -16.68
N MET D 17 8.29 19.31 -16.52
CA MET D 17 7.33 18.75 -17.45
C MET D 17 6.00 19.48 -17.39
N SER D 18 5.23 19.38 -18.46
CA SER D 18 3.87 19.90 -18.47
C SER D 18 2.96 18.96 -17.71
N PRO D 19 1.80 19.45 -17.27
CA PRO D 19 0.84 18.55 -16.59
C PRO D 19 0.51 17.31 -17.40
N GLU D 20 0.45 17.43 -18.72
CA GLU D 20 0.14 16.28 -19.57
C GLU D 20 1.30 15.29 -19.61
N GLU D 21 2.52 15.79 -19.74
CA GLU D 21 3.69 14.92 -19.70
C GLU D 21 3.85 14.25 -18.34
N ARG D 22 3.44 14.95 -17.27
CA ARG D 22 3.50 14.35 -15.94
C ARG D 22 2.54 13.17 -15.82
N LEU D 23 1.30 13.35 -16.27
CA LEU D 23 0.33 12.26 -16.19
C LEU D 23 0.74 11.09 -17.06
N ALA D 24 1.27 11.37 -18.25
CA ALA D 24 1.74 10.30 -19.12
C ALA D 24 2.91 9.56 -18.49
N SER D 25 3.80 10.28 -17.81
CA SER D 25 4.93 9.62 -17.16
C SER D 25 4.46 8.76 -16.00
N LEU D 26 3.44 9.22 -15.27
CA LEU D 26 2.91 8.40 -14.18
C LEU D 26 2.26 7.13 -14.72
N LEU D 27 1.48 7.24 -15.80
CA LEU D 27 0.88 6.05 -16.40
C LEU D 27 1.97 5.11 -16.92
N ASN D 28 2.96 5.67 -17.63
CA ASN D 28 3.96 4.83 -18.27
C ASN D 28 4.82 4.08 -17.25
N GLU D 29 5.04 4.66 -16.07
CA GLU D 29 5.84 4.05 -15.03
C GLU D 29 5.05 3.10 -14.15
N GLY D 30 3.76 2.93 -14.41
CA GLY D 30 2.94 2.03 -13.61
C GLY D 30 2.45 2.59 -12.31
N GLN D 31 2.55 3.90 -12.10
CA GLN D 31 2.15 4.50 -10.83
C GLN D 31 0.65 4.78 -10.76
N ILE D 32 -0.02 4.91 -11.91
CA ILE D 32 -1.45 5.13 -11.96
C ILE D 32 -2.03 4.33 -13.12
N SER D 33 -3.32 4.01 -13.02
CA SER D 33 -4.01 3.30 -14.08
C SER D 33 -4.52 4.28 -15.13
N ALA D 34 -4.98 3.72 -16.26
CA ALA D 34 -5.61 4.54 -17.29
C ALA D 34 -6.88 5.20 -16.76
N ASP D 35 -7.64 4.48 -15.93
CA ASP D 35 -8.84 5.07 -15.35
C ASP D 35 -8.49 6.23 -14.44
N THR D 36 -7.41 6.11 -13.67
CA THR D 36 -7.00 7.19 -12.79
C THR D 36 -6.51 8.39 -13.58
N LYS D 37 -5.71 8.16 -14.61
CA LYS D 37 -5.28 9.25 -15.49
C LYS D 37 -6.47 9.98 -16.09
N LYS D 38 -7.47 9.25 -16.56
CA LYS D 38 -8.64 9.88 -17.15
C LYS D 38 -9.37 10.77 -16.15
N GLU D 39 -9.46 10.32 -14.89
CA GLU D 39 -10.12 11.14 -13.88
C GLU D 39 -9.30 12.38 -13.54
N PHE D 40 -7.97 12.23 -13.47
CA PHE D 40 -7.12 13.39 -13.24
C PHE D 40 -7.30 14.45 -14.32
N GLU D 41 -7.64 14.04 -15.54
CA GLU D 41 -7.82 14.97 -16.65
C GLU D 41 -9.18 15.64 -16.65
N ASN D 42 -10.15 15.09 -15.92
CA ASN D 42 -11.48 15.69 -15.81
C ASN D 42 -11.40 16.86 -14.85
N THR D 43 -11.08 18.04 -15.38
CA THR D 43 -10.82 19.23 -14.58
C THR D 43 -11.64 20.41 -15.10
N ALA D 44 -12.01 21.30 -14.18
CA ALA D 44 -12.74 22.51 -14.51
C ALA D 44 -11.92 23.77 -14.34
N LEU D 45 -10.90 23.77 -13.49
CA LEU D 45 -10.00 24.90 -13.35
C LEU D 45 -8.99 24.89 -14.48
N SER D 46 -8.80 26.05 -15.11
CA SER D 46 -7.88 26.16 -16.24
C SER D 46 -6.51 25.60 -15.88
N SER D 47 -5.98 24.76 -16.78
CA SER D 47 -4.69 24.13 -16.53
C SER D 47 -3.60 25.17 -16.36
N GLN D 48 -3.67 26.27 -17.11
CA GLN D 48 -2.64 27.30 -17.02
C GLN D 48 -2.62 27.95 -15.64
N ILE D 49 -3.81 28.25 -15.10
CA ILE D 49 -3.88 28.76 -13.73
C ILE D 49 -3.32 27.72 -12.76
N ALA D 50 -3.89 26.51 -12.76
CA ALA D 50 -3.48 25.50 -11.81
C ALA D 50 -2.00 25.20 -11.91
N ASN D 51 -1.48 25.08 -13.13
CA ASN D 51 -0.08 24.72 -13.31
C ASN D 51 0.87 25.82 -12.86
N HIS D 52 0.39 27.04 -12.68
CA HIS D 52 1.22 28.15 -12.23
C HIS D 52 0.85 28.65 -10.84
N MET D 53 -0.17 28.06 -10.22
N MET D 53 -0.17 28.06 -10.22
CA MET D 53 -0.45 28.31 -8.81
CA MET D 53 -0.44 28.32 -8.81
C MET D 53 0.41 27.44 -7.91
C MET D 53 0.42 27.45 -7.90
N ILE D 54 0.74 26.23 -8.34
CA ILE D 54 1.47 25.27 -7.54
C ILE D 54 2.50 24.56 -8.42
N GLU D 55 3.35 23.77 -7.76
CA GLU D 55 4.40 23.02 -8.44
C GLU D 55 3.98 21.57 -8.63
N ASN D 56 4.55 20.93 -9.65
CA ASN D 56 4.30 19.53 -9.95
C ASN D 56 2.80 19.26 -10.12
N GLN D 57 2.11 20.18 -10.79
CA GLN D 57 0.66 20.11 -10.89
C GLN D 57 0.23 19.04 -11.88
N ILE D 58 -0.85 18.33 -11.54
CA ILE D 58 -1.37 17.28 -12.41
C ILE D 58 -2.89 17.32 -12.51
N SER D 59 -3.55 17.87 -11.49
CA SER D 59 -5.02 17.82 -11.52
C SER D 59 -5.57 18.81 -10.49
N GLU D 60 -6.74 18.50 -9.94
CA GLU D 60 -7.40 19.37 -8.97
C GLU D 60 -8.24 18.50 -8.05
N THR D 61 -8.55 19.04 -6.88
CA THR D 61 -9.53 18.47 -5.97
C THR D 61 -10.80 19.30 -6.05
N GLU D 62 -11.95 18.63 -6.15
CA GLU D 62 -13.25 19.29 -6.23
C GLU D 62 -13.97 19.12 -4.91
N VAL D 63 -14.33 20.23 -4.28
CA VAL D 63 -15.06 20.24 -3.02
C VAL D 63 -16.45 20.83 -3.29
N PRO D 64 -17.53 20.11 -2.98
CA PRO D 64 -18.87 20.68 -3.22
C PRO D 64 -19.05 22.01 -2.51
N MET D 65 -19.73 22.93 -3.17
CA MET D 65 -20.03 24.25 -2.62
C MET D 65 -21.54 24.45 -2.57
N GLY D 66 -22.04 24.91 -1.42
CA GLY D 66 -23.44 25.19 -1.26
C GLY D 66 -23.67 26.60 -0.75
N VAL D 67 -24.88 26.91 -0.30
CA VAL D 67 -25.27 28.25 0.09
C VAL D 67 -25.89 28.17 1.48
N GLY D 68 -25.23 28.76 2.48
CA GLY D 68 -25.82 28.88 3.80
C GLY D 68 -26.83 30.03 3.82
N LEU D 69 -27.97 29.76 4.43
CA LEU D 69 -29.12 30.67 4.35
C LEU D 69 -29.46 31.23 5.73
N HIS D 70 -30.19 32.34 5.71
CA HIS D 70 -30.84 32.92 6.89
C HIS D 70 -29.87 33.59 7.84
N LEU D 71 -28.66 33.93 7.40
CA LEU D 71 -27.70 34.62 8.25
C LEU D 71 -27.91 36.12 8.15
N THR D 72 -28.01 36.78 9.30
CA THR D 72 -28.13 38.22 9.39
C THR D 72 -27.09 38.73 10.37
N VAL D 73 -26.33 39.74 9.97
CA VAL D 73 -25.25 40.31 10.77
C VAL D 73 -25.41 41.81 10.76
N ASP D 74 -25.66 42.39 11.93
CA ASP D 74 -25.90 43.83 12.05
C ASP D 74 -26.98 44.29 11.08
N GLU D 75 -28.11 43.59 11.11
CA GLU D 75 -29.28 43.90 10.30
C GLU D 75 -29.00 43.85 8.79
N THR D 76 -27.97 43.11 8.38
CA THR D 76 -27.65 42.93 6.97
C THR D 76 -27.75 41.45 6.64
N ASP D 77 -28.46 41.12 5.56
CA ASP D 77 -28.67 39.73 5.17
C ASP D 77 -27.60 39.27 4.20
N TYR D 78 -27.22 38.00 4.31
CA TYR D 78 -26.12 37.46 3.52
C TYR D 78 -26.51 36.09 2.97
N LEU D 79 -25.95 35.77 1.81
CA LEU D 79 -25.95 34.42 1.25
C LEU D 79 -24.52 33.91 1.31
N VAL D 80 -24.28 32.85 2.08
CA VAL D 80 -22.94 32.45 2.48
C VAL D 80 -22.50 31.29 1.58
N PRO D 81 -21.49 31.48 0.72
CA PRO D 81 -20.92 30.32 0.00
C PRO D 81 -20.13 29.44 0.96
N MET D 82 -20.36 28.14 0.89
CA MET D 82 -19.78 27.19 1.83
C MET D 82 -19.26 25.97 1.09
N ALA D 83 -17.95 25.77 1.10
CA ALA D 83 -17.32 24.63 0.45
C ALA D 83 -17.00 23.58 1.50
N THR D 84 -17.67 22.43 1.41
CA THR D 84 -17.43 21.35 2.36
C THR D 84 -17.76 20.02 1.69
N GLU D 85 -17.09 18.97 2.17
CA GLU D 85 -17.38 17.61 1.73
C GLU D 85 -18.20 16.85 2.76
N GLU D 86 -18.59 17.49 3.87
CA GLU D 86 -19.28 16.81 4.96
C GLU D 86 -20.78 17.08 4.87
N PRO D 87 -21.62 16.05 4.91
CA PRO D 87 -23.07 16.30 4.91
C PRO D 87 -23.53 16.96 6.20
N SER D 88 -24.69 17.61 6.11
CA SER D 88 -25.43 18.22 7.22
C SER D 88 -24.82 19.56 7.66
N VAL D 89 -23.60 19.89 7.24
CA VAL D 89 -22.96 21.11 7.71
C VAL D 89 -23.73 22.34 7.23
N ILE D 90 -23.96 22.45 5.92
CA ILE D 90 -24.60 23.63 5.37
C ILE D 90 -26.02 23.77 5.91
N ALA D 91 -26.75 22.65 6.01
CA ALA D 91 -28.09 22.71 6.58
C ALA D 91 -28.05 23.13 8.04
N ALA D 92 -27.09 22.61 8.80
CA ALA D 92 -26.97 23.00 10.20
C ALA D 92 -26.73 24.50 10.34
N LEU D 93 -25.87 25.06 9.49
CA LEU D 93 -25.65 26.51 9.51
C LEU D 93 -26.93 27.26 9.23
N SER D 94 -27.65 26.86 8.18
CA SER D 94 -28.90 27.54 7.83
C SER D 94 -29.89 27.45 8.99
N ASN D 95 -30.05 26.27 9.58
CA ASN D 95 -30.98 26.11 10.69
C ASN D 95 -30.55 26.95 11.89
N GLY D 96 -29.27 26.86 12.26
CA GLY D 96 -28.79 27.66 13.37
C GLY D 96 -28.96 29.15 13.15
N ALA D 97 -28.72 29.60 11.91
CA ALA D 97 -28.92 31.01 11.60
C ALA D 97 -30.39 31.41 11.70
N LYS D 98 -31.29 30.50 11.29
CA LYS D 98 -32.71 30.82 11.36
C LYS D 98 -33.15 30.98 12.81
N ILE D 99 -32.75 30.05 13.68
CA ILE D 99 -33.14 30.13 15.09
C ILE D 99 -32.56 31.38 15.73
N ALA D 100 -31.32 31.73 15.38
CA ALA D 100 -30.68 32.88 16.02
C ALA D 100 -31.25 34.19 15.52
N GLN D 101 -31.78 34.21 14.29
CA GLN D 101 -32.40 35.40 13.69
C GLN D 101 -31.38 36.46 13.31
N GLY D 102 -30.43 36.77 14.19
CA GLY D 102 -29.45 37.79 13.88
C GLY D 102 -28.26 37.74 14.81
N PHE D 103 -27.18 38.38 14.36
CA PHE D 103 -25.93 38.48 15.12
C PHE D 103 -25.47 39.93 15.13
N LYS D 104 -24.80 40.31 16.21
CA LYS D 104 -24.35 41.68 16.40
C LYS D 104 -22.87 41.70 16.77
N THR D 105 -22.14 42.66 16.21
CA THR D 105 -20.72 42.80 16.49
C THR D 105 -20.51 43.49 17.83
N VAL D 106 -19.70 42.87 18.69
CA VAL D 106 -19.31 43.48 19.96
C VAL D 106 -18.05 44.31 19.81
N ASN D 107 -17.02 43.75 19.20
CA ASN D 107 -15.77 44.46 18.98
C ASN D 107 -15.05 43.85 17.78
N GLN D 108 -14.15 44.63 17.20
CA GLN D 108 -13.36 44.12 16.09
C GLN D 108 -12.09 44.96 15.94
N GLN D 109 -11.01 44.29 15.58
CA GLN D 109 -9.74 44.91 15.23
C GLN D 109 -9.22 44.18 14.00
N ARG D 110 -8.42 44.88 13.19
CA ARG D 110 -7.82 44.26 12.01
C ARG D 110 -6.40 44.80 11.80
N LEU D 111 -5.44 44.10 12.36
CA LEU D 111 -4.02 44.33 12.09
C LEU D 111 -3.33 42.98 11.99
N MET D 112 -2.37 42.86 11.08
N MET D 112 -2.39 42.87 11.05
CA MET D 112 -1.59 41.65 10.96
CA MET D 112 -1.55 41.69 10.92
C MET D 112 -0.32 41.74 11.79
C MET D 112 -0.39 41.76 11.91
N ARG D 113 0.18 40.59 12.23
CA ARG D 113 1.35 40.50 13.08
C ARG D 113 2.55 39.98 12.31
N GLY D 114 3.72 40.61 12.54
CA GLY D 114 4.98 40.09 12.05
C GLY D 114 6.03 40.22 13.12
N GLN D 115 7.18 39.59 12.91
CA GLN D 115 8.21 39.65 13.92
C GLN D 115 9.60 39.52 13.33
N ILE D 116 10.53 40.26 13.92
CA ILE D 116 11.97 40.08 13.72
C ILE D 116 12.51 39.57 15.04
N VAL D 117 13.23 38.45 15.00
CA VAL D 117 13.68 37.76 16.20
C VAL D 117 15.19 37.79 16.23
N PHE D 118 15.76 38.44 17.24
CA PHE D 118 17.18 38.38 17.53
C PHE D 118 17.47 37.17 18.41
N TYR D 119 18.68 36.62 18.27
CA TYR D 119 19.12 35.53 19.13
C TYR D 119 20.51 35.85 19.68
N ASP D 120 20.85 35.18 20.78
CA ASP D 120 22.16 35.34 21.42
C ASP D 120 22.39 36.80 21.82
N VAL D 121 21.38 37.39 22.47
CA VAL D 121 21.40 38.79 22.84
C VAL D 121 21.92 38.90 24.28
N ALA D 122 23.03 39.62 24.45
CA ALA D 122 23.62 39.75 25.78
C ALA D 122 22.68 40.47 26.74
N ASP D 123 22.15 41.61 26.33
CA ASP D 123 21.27 42.43 27.16
C ASP D 123 20.01 42.77 26.37
N PRO D 124 18.98 41.92 26.46
CA PRO D 124 17.72 42.24 25.76
C PRO D 124 17.16 43.60 26.07
N GLU D 125 17.12 43.99 27.35
CA GLU D 125 16.44 45.24 27.72
C GLU D 125 17.18 46.45 27.16
N SER D 126 18.49 46.37 26.98
CA SER D 126 19.21 47.50 26.38
C SER D 126 18.95 47.58 24.88
N LEU D 127 18.94 46.43 24.20
CA LEU D 127 18.60 46.43 22.77
C LEU D 127 17.21 46.99 22.54
N ILE D 128 16.25 46.58 23.36
CA ILE D 128 14.87 47.05 23.21
C ILE D 128 14.78 48.55 23.43
N ASP D 129 15.52 49.07 24.41
CA ASP D 129 15.43 50.50 24.70
C ASP D 129 16.07 51.33 23.59
N LYS D 130 17.13 50.83 22.96
CA LYS D 130 17.71 51.52 21.81
C LYS D 130 16.73 51.53 20.63
N LEU D 131 15.96 50.45 20.45
CA LEU D 131 14.99 50.41 19.36
C LEU D 131 13.82 51.33 19.62
N GLN D 132 13.39 51.43 20.89
CA GLN D 132 12.19 52.20 21.21
C GLN D 132 12.35 53.68 20.90
N VAL D 133 13.58 54.21 20.99
CA VAL D 133 13.80 55.63 20.75
C VAL D 133 14.05 55.94 19.28
N ARG D 134 14.15 54.94 18.41
CA ARG D 134 14.39 55.16 16.99
C ARG D 134 13.21 54.66 16.15
N GLU D 135 12.01 54.60 16.72
CA GLU D 135 10.88 54.04 16.00
C GLU D 135 10.51 54.86 14.78
N ALA D 136 10.71 56.18 14.82
CA ALA D 136 10.38 57.01 13.66
C ALA D 136 11.14 56.53 12.42
N GLU D 137 12.43 56.26 12.57
CA GLU D 137 13.20 55.74 11.44
C GLU D 137 12.76 54.33 11.06
N ILE D 138 12.32 53.52 12.03
CA ILE D 138 11.82 52.20 11.71
C ILE D 138 10.54 52.30 10.87
N PHE D 139 9.60 53.13 11.30
CA PHE D 139 8.37 53.32 10.54
C PHE D 139 8.66 53.81 9.14
N GLN D 140 9.66 54.67 8.99
CA GLN D 140 10.01 55.19 7.67
C GLN D 140 10.61 54.11 6.79
N GLN D 141 11.46 53.26 7.38
CA GLN D 141 12.01 52.14 6.61
C GLN D 141 10.92 51.15 6.21
N ALA D 142 9.94 50.94 7.10
CA ALA D 142 8.83 50.05 6.76
C ALA D 142 8.08 50.55 5.53
N GLU D 143 7.95 51.87 5.40
CA GLU D 143 7.23 52.44 4.26
C GLU D 143 8.05 52.29 2.97
N LEU D 144 9.36 52.52 3.04
CA LEU D 144 10.20 52.42 1.86
C LEU D 144 10.25 50.99 1.31
N SER D 145 9.98 49.99 2.15
CA SER D 145 10.03 48.60 1.72
C SER D 145 8.74 48.15 1.06
N TYR D 146 7.64 48.88 1.24
CA TYR D 146 6.38 48.60 0.54
C TYR D 146 5.53 49.86 0.54
N PRO D 147 5.88 50.86 -0.28
CA PRO D 147 5.19 52.16 -0.18
C PRO D 147 3.72 52.11 -0.58
N SER D 148 3.32 51.20 -1.46
CA SER D 148 1.96 51.24 -1.99
C SER D 148 0.91 51.04 -0.91
N ILE D 149 1.23 50.25 0.13
CA ILE D 149 0.25 50.02 1.18
C ILE D 149 0.02 51.29 2.00
N VAL D 150 1.04 52.15 2.11
CA VAL D 150 0.85 53.41 2.80
C VAL D 150 0.02 54.37 1.95
N LYS D 151 0.29 54.40 0.64
CA LYS D 151 -0.51 55.22 -0.25
C LYS D 151 -2.00 54.88 -0.14
N ARG D 152 -2.32 53.63 0.13
CA ARG D 152 -3.71 53.18 0.23
C ARG D 152 -4.24 53.24 1.66
N GLY D 153 -3.57 53.96 2.55
CA GLY D 153 -4.08 54.22 3.88
C GLY D 153 -3.65 53.26 4.96
N GLY D 154 -2.81 52.28 4.66
CA GLY D 154 -2.39 51.29 5.62
C GLY D 154 -0.92 51.41 5.99
N GLY D 155 -0.37 50.31 6.49
CA GLY D 155 1.05 50.22 6.82
C GLY D 155 1.25 49.91 8.29
N LEU D 156 2.50 50.01 8.71
CA LEU D 156 2.85 49.73 10.09
C LEU D 156 2.15 50.71 11.02
N ARG D 157 1.55 50.18 12.10
N ARG D 157 1.54 50.17 12.08
CA ARG D 157 0.83 51.01 13.06
CA ARG D 157 0.83 50.98 13.06
C ARG D 157 1.38 50.92 14.48
C ARG D 157 1.48 50.97 14.44
N ASP D 158 2.10 49.87 14.84
CA ASP D 158 2.63 49.74 16.19
C ASP D 158 3.81 48.79 16.19
N LEU D 159 4.77 49.07 17.07
CA LEU D 159 5.89 48.18 17.35
C LEU D 159 5.81 47.76 18.80
N GLN D 160 6.03 46.47 19.08
CA GLN D 160 6.09 45.95 20.44
C GLN D 160 7.35 45.12 20.59
N TYR D 161 7.72 44.84 21.84
CA TYR D 161 9.00 44.22 22.15
C TYR D 161 8.83 43.21 23.27
N ARG D 162 9.45 42.04 23.10
CA ARG D 162 9.39 40.99 24.10
C ARG D 162 10.75 40.32 24.18
N ALA D 163 11.22 40.11 25.41
CA ALA D 163 12.47 39.40 25.67
C ALA D 163 12.15 38.01 26.21
N PHE D 164 12.83 37.00 25.68
CA PHE D 164 12.66 35.63 26.10
C PHE D 164 14.00 35.08 26.56
N ASP D 165 14.00 34.39 27.70
CA ASP D 165 15.12 33.54 28.09
C ASP D 165 16.44 34.31 28.19
N GLU D 166 16.38 35.64 28.29
CA GLU D 166 17.56 36.48 28.38
C GLU D 166 18.51 36.23 27.20
N SER D 167 17.96 35.79 26.07
CA SER D 167 18.75 35.55 24.86
C SER D 167 18.03 35.88 23.57
N PHE D 168 16.72 35.72 23.48
CA PHE D 168 15.94 36.11 22.31
C PHE D 168 15.27 37.46 22.54
N VAL D 169 15.13 38.23 21.47
CA VAL D 169 14.30 39.43 21.47
C VAL D 169 13.41 39.40 20.23
N SER D 170 12.11 39.53 20.45
CA SER D 170 11.15 39.64 19.36
C SER D 170 10.72 41.09 19.22
N VAL D 171 10.90 41.64 18.03
CA VAL D 171 10.32 42.93 17.67
C VAL D 171 9.04 42.62 16.91
N ASP D 172 7.91 42.95 17.52
CA ASP D 172 6.61 42.63 16.96
C ASP D 172 6.09 43.79 16.12
N PHE D 173 5.64 43.47 14.92
CA PHE D 173 5.11 44.45 13.98
C PHE D 173 3.60 44.25 13.85
N LEU D 174 2.84 45.30 14.13
CA LEU D 174 1.39 45.32 13.93
C LEU D 174 1.12 46.17 12.68
N VAL D 175 0.64 45.54 11.63
CA VAL D 175 0.56 46.15 10.31
C VAL D 175 -0.89 46.16 9.82
N ASP D 176 -1.30 47.27 9.22
CA ASP D 176 -2.60 47.38 8.57
C ASP D 176 -2.41 47.03 7.09
N VAL D 177 -2.85 45.83 6.70
CA VAL D 177 -2.67 45.35 5.33
C VAL D 177 -3.92 45.54 4.49
N LYS D 178 -4.90 46.30 4.99
CA LYS D 178 -6.15 46.58 4.27
C LYS D 178 -6.83 45.25 3.96
N ASP D 179 -7.17 44.96 2.71
CA ASP D 179 -8.03 43.83 2.37
C ASP D 179 -7.26 42.56 2.04
N ALA D 180 -5.93 42.59 2.05
CA ALA D 180 -5.14 41.41 1.77
C ALA D 180 -4.86 40.63 3.05
N MET D 181 -4.45 39.37 2.89
CA MET D 181 -4.01 38.61 4.06
C MET D 181 -2.75 39.24 4.65
N GLY D 182 -1.81 39.64 3.79
CA GLY D 182 -0.72 40.50 4.19
C GLY D 182 0.66 39.87 4.17
N ALA D 183 0.79 38.60 3.81
CA ALA D 183 2.09 37.94 3.89
C ALA D 183 3.15 38.71 3.10
N ASN D 184 2.84 39.07 1.85
CA ASN D 184 3.84 39.73 1.02
C ASN D 184 4.18 41.12 1.55
N ILE D 185 3.19 41.86 2.03
CA ILE D 185 3.44 43.20 2.56
C ILE D 185 4.28 43.10 3.83
N VAL D 186 3.86 42.26 4.77
CA VAL D 186 4.55 42.16 6.05
C VAL D 186 5.97 41.64 5.85
N ASN D 187 6.12 40.58 5.06
CA ASN D 187 7.45 40.01 4.87
C ASN D 187 8.39 40.99 4.19
N ALA D 188 7.94 41.68 3.14
CA ALA D 188 8.78 42.68 2.49
C ALA D 188 9.18 43.76 3.48
N MET D 189 8.25 44.17 4.34
CA MET D 189 8.51 45.20 5.32
C MET D 189 9.47 44.71 6.40
N LEU D 190 9.32 43.46 6.83
CA LEU D 190 10.19 42.93 7.87
C LEU D 190 11.62 42.78 7.37
N GLU D 191 11.78 42.33 6.11
CA GLU D 191 13.14 42.12 5.59
C GLU D 191 13.86 43.44 5.39
N GLY D 192 13.16 44.47 4.93
CA GLY D 192 13.77 45.79 4.82
C GLY D 192 14.20 46.34 6.16
N VAL D 193 13.32 46.23 7.16
CA VAL D 193 13.67 46.72 8.49
C VAL D 193 14.80 45.91 9.09
N ALA D 194 14.81 44.59 8.86
CA ALA D 194 15.89 43.76 9.37
C ALA D 194 17.24 44.24 8.85
N GLU D 195 17.30 44.66 7.58
CA GLU D 195 18.55 45.17 7.03
C GLU D 195 18.97 46.47 7.72
N LEU D 196 18.01 47.34 8.04
CA LEU D 196 18.32 48.52 8.83
C LEU D 196 18.86 48.14 10.20
N PHE D 197 18.30 47.11 10.82
CA PHE D 197 18.76 46.66 12.13
C PHE D 197 20.20 46.17 12.06
N ARG D 198 20.53 45.36 11.04
CA ARG D 198 21.91 44.87 10.92
C ARG D 198 22.89 46.02 10.74
N GLU D 199 22.45 47.12 10.13
CA GLU D 199 23.31 48.29 9.99
C GLU D 199 23.42 49.08 11.29
N TRP D 200 22.38 49.07 12.13
CA TRP D 200 22.41 49.80 13.39
C TRP D 200 23.18 49.02 14.47
N PHE D 201 22.99 47.71 14.53
CA PHE D 201 23.53 46.88 15.61
C PHE D 201 24.37 45.76 15.01
N ALA D 202 25.60 46.09 14.64
CA ALA D 202 26.48 45.08 14.05
C ALA D 202 26.83 43.97 15.03
N GLU D 203 26.64 44.19 16.33
CA GLU D 203 26.95 43.15 17.31
C GLU D 203 25.82 42.14 17.47
N GLN D 204 24.62 42.47 17.02
CA GLN D 204 23.47 41.59 17.22
C GLN D 204 23.31 40.65 16.03
N LYS D 205 22.56 39.57 16.25
CA LYS D 205 22.31 38.56 15.22
C LYS D 205 20.81 38.33 15.13
N ILE D 206 20.29 38.38 13.90
CA ILE D 206 18.87 38.17 13.65
C ILE D 206 18.69 36.74 13.16
N LEU D 207 17.83 35.99 13.85
CA LEU D 207 17.56 34.61 13.45
C LEU D 207 16.63 34.56 12.24
N PHE D 208 15.51 35.28 12.31
CA PHE D 208 14.59 35.29 11.18
C PHE D 208 13.72 36.54 11.24
N SER D 209 13.08 36.84 10.11
N SER D 209 13.08 36.84 10.11
CA SER D 209 12.13 37.94 9.98
CA SER D 209 12.13 37.94 10.00
C SER D 209 10.99 37.44 9.11
C SER D 209 10.99 37.44 9.11
N ILE D 210 9.83 37.18 9.71
CA ILE D 210 8.74 36.54 8.99
C ILE D 210 7.39 36.90 9.60
N LEU D 211 6.36 36.79 8.77
N LEU D 211 6.36 36.81 8.76
CA LEU D 211 4.97 36.99 9.20
CA LEU D 211 4.98 36.99 9.21
C LEU D 211 4.59 35.96 10.26
C LEU D 211 4.62 35.98 10.29
N SER D 212 3.70 36.36 11.16
CA SER D 212 3.13 35.48 12.17
C SER D 212 1.65 35.28 11.87
N ASN D 213 1.20 34.03 11.89
CA ASN D 213 -0.19 33.71 11.63
C ASN D 213 -1.09 33.84 12.85
N TYR D 214 -0.53 34.12 14.03
CA TYR D 214 -1.33 34.29 15.25
C TYR D 214 -1.81 35.74 15.29
N ALA D 215 -2.89 36.00 14.57
CA ALA D 215 -3.37 37.37 14.34
C ALA D 215 -4.28 37.80 15.48
N THR D 216 -3.67 37.99 16.65
CA THR D 216 -4.42 38.37 17.84
C THR D 216 -4.98 39.79 17.72
N GLU D 217 -4.49 40.60 16.79
CA GLU D 217 -5.05 41.92 16.54
C GLU D 217 -6.05 41.92 15.39
N SER D 218 -6.51 40.73 14.94
CA SER D 218 -7.59 40.61 13.99
C SER D 218 -8.76 39.84 14.60
N VAL D 219 -8.91 39.93 15.92
CA VAL D 219 -9.99 39.24 16.62
C VAL D 219 -11.30 39.98 16.42
N VAL D 220 -12.36 39.23 16.20
CA VAL D 220 -13.72 39.77 16.07
C VAL D 220 -14.59 39.02 17.06
N THR D 221 -15.42 39.76 17.79
CA THR D 221 -16.35 39.19 18.77
C THR D 221 -17.77 39.46 18.29
N MET D 222 -18.57 38.39 18.20
CA MET D 222 -19.94 38.46 17.72
CA MET D 222 -19.93 38.45 17.72
C MET D 222 -20.85 37.84 18.78
N LYS D 223 -22.05 38.42 18.92
CA LYS D 223 -23.01 37.95 19.91
C LYS D 223 -24.37 37.71 19.27
N THR D 224 -25.22 36.99 19.98
CA THR D 224 -26.59 36.74 19.59
C THR D 224 -27.43 36.52 20.83
N ALA D 225 -28.70 36.95 20.75
CA ALA D 225 -29.67 36.75 21.83
C ALA D 225 -30.89 36.06 21.25
N ILE D 226 -31.23 34.91 21.82
CA ILE D 226 -32.24 34.03 21.25
C ILE D 226 -33.32 33.80 22.30
N PRO D 227 -34.59 34.15 22.04
CA PRO D 227 -35.66 33.70 22.92
C PRO D 227 -35.72 32.17 22.95
N VAL D 228 -35.70 31.60 24.16
CA VAL D 228 -35.63 30.15 24.30
C VAL D 228 -36.81 29.44 23.67
N SER D 229 -37.85 30.17 23.28
CA SER D 229 -38.96 29.55 22.56
C SER D 229 -38.52 29.07 21.18
N ARG D 230 -37.59 29.77 20.54
CA ARG D 230 -37.14 29.41 19.21
C ARG D 230 -36.24 28.17 19.20
N LEU D 231 -35.79 27.72 20.36
CA LEU D 231 -34.89 26.58 20.44
C LEU D 231 -35.60 25.23 20.34
N SER D 232 -36.93 25.23 20.24
CA SER D 232 -37.68 23.99 20.15
C SER D 232 -39.02 24.27 19.48
N LYS D 233 -39.45 23.35 18.63
CA LYS D 233 -40.80 23.40 18.08
C LYS D 233 -41.85 22.98 19.10
N GLY D 234 -41.44 22.39 20.21
CA GLY D 234 -42.33 22.08 21.32
C GLY D 234 -42.34 23.19 22.35
N SER D 235 -42.53 22.81 23.61
CA SER D 235 -42.63 23.75 24.71
C SER D 235 -41.46 23.66 25.68
N ASN D 236 -40.50 22.77 25.46
CA ASN D 236 -39.35 22.60 26.33
C ASN D 236 -38.16 23.45 25.91
N GLY D 237 -38.41 24.64 25.35
CA GLY D 237 -37.32 25.45 24.84
C GLY D 237 -36.33 25.87 25.92
N ARG D 238 -36.83 26.15 27.13
CA ARG D 238 -35.93 26.54 28.21
C ARG D 238 -35.10 25.36 28.69
N GLU D 239 -35.61 24.14 28.55
CA GLU D 239 -34.80 22.97 28.89
C GLU D 239 -33.66 22.79 27.89
N ILE D 240 -33.94 23.01 26.60
CA ILE D 240 -32.89 22.93 25.59
C ILE D 240 -31.79 23.95 25.91
N ALA D 241 -32.19 25.18 26.23
CA ALA D 241 -31.21 26.23 26.50
C ALA D 241 -30.33 25.88 27.70
N GLU D 242 -30.93 25.37 28.77
CA GLU D 242 -30.15 25.03 29.96
C GLU D 242 -29.14 23.93 29.66
N LYS D 243 -29.52 22.98 28.79
CA LYS D 243 -28.60 21.91 28.43
C LYS D 243 -27.51 22.41 27.47
N ILE D 244 -27.89 23.30 26.54
CA ILE D 244 -26.88 23.93 25.69
C ILE D 244 -25.84 24.66 26.54
N VAL D 245 -26.30 25.36 27.59
CA VAL D 245 -25.37 26.07 28.45
C VAL D 245 -24.47 25.09 29.20
N LEU D 246 -25.01 23.93 29.58
CA LEU D 246 -24.21 22.92 30.25
C LEU D 246 -23.16 22.33 29.31
N ALA D 247 -23.54 22.11 28.05
CA ALA D 247 -22.59 21.54 27.09
C ALA D 247 -21.45 22.51 26.82
N SER D 248 -21.76 23.79 26.63
CA SER D 248 -20.72 24.79 26.40
C SER D 248 -19.78 24.88 27.60
N ARG D 249 -20.34 24.95 28.80
CA ARG D 249 -19.51 25.00 30.00
C ARG D 249 -18.61 23.78 30.09
N TYR D 250 -19.12 22.61 29.72
CA TYR D 250 -18.31 21.39 29.83
C TYR D 250 -17.14 21.41 28.86
N ALA D 251 -17.31 22.02 27.69
CA ALA D 251 -16.19 22.18 26.77
C ALA D 251 -15.04 22.92 27.45
N SER D 252 -15.36 23.92 28.26
CA SER D 252 -14.32 24.67 28.97
C SER D 252 -13.60 23.82 30.02
N LEU D 253 -14.20 22.70 30.43
CA LEU D 253 -13.61 21.85 31.46
C LEU D 253 -12.86 20.66 30.88
N ASP D 254 -13.34 20.08 29.78
CA ASP D 254 -12.77 18.85 29.23
C ASP D 254 -12.17 19.11 27.86
N PRO D 255 -10.85 19.02 27.69
CA PRO D 255 -10.28 19.24 26.35
C PRO D 255 -10.83 18.30 25.29
N TYR D 256 -11.15 17.06 25.64
CA TYR D 256 -11.68 16.12 24.65
C TYR D 256 -13.01 16.57 24.08
N ARG D 257 -13.73 17.44 24.78
CA ARG D 257 -14.96 18.02 24.24
C ARG D 257 -14.70 19.36 23.56
N ALA D 258 -13.78 20.16 24.09
CA ALA D 258 -13.46 21.45 23.48
C ALA D 258 -12.98 21.28 22.06
N VAL D 259 -12.12 20.29 21.81
CA VAL D 259 -11.61 20.05 20.45
C VAL D 259 -12.76 19.75 19.50
N THR D 260 -13.74 18.97 19.95
CA THR D 260 -14.90 18.67 19.12
C THR D 260 -15.83 19.86 19.03
N HIS D 261 -16.01 20.57 20.14
CA HIS D 261 -16.83 21.78 20.15
C HIS D 261 -16.30 22.82 19.19
N ASN D 262 -14.97 22.95 19.09
CA ASN D 262 -14.36 23.89 18.16
C ASN D 262 -14.28 23.35 16.75
N LYS D 263 -14.11 22.03 16.61
CA LYS D 263 -14.14 21.42 15.29
C LYS D 263 -15.47 21.72 14.60
N GLY D 264 -16.57 21.66 15.34
CA GLY D 264 -17.86 22.00 14.77
C GLY D 264 -17.94 23.44 14.32
N ILE D 265 -17.38 24.35 15.12
CA ILE D 265 -17.32 25.76 14.71
C ILE D 265 -16.56 25.90 13.40
N MET D 266 -15.43 25.21 13.27
N MET D 266 -15.43 25.20 13.27
CA MET D 266 -14.62 25.35 12.07
CA MET D 266 -14.60 25.32 12.08
C MET D 266 -15.26 24.71 10.85
C MET D 266 -15.28 24.73 10.85
N ASN D 267 -16.18 23.76 11.05
CA ASN D 267 -16.90 23.19 9.91
C ASN D 267 -17.52 24.30 9.06
N GLY D 268 -18.06 25.33 9.72
CA GLY D 268 -18.62 26.47 9.03
C GLY D 268 -17.56 27.48 8.62
N ILE D 269 -16.70 27.90 9.56
CA ILE D 269 -15.71 28.93 9.25
C ILE D 269 -14.83 28.50 8.10
N GLU D 270 -14.27 27.28 8.17
CA GLU D 270 -13.41 26.82 7.10
C GLU D 270 -14.17 26.68 5.78
N ALA D 271 -15.47 26.36 5.85
CA ALA D 271 -16.25 26.25 4.63
C ALA D 271 -16.29 27.58 3.88
N VAL D 272 -16.46 28.68 4.60
CA VAL D 272 -16.50 29.99 3.95
C VAL D 272 -15.09 30.42 3.55
N VAL D 273 -14.10 30.14 4.41
CA VAL D 273 -12.72 30.49 4.11
C VAL D 273 -12.28 29.80 2.82
N LEU D 274 -12.59 28.51 2.69
CA LEU D 274 -12.23 27.78 1.48
C LEU D 274 -12.97 28.32 0.27
N ALA D 275 -14.27 28.57 0.41
CA ALA D 275 -15.07 29.02 -0.73
C ALA D 275 -14.57 30.37 -1.26
N THR D 276 -14.13 31.25 -0.37
CA THR D 276 -13.68 32.59 -0.76
C THR D 276 -12.22 32.62 -1.18
N GLY D 277 -11.55 31.48 -1.25
CA GLY D 277 -10.16 31.44 -1.65
C GLY D 277 -9.18 31.90 -0.61
N ASN D 278 -9.55 31.86 0.67
CA ASN D 278 -8.67 32.24 1.76
C ASN D 278 -7.85 31.03 2.23
N ASP D 279 -6.85 31.31 3.07
CA ASP D 279 -5.91 30.30 3.53
C ASP D 279 -6.51 29.54 4.71
N THR D 280 -6.84 28.26 4.49
CA THR D 280 -7.51 27.49 5.53
C THR D 280 -6.56 27.15 6.69
N ARG D 281 -5.28 26.89 6.39
CA ARG D 281 -4.34 26.56 7.46
C ARG D 281 -4.12 27.75 8.39
N ALA D 282 -4.03 28.96 7.83
CA ALA D 282 -3.80 30.14 8.65
C ALA D 282 -4.96 30.38 9.60
N VAL D 283 -6.20 30.17 9.12
CA VAL D 283 -7.37 30.45 9.95
C VAL D 283 -7.53 29.38 11.04
N SER D 284 -7.27 28.12 10.70
N SER D 284 -7.28 28.12 10.70
CA SER D 284 -7.40 27.06 11.70
CA SER D 284 -7.39 27.05 11.69
C SER D 284 -6.31 27.18 12.76
C SER D 284 -6.32 27.20 12.76
N ALA D 285 -5.09 27.55 12.37
CA ALA D 285 -4.02 27.67 13.33
C ALA D 285 -4.27 28.80 14.32
N SER D 286 -4.72 29.95 13.82
CA SER D 286 -4.95 31.09 14.71
C SER D 286 -6.15 30.85 15.62
N CYS D 287 -7.20 30.19 15.10
CA CYS D 287 -8.40 29.97 15.90
C CYS D 287 -8.16 28.96 17.01
N HIS D 288 -7.53 27.83 16.68
CA HIS D 288 -7.30 26.80 17.69
C HIS D 288 -6.30 27.28 18.74
N ALA D 289 -5.28 28.03 18.32
CA ALA D 289 -4.35 28.58 19.30
C ALA D 289 -5.03 29.59 20.20
N PHE D 290 -5.93 30.40 19.63
CA PHE D 290 -6.67 31.38 20.42
C PHE D 290 -7.60 30.71 21.44
N ALA D 291 -7.87 29.42 21.28
CA ALA D 291 -8.69 28.70 22.23
C ALA D 291 -7.97 28.39 23.53
N VAL D 292 -6.65 28.54 23.57
CA VAL D 292 -5.88 28.30 24.79
C VAL D 292 -6.03 29.54 25.67
N LYS D 293 -6.69 29.38 26.82
CA LYS D 293 -6.89 30.46 27.76
C LYS D 293 -6.65 29.92 29.16
N GLU D 294 -5.92 30.67 29.97
CA GLU D 294 -5.61 30.25 31.34
C GLU D 294 -4.86 28.92 31.34
N GLY D 295 -4.06 28.67 30.31
CA GLY D 295 -3.28 27.46 30.22
C GLY D 295 -4.04 26.22 29.82
N ARG D 296 -5.22 26.36 29.23
CA ARG D 296 -6.06 25.22 28.90
C ARG D 296 -6.76 25.44 27.57
N TYR D 297 -6.76 24.42 26.72
CA TYR D 297 -7.52 24.46 25.48
C TYR D 297 -9.01 24.38 25.79
N GLN D 298 -9.75 25.42 25.44
CA GLN D 298 -11.16 25.55 25.80
C GLN D 298 -11.97 25.89 24.55
N GLY D 299 -13.28 26.03 24.75
CA GLY D 299 -14.14 26.38 23.65
C GLY D 299 -13.98 27.83 23.25
N LEU D 300 -14.25 28.11 21.97
CA LEU D 300 -14.16 29.46 21.44
C LEU D 300 -15.46 30.25 21.56
N THR D 301 -16.50 29.64 22.13
CA THR D 301 -17.79 30.29 22.29
C THR D 301 -18.24 30.15 23.73
N SER D 302 -19.13 31.05 24.14
CA SER D 302 -19.73 31.03 25.47
C SER D 302 -21.25 31.12 25.30
N TRP D 303 -21.96 30.25 26.01
CA TRP D 303 -23.42 30.22 25.98
C TRP D 303 -23.94 30.34 27.40
N THR D 304 -24.74 31.38 27.65
CA THR D 304 -25.29 31.66 28.97
C THR D 304 -26.78 31.94 28.84
N LEU D 305 -27.46 31.92 29.99
CA LEU D 305 -28.91 32.10 30.05
C LEU D 305 -29.20 33.35 30.88
N ASP D 306 -29.75 34.37 30.23
CA ASP D 306 -30.12 35.63 30.87
C ASP D 306 -31.63 35.80 30.72
N GLY D 307 -32.37 35.52 31.79
CA GLY D 307 -33.82 35.59 31.75
C GLY D 307 -34.41 34.47 30.91
N GLU D 308 -35.16 34.83 29.88
CA GLU D 308 -35.70 33.88 28.92
C GLU D 308 -34.97 33.97 27.58
N GLN D 309 -33.70 34.36 27.61
CA GLN D 309 -32.89 34.54 26.42
C GLN D 309 -31.58 33.77 26.56
N LEU D 310 -31.28 32.95 25.56
CA LEU D 310 -29.99 32.28 25.47
C LEU D 310 -29.01 33.22 24.76
N ILE D 311 -27.91 33.55 25.43
CA ILE D 311 -26.94 34.51 24.91
C ILE D 311 -25.71 33.73 24.43
N GLY D 312 -25.35 33.93 23.17
CA GLY D 312 -24.17 33.30 22.59
C GLY D 312 -23.16 34.35 22.18
N GLU D 313 -21.88 34.02 22.37
CA GLU D 313 -20.80 34.92 21.99
C GLU D 313 -19.64 34.10 21.46
N ILE D 314 -19.00 34.61 20.41
CA ILE D 314 -17.83 33.98 19.82
C ILE D 314 -16.74 35.05 19.71
N SER D 315 -15.50 34.63 19.88
CA SER D 315 -14.35 35.51 19.72
C SER D 315 -13.25 34.72 19.03
N VAL D 316 -12.91 35.13 17.80
CA VAL D 316 -11.93 34.39 17.00
C VAL D 316 -11.03 35.36 16.24
N PRO D 317 -9.75 35.03 16.06
CA PRO D 317 -8.89 35.84 15.18
C PRO D 317 -9.09 35.44 13.73
N LEU D 318 -9.59 36.37 12.93
CA LEU D 318 -9.93 36.12 11.52
C LEU D 318 -9.26 37.17 10.66
N ALA D 319 -8.01 36.91 10.27
CA ALA D 319 -7.29 37.78 9.35
C ALA D 319 -7.53 37.28 7.92
N LEU D 320 -8.76 37.49 7.46
CA LEU D 320 -9.18 37.03 6.15
C LEU D 320 -8.92 38.10 5.10
N ALA D 321 -9.14 37.73 3.84
CA ALA D 321 -8.79 38.60 2.72
C ALA D 321 -9.88 38.60 1.67
N THR D 322 -9.98 39.71 0.95
CA THR D 322 -10.80 39.80 -0.25
C THR D 322 -9.99 40.06 -1.51
N VAL D 323 -8.69 40.32 -1.39
CA VAL D 323 -7.79 40.48 -2.53
C VAL D 323 -6.51 39.72 -2.25
N GLY D 324 -5.81 39.36 -3.32
CA GLY D 324 -4.54 38.68 -3.21
C GLY D 324 -4.70 37.20 -2.91
N GLY D 325 -3.56 36.50 -2.94
CA GLY D 325 -3.56 35.08 -2.69
C GLY D 325 -4.33 34.32 -3.76
N ALA D 326 -5.34 33.56 -3.34
CA ALA D 326 -6.21 32.84 -4.26
C ALA D 326 -7.61 33.45 -4.34
N THR D 327 -7.81 34.64 -3.78
CA THR D 327 -9.13 35.24 -3.79
C THR D 327 -9.54 35.74 -5.18
N LYS D 328 -8.59 35.85 -6.11
CA LYS D 328 -8.87 36.38 -7.43
C LYS D 328 -8.40 35.44 -8.55
N VAL D 329 -7.18 34.90 -8.43
CA VAL D 329 -6.66 34.04 -9.48
C VAL D 329 -7.55 32.82 -9.69
N LEU D 330 -8.30 32.40 -8.66
CA LEU D 330 -9.24 31.30 -8.80
C LEU D 330 -10.61 31.85 -9.15
N PRO D 331 -11.13 31.60 -10.35
CA PRO D 331 -12.48 32.12 -10.70
C PRO D 331 -13.55 31.82 -9.66
N LYS D 332 -13.57 30.60 -9.10
CA LYS D 332 -14.61 30.26 -8.14
C LYS D 332 -14.56 31.15 -6.91
N SER D 333 -13.36 31.63 -6.53
CA SER D 333 -13.26 32.53 -5.39
C SER D 333 -14.02 33.83 -5.69
N GLN D 334 -13.84 34.38 -6.89
CA GLN D 334 -14.57 35.58 -7.26
C GLN D 334 -16.07 35.31 -7.34
N ALA D 335 -16.46 34.14 -7.86
CA ALA D 335 -17.87 33.79 -7.90
C ALA D 335 -18.47 33.77 -6.49
N ALA D 336 -17.77 33.13 -5.56
CA ALA D 336 -18.27 33.07 -4.19
C ALA D 336 -18.31 34.46 -3.56
N ALA D 337 -17.34 35.32 -3.89
CA ALA D 337 -17.32 36.67 -3.35
C ALA D 337 -18.51 37.48 -3.86
N ASP D 338 -18.94 37.23 -5.10
CA ASP D 338 -20.13 37.89 -5.62
C ASP D 338 -21.36 37.48 -4.81
N LEU D 339 -21.56 36.18 -4.63
CA LEU D 339 -22.71 35.71 -3.85
C LEU D 339 -22.73 36.35 -2.47
N LEU D 340 -21.57 36.42 -1.81
CA LEU D 340 -21.52 36.96 -0.45
C LEU D 340 -21.66 38.48 -0.43
N ALA D 341 -21.20 39.16 -1.48
CA ALA D 341 -21.39 40.60 -1.62
C ALA D 341 -20.72 41.36 -0.49
N VAL D 342 -19.49 40.94 -0.17
N VAL D 342 -19.53 40.95 -0.10
CA VAL D 342 -18.64 41.56 0.81
CA VAL D 342 -18.83 41.61 1.00
C VAL D 342 -17.31 41.83 0.12
C VAL D 342 -18.05 42.79 0.44
N THR D 343 -17.02 43.10 -0.15
N THR D 343 -18.18 43.95 1.10
CA THR D 343 -15.72 43.50 -0.70
CA THR D 343 -17.56 45.17 0.60
C THR D 343 -14.78 43.99 0.39
C THR D 343 -16.09 45.28 0.99
N ASP D 344 -15.26 44.23 1.60
N ASP D 344 -15.68 44.63 2.08
CA ASP D 344 -14.44 44.71 2.71
CA ASP D 344 -14.28 44.68 2.49
C ASP D 344 -14.00 43.51 3.54
C ASP D 344 -13.98 43.52 3.43
N ALA D 345 -12.69 43.35 3.72
CA ALA D 345 -12.22 42.20 4.49
C ALA D 345 -12.70 42.24 5.94
N LYS D 346 -12.83 43.43 6.53
CA LYS D 346 -13.36 43.51 7.88
C LYS D 346 -14.78 42.94 7.94
N GLU D 347 -15.61 43.29 6.96
CA GLU D 347 -16.96 42.74 6.90
C GLU D 347 -16.92 41.22 6.74
N LEU D 348 -16.02 40.73 5.89
CA LEU D 348 -15.92 39.27 5.70
C LEU D 348 -15.69 38.58 7.03
N SER D 349 -14.76 39.09 7.85
CA SER D 349 -14.48 38.48 9.13
C SER D 349 -15.69 38.52 10.06
N ARG D 350 -16.50 39.58 9.99
CA ARG D 350 -17.70 39.63 10.81
C ARG D 350 -18.69 38.55 10.40
N VAL D 351 -18.86 38.35 9.10
CA VAL D 351 -19.76 37.30 8.62
C VAL D 351 -19.26 35.93 9.04
N VAL D 352 -17.97 35.66 8.82
CA VAL D 352 -17.43 34.34 9.11
C VAL D 352 -17.53 34.02 10.61
N ALA D 353 -17.29 35.03 11.45
CA ALA D 353 -17.45 34.81 12.89
C ALA D 353 -18.90 34.49 13.25
N ALA D 354 -19.84 35.24 12.67
CA ALA D 354 -21.25 34.93 12.90
C ALA D 354 -21.57 33.51 12.43
N VAL D 355 -21.03 33.12 11.28
CA VAL D 355 -21.25 31.76 10.80
C VAL D 355 -20.75 30.75 11.83
N GLY D 356 -19.58 31.01 12.42
CA GLY D 356 -19.06 30.10 13.43
C GLY D 356 -20.00 29.94 14.60
N LEU D 357 -20.56 31.05 15.10
CA LEU D 357 -21.47 30.98 16.24
C LEU D 357 -22.77 30.28 15.86
N ALA D 358 -23.29 30.57 14.67
CA ALA D 358 -24.48 29.86 14.19
C ALA D 358 -24.22 28.36 14.09
N GLN D 359 -23.09 27.98 13.49
CA GLN D 359 -22.77 26.56 13.37
C GLN D 359 -22.68 25.91 14.74
N ASN D 360 -22.11 26.61 15.73
CA ASN D 360 -22.00 26.07 17.07
C ASN D 360 -23.37 25.92 17.72
N LEU D 361 -24.26 26.90 17.52
CA LEU D 361 -25.62 26.79 18.05
C LEU D 361 -26.30 25.52 17.53
N ALA D 362 -26.29 25.34 16.21
CA ALA D 362 -26.94 24.16 15.63
C ALA D 362 -26.32 22.87 16.14
N ALA D 363 -25.00 22.87 16.36
CA ALA D 363 -24.35 21.65 16.81
C ALA D 363 -24.68 21.32 18.25
N LEU D 364 -24.76 22.34 19.11
CA LEU D 364 -25.07 22.10 20.52
C LEU D 364 -26.53 21.72 20.71
N ARG D 365 -27.45 22.39 19.98
CA ARG D 365 -28.85 22.05 20.09
C ARG D 365 -29.09 20.58 19.76
N ALA D 366 -28.48 20.10 18.67
CA ALA D 366 -28.65 18.70 18.28
C ALA D 366 -27.98 17.77 19.28
N LEU D 367 -26.82 18.17 19.82
CA LEU D 367 -26.09 17.31 20.74
C LEU D 367 -26.91 17.00 21.98
N VAL D 368 -27.58 18.02 22.55
CA VAL D 368 -28.32 17.81 23.79
C VAL D 368 -29.73 17.30 23.56
N SER D 369 -30.27 17.44 22.35
CA SER D 369 -31.60 16.94 22.03
C SER D 369 -31.54 15.52 21.50
#